data_6VZI
#
_entry.id   6VZI
#
_cell.length_a   133.920
_cell.length_b   133.920
_cell.length_c   315.110
_cell.angle_alpha   90.000
_cell.angle_beta   90.000
_cell.angle_gamma   120.000
#
_symmetry.space_group_name_H-M   'P 63'
#
loop_
_entity.id
_entity.type
_entity.pdbx_description
1 polymer 'Envelope glycoprotein gp41'
2 polymer '35O22 scFv heavy chain'
3 polymer '35O22 scFv light chain'
4 polymer 'Envelope glycoprotein gp160'
5 polymer '3H109L Fab heavy chain'
6 polymer '3H109L Fab light chain'
7 branched alpha-D-mannopyranose-(1-3)-alpha-D-mannopyranose-(1-6)-[alpha-D-mannopyranose-(1-3)]beta-D-mannopyranose-(1-4)-2-acetamido-2-deoxy-beta-D-glucopyranose-(1-4)-2-acetamido-2-deoxy-beta-D-glucopyranose
8 branched beta-D-mannopyranose-(1-4)-2-acetamido-2-deoxy-beta-D-glucopyranose-(1-4)-2-acetamido-2-deoxy-beta-D-glucopyranose
9 branched 2-acetamido-2-deoxy-beta-D-glucopyranose-(1-4)-2-acetamido-2-deoxy-beta-D-glucopyranose
10 branched alpha-D-mannopyranose-(1-2)-alpha-D-mannopyranose-(1-2)-alpha-D-mannopyranose-(1-3)-[alpha-D-mannopyranose-(1-2)-alpha-D-mannopyranose-(1-6)-[alpha-D-mannopyranose-(1-3)]alpha-D-mannopyranose-(1-6)]beta-D-mannopyranose-(1-4)-2-acetamido-2-deoxy-beta-D-glucopyranose-(1-4)-2-acetamido-2-deoxy-beta-D-glucopyranose
11 non-polymer 2-acetamido-2-deoxy-beta-D-glucopyranose
#
loop_
_entity_poly.entity_id
_entity_poly.type
_entity_poly.pdbx_seq_one_letter_code
_entity_poly.pdbx_strand_id
1 'polypeptide(L)'
;AVVGLGAVFLGFLGAAGSTMGAASNTLTVQARQLLSGIVQQQSNLLRAPEAQQHMLQLGVWGFKQLQARVLAIERYLEVQ
QLLGMWGCSGKLICCTNVPWNSSWSNKTYNEIWDNMTWMQWDREIGNYTDTIYKLLEVSQFQQEINEKDLLALD
;
B
2 'polypeptide(L)'
;QGQLVQSGATTTKPGSSVKISCKTSGYRFNFYHINWIRQTAGRGPEWMGWISPYSGDKNLAPAFQDRVNMTTDTEVPVTS
FTSTGAAYMEIRNLTSDDTGTYFCAKGLLRDGSSTWLPYLWGQGTLLTVSSAST
;
D
3 'polypeptide(L)'
;SQSVLTQSASVSGSLGQSVTISCTGPNSVCCSHKSISWYQWPPGRAPTLIIYEDNERAPGISPRFSGYKSYWSAYLTISD
LRPEDETTYYCCSYTHNSGCVFGTGTKVSVLGQS
;
E
4 'polypeptide(L)'
;GLWVTVYYGVPVWREAKTTLFCASDAKSYEKEVHNVWATHACVPTDPNPQELVLENVTENFNMWKNDMVDQMHEDIISLW
DQSLKPCVKLTPLCVTLNCSDAKVNATYKGTREEIKNCSFNATTELRDKKRREYALFYRLDIVPLSGEGNNNSEYRLINC
NTSVITQICPKVTFDPIPIHYCAPAGYAILKCNNKTFNGTGPCNNVSTVQCTHGIKPVVSTQLLLNGSLAEEEIIIRSEN
LTDNVKTIIVHLNESVEITCTRPNNMTRKSVRIGPGQTFYALGDIIGDIRQPHCNISEIKWEKTLQRVSEKLREHFNKTI
IFNQSSGGDLEITTHSFNCGGEFFYCNTSDLFFNKTFNETYSTGSNSTNSTITLPCRIKQIINMWQEVGRAMYAPPIAGN
ITCKSNITGLLLTRDGGGNNSTKETFRPGGGNMRDNWRSELYKYKVVEVKPLGIAPTECRRRVVQRRRRRR
;
G
5 'polypeptide(L)'
;QVQLQESGPGLVKPSETLSLTCTVSGGSISNYYWSWIRQSPGKGLEWIGYISDSESTNYNPSLKSRVIISVDTSKNQLSL
KLNSVTAADSAIYYCARAQQGKRIYGMVSFGEFFYYYYMDVWGKGTTVTVSSASTKGPSVFPLAPSSKSTSGGTAALGCL
VKDYFPEPVTVSWNSGALTSGVHTFPAVLQSSGLYSLSSVVTVPSSSLGTQTYICNVNHKPSNTKVDKKVEPKSCDKGLE
VLFQ
;
H
6 'polypeptide(L)'
;SVTSYVRPLSVALGETASISCGRQALGSRAVQWYQHRPGQAPILLIYNNQDRPSGIPERFSGTPDINFGTRATLTISGVE
AGDEADYYCHMWDSRSGFSWSFGGATRLTVLGQPKAAPSVTLFPPSSEELQANKATLVCLISDFYPGAVTVAWKADSSPV
KAGVETTTPSKQSNNKYAASSYLSLTPMQWKMHKSYSCQVTHEGSTVEKTVAPTECS
;
L
#
loop_
_chem_comp.id
_chem_comp.type
_chem_comp.name
_chem_comp.formula
BMA D-saccharide, beta linking beta-D-mannopyranose 'C6 H12 O6'
MAN D-saccharide, alpha linking alpha-D-mannopyranose 'C6 H12 O6'
NAG D-saccharide, beta linking 2-acetamido-2-deoxy-beta-D-glucopyranose 'C8 H15 N O6'
#
# COMPACT_ATOMS: atom_id res chain seq x y z
N VAL A 8 -43.00 6.95 6.50
CA VAL A 8 -42.41 5.66 6.19
C VAL A 8 -42.47 5.42 4.68
N PHE A 9 -43.43 4.59 4.24
CA PHE A 9 -43.55 4.21 2.84
C PHE A 9 -44.23 5.33 2.08
N LEU A 10 -43.48 6.39 1.83
CA LEU A 10 -43.90 7.46 0.93
C LEU A 10 -43.35 7.27 -0.46
N GLY A 11 -42.54 6.24 -0.67
CA GLY A 11 -42.04 5.91 -1.99
C GLY A 11 -42.95 4.92 -2.69
N PHE A 12 -44.08 5.42 -3.20
CA PHE A 12 -45.00 4.62 -4.00
C PHE A 12 -44.77 4.79 -5.51
N LEU A 13 -43.58 5.23 -5.89
CA LEU A 13 -43.19 5.43 -7.28
C LEU A 13 -43.13 4.11 -8.08
N GLY A 14 -43.52 2.98 -7.48
CA GLY A 14 -43.30 1.68 -8.11
C GLY A 14 -43.88 1.57 -9.50
N ALA A 15 -44.89 2.37 -9.80
CA ALA A 15 -45.49 2.33 -11.12
C ALA A 15 -45.26 3.66 -11.85
N ALA A 16 -44.00 4.08 -11.94
CA ALA A 16 -43.67 5.36 -12.57
C ALA A 16 -43.62 5.25 -14.09
N GLY A 17 -43.27 4.09 -14.62
CA GLY A 17 -43.25 3.85 -16.05
C GLY A 17 -44.50 3.20 -16.61
N SER A 18 -45.51 2.97 -15.78
CA SER A 18 -46.75 2.37 -16.21
C SER A 18 -47.73 3.45 -16.66
N THR A 19 -48.77 3.02 -17.37
CA THR A 19 -49.79 3.96 -17.84
C THR A 19 -50.57 4.53 -16.66
N MET A 20 -51.10 5.73 -16.85
CA MET A 20 -51.79 6.44 -15.77
C MET A 20 -52.93 5.60 -15.20
N GLY A 21 -53.71 4.95 -16.06
CA GLY A 21 -54.82 4.14 -15.59
C GLY A 21 -54.41 2.80 -15.01
N ALA A 22 -53.23 2.29 -15.37
CA ALA A 22 -52.75 1.06 -14.77
C ALA A 22 -52.15 1.29 -13.39
N ALA A 23 -51.73 2.52 -13.10
CA ALA A 23 -51.06 2.82 -11.83
C ALA A 23 -52.03 3.36 -10.78
N SER A 24 -52.84 4.33 -11.15
CA SER A 24 -53.68 5.02 -10.18
C SER A 24 -55.08 4.42 -10.04
N ASN A 25 -55.57 3.70 -11.05
CA ASN A 25 -56.95 3.24 -11.03
C ASN A 25 -57.10 1.81 -10.52
N THR A 26 -56.06 0.98 -10.61
CA THR A 26 -56.18 -0.42 -10.20
C THR A 26 -54.83 -1.04 -9.88
N LEU A 27 -54.34 -0.79 -8.67
CA LEU A 27 -53.02 -1.29 -8.27
C LEU A 27 -53.02 -2.82 -8.20
N THR A 28 -51.83 -3.39 -8.39
CA THR A 28 -51.63 -4.83 -8.27
C THR A 28 -50.77 -5.16 -7.06
N MET A 55 -33.13 12.46 20.44
CA MET A 55 -31.81 11.99 20.85
C MET A 55 -30.74 12.34 19.80
N LEU A 56 -30.24 13.57 19.86
CA LEU A 56 -29.21 14.09 18.97
C LEU A 56 -28.01 14.54 19.79
N GLN A 57 -27.02 15.14 19.11
CA GLN A 57 -25.82 15.57 19.81
C GLN A 57 -25.32 16.94 19.39
N LEU A 58 -26.07 17.67 18.56
CA LEU A 58 -25.85 19.06 18.15
C LEU A 58 -24.75 19.23 17.10
N GLY A 59 -24.12 18.15 16.64
CA GLY A 59 -23.10 18.24 15.62
C GLY A 59 -23.67 18.17 14.22
N VAL A 60 -22.79 17.84 13.26
CA VAL A 60 -23.18 17.90 11.86
C VAL A 60 -24.04 16.73 11.42
N TRP A 61 -24.21 15.70 12.26
CA TRP A 61 -25.28 14.73 12.07
C TRP A 61 -26.42 14.96 13.05
N GLY A 62 -26.28 15.92 13.96
CA GLY A 62 -27.34 16.24 14.91
C GLY A 62 -28.27 17.32 14.39
N PHE A 63 -27.70 18.35 13.75
CA PHE A 63 -28.51 19.37 13.10
C PHE A 63 -28.89 18.99 11.67
N LYS A 64 -28.13 18.10 11.04
CA LYS A 64 -28.51 17.60 9.72
C LYS A 64 -29.74 16.72 9.82
N GLN A 65 -29.74 15.77 10.76
CA GLN A 65 -30.85 14.84 10.90
C GLN A 65 -32.13 15.52 11.38
N LEU A 66 -32.03 16.68 12.04
CA LEU A 66 -33.22 17.38 12.49
C LEU A 66 -33.86 18.19 11.36
N GLN A 67 -33.05 18.94 10.60
CA GLN A 67 -33.60 19.68 9.47
C GLN A 67 -34.22 18.76 8.44
N ALA A 68 -33.66 17.56 8.25
CA ALA A 68 -34.27 16.58 7.38
C ALA A 68 -35.59 16.07 7.94
N ARG A 69 -35.76 16.13 9.26
CA ARG A 69 -37.03 15.74 9.87
C ARG A 69 -38.08 16.85 9.78
N VAL A 70 -37.65 18.11 9.84
CA VAL A 70 -38.59 19.21 9.68
C VAL A 70 -38.93 19.43 8.21
N LEU A 71 -37.95 19.24 7.33
CA LEU A 71 -38.17 19.45 5.90
C LEU A 71 -39.14 18.43 5.31
N ALA A 72 -39.34 17.30 5.99
CA ALA A 72 -40.27 16.28 5.50
C ALA A 72 -41.72 16.62 5.80
N ILE A 73 -41.98 17.11 7.02
CA ILE A 73 -43.35 17.37 7.44
C ILE A 73 -43.83 18.76 7.07
N GLU A 74 -42.92 19.68 6.73
CA GLU A 74 -43.33 20.91 6.07
C GLU A 74 -44.05 20.61 4.77
N ARG A 75 -43.53 19.63 4.01
CA ARG A 75 -44.04 19.29 2.70
C ARG A 75 -45.24 18.34 2.75
N TYR A 76 -45.32 17.48 3.76
CA TYR A 76 -46.53 16.69 3.94
C TYR A 76 -47.72 17.58 4.27
N LEU A 77 -47.48 18.68 4.99
CA LEU A 77 -48.53 19.65 5.25
C LEU A 77 -48.71 20.65 4.12
N GLU A 78 -47.75 20.74 3.20
CA GLU A 78 -47.96 21.51 1.98
C GLU A 78 -49.14 20.97 1.19
N VAL A 79 -49.25 19.64 1.11
CA VAL A 79 -50.26 19.01 0.27
C VAL A 79 -51.52 18.68 1.06
N GLN A 80 -51.38 18.18 2.29
CA GLN A 80 -52.56 17.83 3.09
C GLN A 80 -53.39 19.06 3.43
N GLN A 81 -52.78 20.25 3.41
CA GLN A 81 -53.55 21.48 3.54
C GLN A 81 -54.34 21.76 2.27
N LEU A 82 -53.69 21.61 1.11
CA LEU A 82 -54.40 21.77 -0.16
C LEU A 82 -55.51 20.74 -0.30
N LEU A 83 -55.24 19.49 0.10
CA LEU A 83 -56.27 18.47 0.07
C LEU A 83 -57.44 18.83 0.97
N GLY A 84 -57.18 19.60 2.03
CA GLY A 84 -58.27 20.08 2.87
C GLY A 84 -59.02 21.25 2.28
N MET A 85 -58.36 22.04 1.42
CA MET A 85 -58.98 23.18 0.79
C MET A 85 -59.79 22.82 -0.45
N TRP A 86 -59.84 21.54 -0.82
CA TRP A 86 -60.64 21.08 -1.96
C TRP A 86 -61.73 20.10 -1.54
N GLY A 87 -61.90 19.89 -0.23
CA GLY A 87 -62.83 18.88 0.25
C GLY A 87 -62.34 17.49 -0.09
N CYS A 88 -61.06 17.23 0.17
CA CYS A 88 -60.42 15.97 -0.18
C CYS A 88 -59.61 15.39 0.97
N SER A 89 -59.90 15.78 2.21
CA SER A 89 -59.17 15.27 3.36
C SER A 89 -59.43 13.79 3.54
N GLY A 90 -58.37 13.00 3.55
CA GLY A 90 -58.51 11.56 3.73
C GLY A 90 -58.94 10.83 2.49
N LYS A 91 -58.80 11.43 1.31
CA LYS A 91 -59.24 10.82 0.06
C LYS A 91 -58.05 10.76 -0.89
N LEU A 92 -57.84 9.59 -1.49
CA LEU A 92 -56.86 9.48 -2.56
C LEU A 92 -57.43 9.82 -3.92
N ILE A 93 -58.73 9.57 -4.13
CA ILE A 93 -59.41 9.87 -5.38
C ILE A 93 -60.69 10.62 -5.01
N CYS A 94 -60.62 11.96 -5.02
CA CYS A 94 -61.79 12.79 -4.77
C CYS A 94 -62.26 13.41 -6.08
N CYS A 95 -63.53 13.20 -6.40
CA CYS A 95 -64.15 13.86 -7.54
C CYS A 95 -64.53 15.28 -7.16
N THR A 96 -64.48 16.17 -8.14
CA THR A 96 -64.65 17.60 -7.90
C THR A 96 -65.92 18.10 -8.61
N ASN A 97 -66.04 19.42 -8.69
CA ASN A 97 -67.20 20.07 -9.30
C ASN A 97 -66.75 21.08 -10.36
N VAL A 98 -65.62 20.82 -11.00
CA VAL A 98 -65.06 21.72 -12.00
C VAL A 98 -65.02 20.99 -13.33
N PRO A 99 -65.74 21.47 -14.35
CA PRO A 99 -65.64 20.85 -15.67
C PRO A 99 -64.27 21.03 -16.26
N TRP A 100 -63.90 20.11 -17.15
CA TRP A 100 -62.59 20.14 -17.77
C TRP A 100 -62.56 21.18 -18.89
N ASN A 101 -61.76 22.22 -18.72
CA ASN A 101 -61.53 23.18 -19.79
C ASN A 101 -60.66 22.51 -20.86
N SER A 102 -61.25 22.30 -22.04
CA SER A 102 -60.55 21.58 -23.10
C SER A 102 -59.29 22.30 -23.57
N SER A 103 -59.10 23.56 -23.20
CA SER A 103 -57.85 24.25 -23.52
C SER A 103 -56.70 23.75 -22.66
N TRP A 104 -56.98 23.12 -21.52
CA TRP A 104 -55.93 22.50 -20.72
C TRP A 104 -55.33 21.31 -21.47
N SER A 105 -56.17 20.38 -21.89
CA SER A 105 -55.74 19.25 -22.71
C SER A 105 -56.95 18.71 -23.45
N ASN A 106 -56.93 18.76 -24.78
CA ASN A 106 -58.02 18.29 -25.61
C ASN A 106 -57.94 16.80 -25.92
N LYS A 107 -57.37 16.00 -25.03
CA LYS A 107 -57.11 14.60 -25.31
C LYS A 107 -58.15 13.71 -24.62
N THR A 108 -58.36 12.53 -25.22
CA THR A 108 -59.38 11.58 -24.82
C THR A 108 -58.96 10.81 -23.55
N TYR A 109 -59.97 10.30 -22.84
CA TYR A 109 -59.72 9.41 -21.71
C TYR A 109 -58.86 8.22 -22.12
N ASN A 110 -59.09 7.68 -23.32
CA ASN A 110 -58.36 6.51 -23.76
C ASN A 110 -56.92 6.81 -24.18
N GLU A 111 -56.63 8.05 -24.57
CA GLU A 111 -55.26 8.46 -24.88
C GLU A 111 -54.60 9.18 -23.71
N ILE A 112 -55.17 9.07 -22.51
CA ILE A 112 -54.54 9.56 -21.30
C ILE A 112 -54.27 8.37 -20.38
N TRP A 113 -55.33 7.76 -19.86
CA TRP A 113 -55.23 6.71 -18.86
C TRP A 113 -54.82 5.36 -19.44
N ASP A 114 -54.68 5.25 -20.75
CA ASP A 114 -54.20 4.02 -21.38
C ASP A 114 -52.99 4.24 -22.26
N ASN A 115 -52.45 5.45 -22.31
CA ASN A 115 -51.31 5.74 -23.17
C ASN A 115 -50.21 6.53 -22.48
N MET A 116 -50.57 7.51 -21.66
CA MET A 116 -49.60 8.37 -20.98
C MET A 116 -49.30 7.86 -19.58
N THR A 117 -48.18 8.34 -19.03
CA THR A 117 -47.75 8.03 -17.68
C THR A 117 -47.78 9.30 -16.84
N TRP A 118 -48.03 9.13 -15.53
CA TRP A 118 -48.18 10.27 -14.64
C TRP A 118 -47.00 11.23 -14.72
N MET A 119 -45.80 10.70 -15.02
CA MET A 119 -44.62 11.55 -15.08
C MET A 119 -44.70 12.55 -16.23
N GLN A 120 -45.17 12.11 -17.40
CA GLN A 120 -45.19 12.97 -18.58
C GLN A 120 -46.50 13.73 -18.73
N TRP A 121 -47.61 13.19 -18.22
CA TRP A 121 -48.86 13.95 -18.18
C TRP A 121 -48.71 15.20 -17.33
N ASP A 122 -48.06 15.07 -16.17
CA ASP A 122 -47.79 16.22 -15.31
C ASP A 122 -47.07 17.33 -16.08
N ARG A 123 -46.05 16.97 -16.86
CA ARG A 123 -45.29 17.98 -17.59
C ARG A 123 -46.15 18.67 -18.65
N GLU A 124 -47.03 17.92 -19.31
CA GLU A 124 -47.85 18.50 -20.36
C GLU A 124 -48.87 19.48 -19.82
N ILE A 125 -49.41 19.21 -18.63
CA ILE A 125 -50.43 20.05 -18.02
C ILE A 125 -49.85 20.90 -16.88
N GLY A 126 -48.53 21.03 -16.81
CA GLY A 126 -47.92 21.72 -15.69
C GLY A 126 -48.15 23.23 -15.67
N ASN A 127 -48.48 23.83 -16.81
CA ASN A 127 -48.60 25.27 -16.87
C ASN A 127 -49.90 25.75 -16.20
N TYR A 128 -51.00 25.04 -16.41
CA TYR A 128 -52.29 25.42 -15.83
C TYR A 128 -52.51 24.83 -14.44
N THR A 129 -51.46 24.31 -13.80
CA THR A 129 -51.64 23.58 -12.55
C THR A 129 -52.13 24.49 -11.42
N ASP A 130 -51.79 25.78 -11.46
CA ASP A 130 -52.21 26.69 -10.41
C ASP A 130 -53.57 27.32 -10.67
N THR A 131 -53.96 27.48 -11.94
CA THR A 131 -55.32 27.92 -12.24
C THR A 131 -56.34 26.93 -11.72
N ILE A 132 -56.08 25.64 -11.90
CA ILE A 132 -57.01 24.60 -11.43
C ILE A 132 -57.08 24.60 -9.91
N TYR A 133 -55.94 24.85 -9.23
CA TYR A 133 -55.94 24.88 -7.77
C TYR A 133 -56.87 25.95 -7.22
N LYS A 134 -56.68 27.19 -7.65
CA LYS A 134 -57.57 28.29 -7.26
C LYS A 134 -59.02 27.93 -7.52
N LEU A 135 -59.30 27.39 -8.71
CA LEU A 135 -60.67 27.05 -9.11
C LEU A 135 -61.23 25.90 -8.29
N LEU A 136 -60.41 24.89 -7.97
CA LEU A 136 -60.83 23.87 -7.01
C LEU A 136 -61.20 24.50 -5.67
N GLU A 137 -60.44 25.52 -5.24
CA GLU A 137 -60.65 26.10 -3.93
C GLU A 137 -61.99 26.82 -3.83
N VAL A 138 -62.41 27.51 -4.90
CA VAL A 138 -63.68 28.21 -4.85
C VAL A 138 -64.85 27.25 -5.01
N SER A 139 -64.66 26.13 -5.73
CA SER A 139 -65.73 25.14 -5.85
C SER A 139 -66.05 24.49 -4.51
N GLN A 140 -65.04 24.29 -3.67
CA GLN A 140 -65.27 23.71 -2.36
C GLN A 140 -65.82 24.74 -1.38
N PHE A 141 -65.34 25.99 -1.45
CA PHE A 141 -65.83 27.02 -0.55
C PHE A 141 -67.32 27.28 -0.78
N GLN A 142 -67.73 27.37 -2.04
CA GLN A 142 -69.15 27.56 -2.33
C GLN A 142 -69.95 26.32 -1.96
N GLN A 143 -69.37 25.13 -2.13
CA GLN A 143 -70.02 23.91 -1.72
C GLN A 143 -70.19 23.86 -0.20
N GLU A 144 -69.30 24.53 0.54
CA GLU A 144 -69.44 24.58 1.99
C GLU A 144 -70.64 25.43 2.41
N ILE A 145 -70.97 26.47 1.66
CA ILE A 145 -72.12 27.31 2.01
C ILE A 145 -73.42 26.80 1.40
N ASN A 146 -73.36 26.00 0.33
CA ASN A 146 -74.57 25.35 -0.18
C ASN A 146 -75.14 24.38 0.84
N GLU A 147 -74.28 23.51 1.40
CA GLU A 147 -74.73 22.62 2.47
C GLU A 147 -75.11 23.41 3.72
N LYS A 148 -74.55 24.61 3.88
CA LYS A 148 -74.94 25.47 4.98
C LYS A 148 -76.37 25.96 4.81
N ASP A 149 -76.74 26.35 3.59
CA ASP A 149 -78.12 26.69 3.29
C ASP A 149 -79.04 25.47 3.29
N LEU A 150 -78.50 24.28 3.03
CA LEU A 150 -79.29 23.05 3.02
C LEU A 150 -79.60 22.56 4.43
N LEU A 151 -78.62 22.62 5.33
CA LEU A 151 -78.81 22.18 6.72
C LEU A 151 -79.52 23.23 7.57
N ALA A 152 -79.81 24.41 7.02
CA ALA A 152 -80.58 25.42 7.74
C ALA A 152 -82.08 25.14 7.72
N LEU A 153 -82.52 24.10 7.01
CA LEU A 153 -83.94 23.79 6.89
C LEU A 153 -84.32 22.61 7.78
N GLN B 1 -45.13 11.79 -31.63
CA GLN B 1 -44.27 11.72 -32.79
C GLN B 1 -43.82 10.29 -33.05
N GLY B 2 -42.60 10.13 -33.54
CA GLY B 2 -42.07 8.83 -33.87
C GLY B 2 -42.00 8.62 -35.37
N GLN B 3 -40.97 7.90 -35.82
CA GLN B 3 -40.82 7.58 -37.23
C GLN B 3 -40.18 6.21 -37.36
N LEU B 4 -40.79 5.36 -38.17
CA LEU B 4 -40.31 3.99 -38.39
C LEU B 4 -39.77 3.93 -39.81
N VAL B 5 -38.45 4.07 -39.95
CA VAL B 5 -37.79 3.92 -41.25
C VAL B 5 -37.52 2.45 -41.49
N GLN B 6 -37.86 1.98 -42.69
CA GLN B 6 -37.79 0.57 -43.02
C GLN B 6 -36.46 0.26 -43.70
N SER B 7 -36.37 -0.92 -44.31
CA SER B 7 -35.15 -1.37 -44.96
C SER B 7 -35.15 -0.91 -46.42
N GLY B 8 -34.28 -1.50 -47.24
CA GLY B 8 -34.24 -1.18 -48.65
C GLY B 8 -35.17 -2.07 -49.48
N ALA B 9 -35.49 -1.58 -50.67
CA ALA B 9 -36.41 -2.27 -51.57
C ALA B 9 -35.62 -3.16 -52.53
N THR B 10 -35.02 -4.21 -51.97
CA THR B 10 -34.26 -5.19 -52.73
C THR B 10 -35.12 -6.41 -53.02
N THR B 11 -34.88 -7.00 -54.20
CA THR B 11 -35.71 -8.09 -54.72
C THR B 11 -34.93 -9.40 -54.73
N THR B 12 -35.64 -10.50 -54.50
CA THR B 12 -35.08 -11.84 -54.59
C THR B 12 -36.08 -12.74 -55.30
N LYS B 13 -35.62 -13.94 -55.64
CA LYS B 13 -36.41 -14.93 -56.35
C LYS B 13 -36.89 -16.03 -55.40
N PRO B 14 -37.92 -16.82 -55.81
CA PRO B 14 -38.48 -17.84 -54.90
C PRO B 14 -37.46 -18.78 -54.28
N GLY B 15 -37.85 -19.41 -53.17
CA GLY B 15 -36.97 -20.27 -52.41
C GLY B 15 -36.08 -19.55 -51.42
N SER B 16 -35.96 -18.23 -51.52
CA SER B 16 -35.07 -17.46 -50.67
C SER B 16 -35.77 -17.06 -49.38
N SER B 17 -35.14 -16.17 -48.61
CA SER B 17 -35.70 -15.71 -47.34
C SER B 17 -35.04 -14.37 -47.01
N VAL B 18 -35.81 -13.30 -47.10
CA VAL B 18 -35.28 -11.94 -46.95
C VAL B 18 -35.72 -11.38 -45.59
N LYS B 19 -34.87 -10.52 -45.03
CA LYS B 19 -35.14 -9.84 -43.78
C LYS B 19 -35.43 -8.37 -44.04
N ILE B 20 -36.43 -7.85 -43.35
CA ILE B 20 -36.86 -6.45 -43.49
C ILE B 20 -36.67 -5.75 -42.15
N SER B 21 -35.95 -4.63 -42.16
CA SER B 21 -35.66 -3.88 -40.95
C SER B 21 -36.66 -2.76 -40.75
N CYS B 22 -36.68 -2.23 -39.53
CA CYS B 22 -37.62 -1.16 -39.16
C CYS B 22 -37.01 -0.44 -37.96
N LYS B 23 -36.34 0.69 -38.23
CA LYS B 23 -35.59 1.42 -37.21
C LYS B 23 -36.47 2.56 -36.69
N THR B 24 -36.83 2.50 -35.42
CA THR B 24 -37.74 3.46 -34.83
C THR B 24 -36.97 4.61 -34.18
N SER B 25 -37.68 5.72 -33.96
CA SER B 25 -37.13 6.90 -33.32
C SER B 25 -38.26 7.67 -32.66
N GLY B 26 -37.88 8.64 -31.83
CA GLY B 26 -38.82 9.59 -31.27
C GLY B 26 -39.87 9.04 -30.33
N TYR B 27 -39.83 7.75 -30.00
CA TYR B 27 -40.79 7.19 -29.05
C TYR B 27 -40.15 6.00 -28.34
N ARG B 28 -40.76 5.61 -27.22
CA ARG B 28 -40.28 4.48 -26.43
C ARG B 28 -40.56 3.19 -27.17
N PHE B 29 -39.50 2.58 -27.70
CA PHE B 29 -39.66 1.38 -28.53
C PHE B 29 -40.26 0.22 -27.76
N ASN B 30 -40.05 0.18 -26.43
CA ASN B 30 -40.57 -0.93 -25.63
C ASN B 30 -42.06 -0.79 -25.34
N PHE B 31 -42.63 0.40 -25.47
CA PHE B 31 -43.98 0.63 -24.98
C PHE B 31 -45.07 0.17 -25.95
N TYR B 32 -44.74 -0.08 -27.22
CA TYR B 32 -45.76 -0.37 -28.22
C TYR B 32 -45.31 -1.53 -29.10
N HIS B 33 -46.26 -2.40 -29.44
CA HIS B 33 -45.98 -3.51 -30.34
C HIS B 33 -45.58 -3.00 -31.70
N ILE B 34 -44.61 -3.66 -32.32
CA ILE B 34 -44.30 -3.44 -33.73
C ILE B 34 -45.17 -4.38 -34.54
N ASN B 35 -45.68 -3.90 -35.67
CA ASN B 35 -46.67 -4.63 -36.46
C ASN B 35 -46.29 -4.57 -37.94
N TRP B 36 -46.21 -5.74 -38.57
CA TRP B 36 -45.94 -5.84 -40.00
C TRP B 36 -47.20 -6.28 -40.73
N ILE B 37 -47.50 -5.60 -41.85
CA ILE B 37 -48.69 -5.89 -42.63
C ILE B 37 -48.32 -5.81 -44.11
N ARG B 38 -48.71 -6.83 -44.87
CA ARG B 38 -48.34 -6.99 -46.27
C ARG B 38 -49.51 -6.62 -47.17
N GLN B 39 -49.21 -5.91 -48.26
CA GLN B 39 -50.20 -5.51 -49.26
C GLN B 39 -49.87 -6.21 -50.57
N THR B 40 -50.30 -7.47 -50.69
CA THR B 40 -50.09 -8.21 -51.91
C THR B 40 -50.94 -7.63 -53.04
N ALA B 41 -50.36 -7.51 -54.23
CA ALA B 41 -51.06 -6.94 -55.37
C ALA B 41 -52.24 -7.80 -55.83
N GLY B 42 -52.20 -9.10 -55.57
CA GLY B 42 -53.28 -9.98 -55.99
C GLY B 42 -54.08 -10.56 -54.84
N ARG B 43 -54.35 -9.74 -53.84
CA ARG B 43 -55.09 -10.15 -52.64
C ARG B 43 -55.46 -8.90 -51.86
N GLY B 44 -56.09 -9.10 -50.71
CA GLY B 44 -56.39 -8.01 -49.82
C GLY B 44 -55.27 -7.79 -48.84
N PRO B 45 -55.19 -6.57 -48.27
CA PRO B 45 -54.15 -6.28 -47.27
C PRO B 45 -54.19 -7.27 -46.11
N GLU B 46 -53.09 -7.98 -45.91
CA GLU B 46 -53.03 -9.10 -44.98
C GLU B 46 -52.17 -8.76 -43.78
N TRP B 47 -52.72 -8.94 -42.59
CA TRP B 47 -52.00 -8.68 -41.36
C TRP B 47 -51.10 -9.88 -41.03
N MET B 48 -49.82 -9.60 -40.81
CA MET B 48 -48.83 -10.66 -40.60
C MET B 48 -48.57 -10.95 -39.13
N GLY B 49 -48.29 -9.93 -38.32
CA GLY B 49 -48.13 -10.17 -36.90
C GLY B 49 -47.49 -9.05 -36.10
N TRP B 50 -47.84 -8.97 -34.82
CA TRP B 50 -47.19 -8.05 -33.89
C TRP B 50 -46.35 -8.83 -32.90
N ILE B 51 -45.26 -8.19 -32.46
CA ILE B 51 -44.42 -8.72 -31.39
C ILE B 51 -44.30 -7.64 -30.33
N SER B 52 -43.97 -8.07 -29.11
CA SER B 52 -43.85 -7.16 -27.99
C SER B 52 -42.39 -6.80 -27.78
N PRO B 53 -41.97 -5.57 -28.10
CA PRO B 53 -40.57 -5.18 -27.82
C PRO B 53 -40.24 -5.16 -26.35
N TYR B 54 -41.22 -5.33 -25.46
CA TYR B 54 -41.00 -5.43 -24.03
C TYR B 54 -41.14 -6.86 -23.53
N SER B 55 -42.31 -7.46 -23.74
CA SER B 55 -42.54 -8.83 -23.26
C SER B 55 -41.85 -9.87 -24.11
N GLY B 56 -41.45 -9.53 -25.33
CA GLY B 56 -40.91 -10.55 -26.22
C GLY B 56 -41.93 -11.54 -26.70
N ASP B 57 -43.22 -11.19 -26.66
CA ASP B 57 -44.29 -12.08 -27.05
C ASP B 57 -44.78 -11.74 -28.46
N LYS B 58 -44.99 -12.77 -29.26
CA LYS B 58 -45.34 -12.63 -30.66
C LYS B 58 -46.71 -13.23 -30.93
N ASN B 59 -47.32 -12.82 -32.04
CA ASN B 59 -48.61 -13.35 -32.44
C ASN B 59 -48.77 -13.10 -33.94
N LEU B 60 -48.78 -14.17 -34.73
CA LEU B 60 -48.88 -14.09 -36.18
C LEU B 60 -50.24 -14.61 -36.64
N ALA B 61 -50.47 -14.48 -37.94
CA ALA B 61 -51.63 -15.07 -38.57
C ALA B 61 -51.37 -16.54 -38.87
N PRO B 62 -52.42 -17.38 -38.91
CA PRO B 62 -52.21 -18.80 -39.25
C PRO B 62 -51.71 -19.03 -40.66
N ALA B 63 -51.75 -18.03 -41.54
CA ALA B 63 -51.16 -18.15 -42.87
C ALA B 63 -49.66 -17.92 -42.88
N PHE B 64 -49.10 -17.38 -41.79
CA PHE B 64 -47.65 -17.21 -41.65
C PHE B 64 -47.13 -17.93 -40.41
N GLN B 65 -47.90 -18.90 -39.89
CA GLN B 65 -47.61 -19.48 -38.58
C GLN B 65 -46.23 -20.12 -38.55
N ASP B 66 -45.92 -20.96 -39.55
CA ASP B 66 -44.63 -21.63 -39.62
C ASP B 66 -43.78 -21.12 -40.79
N ARG B 67 -43.95 -19.85 -41.15
CA ARG B 67 -43.26 -19.30 -42.30
C ARG B 67 -42.57 -17.96 -42.06
N VAL B 68 -42.72 -17.34 -40.90
CA VAL B 68 -42.19 -16.00 -40.65
C VAL B 68 -41.42 -15.98 -39.34
N ASN B 69 -40.26 -15.34 -39.36
CA ASN B 69 -39.41 -15.15 -38.18
C ASN B 69 -39.31 -13.66 -37.90
N MET B 70 -39.95 -13.20 -36.82
CA MET B 70 -39.99 -11.79 -36.44
C MET B 70 -39.25 -11.61 -35.12
N THR B 71 -38.33 -10.64 -35.08
CA THR B 71 -37.49 -10.40 -33.92
C THR B 71 -37.24 -8.91 -33.76
N THR B 72 -36.73 -8.55 -32.58
CA THR B 72 -36.31 -7.19 -32.27
C THR B 72 -35.13 -7.23 -31.32
N ASP B 73 -34.11 -6.43 -31.61
CA ASP B 73 -33.04 -6.25 -30.64
C ASP B 73 -33.41 -5.16 -29.65
N THR B 74 -32.62 -5.04 -28.59
CA THR B 74 -32.94 -4.12 -27.52
C THR B 74 -32.86 -2.67 -27.99
N GLU B 75 -33.52 -1.78 -27.25
CA GLU B 75 -33.59 -0.37 -27.59
C GLU B 75 -32.44 0.40 -26.95
N VAL B 76 -32.07 1.50 -27.59
CA VAL B 76 -31.02 2.39 -27.10
C VAL B 76 -31.68 3.61 -26.49
N PRO B 77 -31.54 3.84 -25.18
CA PRO B 77 -32.16 5.03 -24.58
C PRO B 77 -31.56 6.31 -25.14
N VAL B 78 -32.45 7.28 -25.41
CA VAL B 78 -32.06 8.60 -25.92
C VAL B 78 -32.40 9.69 -24.91
N THR B 79 -33.60 9.65 -24.34
CA THR B 79 -33.94 10.49 -23.19
C THR B 79 -34.99 9.73 -22.38
N SER B 80 -35.70 10.46 -21.50
CA SER B 80 -36.64 9.81 -20.60
C SER B 80 -37.74 9.07 -21.35
N PHE B 81 -38.16 9.58 -22.50
CA PHE B 81 -39.27 8.99 -23.24
C PHE B 81 -38.93 8.74 -24.71
N THR B 82 -37.65 8.75 -25.07
CA THR B 82 -37.22 8.50 -26.44
C THR B 82 -36.23 7.35 -26.46
N SER B 83 -36.44 6.40 -27.36
CA SER B 83 -35.56 5.27 -27.57
C SER B 83 -35.36 5.08 -29.07
N THR B 84 -34.48 4.13 -29.42
CA THR B 84 -34.25 3.77 -30.82
C THR B 84 -34.16 2.25 -30.89
N GLY B 85 -35.20 1.62 -31.42
CA GLY B 85 -35.24 0.19 -31.58
C GLY B 85 -35.21 -0.23 -33.05
N ALA B 86 -34.94 -1.52 -33.25
CA ALA B 86 -34.89 -2.10 -34.59
C ALA B 86 -35.75 -3.35 -34.63
N ALA B 87 -36.52 -3.48 -35.70
CA ALA B 87 -37.46 -4.59 -35.87
C ALA B 87 -37.11 -5.37 -37.11
N TYR B 88 -37.06 -6.70 -37.00
CA TYR B 88 -36.64 -7.57 -38.07
C TYR B 88 -37.70 -8.64 -38.31
N MET B 89 -37.87 -9.02 -39.58
CA MET B 89 -38.88 -9.99 -39.97
C MET B 89 -38.43 -10.69 -41.24
N GLU B 90 -38.62 -12.02 -41.27
CA GLU B 90 -38.25 -12.85 -42.41
C GLU B 90 -39.42 -13.71 -42.83
N ILE B 91 -39.27 -14.39 -43.95
CA ILE B 91 -40.26 -15.32 -44.47
C ILE B 91 -39.56 -16.60 -44.91
N ARG B 92 -40.13 -17.75 -44.54
CA ARG B 92 -39.51 -19.05 -44.80
C ARG B 92 -39.63 -19.46 -46.26
N ASN B 93 -40.45 -20.49 -46.53
CA ASN B 93 -40.64 -20.99 -47.89
C ASN B 93 -41.21 -19.91 -48.79
N LEU B 94 -40.39 -18.91 -49.13
CA LEU B 94 -40.83 -17.76 -49.88
C LEU B 94 -40.99 -18.10 -51.35
N THR B 95 -42.00 -17.51 -51.98
CA THR B 95 -42.27 -17.72 -53.39
C THR B 95 -42.40 -16.34 -54.06
N SER B 96 -43.08 -16.30 -55.20
CA SER B 96 -43.39 -15.04 -55.87
C SER B 96 -44.81 -14.55 -55.55
N ASP B 97 -45.64 -15.40 -54.94
CA ASP B 97 -46.96 -14.95 -54.50
C ASP B 97 -46.84 -13.88 -53.42
N ASP B 98 -45.80 -13.95 -52.59
CA ASP B 98 -45.57 -12.99 -51.51
C ASP B 98 -45.02 -11.66 -52.02
N THR B 99 -45.27 -11.32 -53.28
CA THR B 99 -44.78 -10.08 -53.86
C THR B 99 -45.67 -8.92 -53.45
N GLY B 100 -45.05 -7.84 -52.99
CA GLY B 100 -45.79 -6.65 -52.62
C GLY B 100 -44.97 -5.79 -51.68
N THR B 101 -45.58 -4.67 -51.30
CA THR B 101 -44.97 -3.73 -50.37
C THR B 101 -45.27 -4.16 -48.94
N TYR B 102 -44.22 -4.23 -48.12
CA TYR B 102 -44.33 -4.65 -46.73
C TYR B 102 -44.17 -3.44 -45.82
N PHE B 103 -45.07 -3.31 -44.84
CA PHE B 103 -45.08 -2.18 -43.93
C PHE B 103 -44.80 -2.64 -42.51
N CYS B 104 -44.20 -1.75 -41.72
CA CYS B 104 -44.09 -1.92 -40.28
C CYS B 104 -44.77 -0.73 -39.61
N ALA B 105 -45.53 -1.02 -38.55
CA ALA B 105 -46.29 0.00 -37.85
C ALA B 105 -46.29 -0.28 -36.36
N LYS B 106 -46.14 0.77 -35.55
CA LYS B 106 -46.16 0.61 -34.11
C LYS B 106 -47.61 0.58 -33.61
N GLY B 107 -47.77 0.08 -32.39
CA GLY B 107 -49.09 -0.04 -31.80
C GLY B 107 -49.71 1.30 -31.49
N LEU B 108 -51.02 1.26 -31.24
CA LEU B 108 -51.79 2.46 -30.94
C LEU B 108 -51.49 2.97 -29.54
N LEU B 109 -52.00 2.27 -28.53
CA LEU B 109 -51.80 2.62 -27.14
C LEU B 109 -50.93 1.55 -26.48
N ARG B 110 -50.89 1.54 -25.14
CA ARG B 110 -50.24 0.48 -24.39
C ARG B 110 -51.17 -0.11 -23.33
N ASP B 111 -52.48 0.08 -23.49
CA ASP B 111 -53.47 -0.44 -22.55
C ASP B 111 -54.84 -0.38 -23.22
N GLY B 112 -55.82 -0.98 -22.57
CA GLY B 112 -57.19 -0.96 -23.08
C GLY B 112 -57.51 -2.11 -24.01
N SER B 113 -58.47 -1.89 -24.91
CA SER B 113 -58.88 -2.91 -25.87
C SER B 113 -58.25 -2.73 -27.24
N SER B 114 -57.71 -1.54 -27.53
CA SER B 114 -57.00 -1.27 -28.78
C SER B 114 -55.54 -0.97 -28.43
N THR B 115 -54.81 -2.01 -28.05
CA THR B 115 -53.43 -1.87 -27.59
C THR B 115 -52.42 -1.92 -28.73
N TRP B 116 -52.52 -2.91 -29.59
CA TRP B 116 -51.53 -3.16 -30.63
C TRP B 116 -51.88 -2.54 -31.97
N LEU B 117 -53.00 -1.82 -32.07
CA LEU B 117 -53.54 -1.38 -33.35
C LEU B 117 -52.49 -0.58 -34.13
N PRO B 118 -52.17 -0.99 -35.36
CA PRO B 118 -51.11 -0.30 -36.12
C PRO B 118 -51.42 1.17 -36.37
N TYR B 119 -50.97 2.03 -35.47
CA TYR B 119 -51.25 3.46 -35.57
C TYR B 119 -50.26 4.14 -36.50
N LEU B 120 -48.99 4.21 -36.09
CA LEU B 120 -47.96 4.95 -36.80
C LEU B 120 -47.22 4.01 -37.73
N TRP B 121 -47.30 4.27 -39.03
CA TRP B 121 -46.78 3.36 -40.05
C TRP B 121 -45.40 3.80 -40.52
N GLY B 122 -44.73 2.87 -41.20
CA GLY B 122 -43.41 3.13 -41.76
C GLY B 122 -43.48 3.62 -43.20
N GLN B 123 -42.39 3.42 -43.91
CA GLN B 123 -42.26 3.86 -45.30
C GLN B 123 -42.58 2.76 -46.31
N GLY B 124 -42.69 1.50 -45.87
CA GLY B 124 -42.92 0.41 -46.80
C GLY B 124 -41.67 -0.01 -47.54
N THR B 125 -41.61 -1.28 -47.94
CA THR B 125 -40.48 -1.81 -48.68
C THR B 125 -40.98 -2.61 -49.87
N LEU B 126 -40.63 -2.16 -51.08
CA LEU B 126 -41.03 -2.87 -52.27
C LEU B 126 -40.25 -4.17 -52.39
N LEU B 127 -40.95 -5.26 -52.68
CA LEU B 127 -40.28 -6.55 -52.82
C LEU B 127 -40.14 -6.93 -54.29
N THR B 128 -40.96 -7.86 -54.76
CA THR B 128 -40.85 -8.50 -56.09
C THR B 128 -39.63 -9.41 -56.16
N VAL C 4 -62.98 -12.38 -45.83
CA VAL C 4 -64.33 -12.78 -45.50
C VAL C 4 -65.16 -11.55 -45.14
N LEU C 5 -64.47 -10.44 -44.87
CA LEU C 5 -65.12 -9.19 -44.49
C LEU C 5 -65.34 -8.34 -45.74
N THR C 6 -66.61 -8.20 -46.13
CA THR C 6 -66.96 -7.43 -47.32
C THR C 6 -67.42 -6.03 -46.93
N GLN C 7 -67.18 -5.08 -47.83
CA GLN C 7 -67.62 -3.70 -47.64
C GLN C 7 -68.38 -3.26 -48.88
N SER C 8 -68.48 -1.95 -49.08
CA SER C 8 -69.15 -1.42 -50.26
C SER C 8 -68.31 -1.66 -51.51
N ALA C 9 -68.99 -1.90 -52.63
CA ALA C 9 -68.29 -2.04 -53.90
C ALA C 9 -67.56 -0.74 -54.26
N SER C 10 -68.29 0.38 -54.27
CA SER C 10 -67.73 1.70 -54.48
C SER C 10 -68.83 2.74 -54.30
N VAL C 11 -68.43 3.93 -53.83
CA VAL C 11 -69.31 5.07 -53.64
C VAL C 11 -68.52 6.31 -54.08
N SER C 12 -69.23 7.43 -54.24
CA SER C 12 -68.62 8.74 -54.49
C SER C 12 -69.67 9.81 -54.23
N GLY C 13 -69.21 11.04 -54.05
CA GLY C 13 -70.07 12.17 -53.77
C GLY C 13 -69.52 13.44 -54.38
N SER C 14 -69.78 14.57 -53.72
CA SER C 14 -69.29 15.86 -54.15
C SER C 14 -68.95 16.72 -52.95
N LEU C 15 -68.15 17.78 -53.19
CA LEU C 15 -67.69 18.67 -52.12
C LEU C 15 -68.87 19.35 -51.43
N GLY C 16 -69.23 18.87 -50.24
CA GLY C 16 -70.30 19.48 -49.49
C GLY C 16 -71.28 18.48 -48.90
N GLN C 17 -71.36 17.30 -49.49
CA GLN C 17 -72.26 16.26 -49.03
C GLN C 17 -71.47 15.21 -48.23
N SER C 18 -72.05 14.03 -48.06
CA SER C 18 -71.44 12.99 -47.23
C SER C 18 -71.61 11.63 -47.91
N VAL C 19 -70.78 10.68 -47.48
CA VAL C 19 -70.87 9.30 -47.94
C VAL C 19 -71.04 8.39 -46.73
N THR C 20 -71.05 7.08 -46.96
CA THR C 20 -71.16 6.11 -45.88
C THR C 20 -70.70 4.76 -46.42
N ILE C 21 -69.55 4.28 -45.96
CA ILE C 21 -68.97 3.04 -46.45
C ILE C 21 -69.46 1.90 -45.55
N SER C 22 -70.09 0.90 -46.16
CA SER C 22 -70.54 -0.26 -45.41
C SER C 22 -69.35 -1.17 -45.07
N CYS C 23 -69.62 -2.15 -44.21
CA CYS C 23 -68.63 -3.12 -43.78
C CYS C 23 -69.32 -4.21 -42.96
N THR C 24 -69.40 -5.42 -43.50
CA THR C 24 -70.11 -6.49 -42.81
C THR C 24 -69.56 -7.84 -43.24
N GLY C 25 -69.86 -8.85 -42.43
CA GLY C 25 -69.45 -10.21 -42.70
C GLY C 25 -70.24 -11.19 -41.87
N PRO C 26 -69.86 -12.47 -41.91
CA PRO C 26 -70.58 -13.48 -41.11
C PRO C 26 -70.31 -13.33 -39.62
N ASN C 27 -70.96 -14.17 -38.81
CA ASN C 27 -70.81 -14.08 -37.36
C ASN C 27 -69.40 -14.42 -36.90
N SER C 28 -68.58 -15.04 -37.75
CA SER C 28 -67.21 -15.31 -37.39
C SER C 28 -66.35 -14.05 -37.43
N VAL C 29 -66.82 -12.99 -38.07
CA VAL C 29 -66.01 -11.79 -38.29
C VAL C 29 -66.82 -10.55 -37.89
N CYS C 30 -68.13 -10.70 -37.72
CA CYS C 30 -68.98 -9.52 -37.60
C CYS C 30 -70.23 -9.88 -36.80
N CYS C 31 -70.59 -9.06 -35.82
CA CYS C 31 -69.84 -7.86 -35.44
C CYS C 31 -69.91 -7.56 -33.94
N SER C 32 -71.08 -7.80 -33.34
CA SER C 32 -71.36 -7.31 -31.99
C SER C 32 -70.31 -7.70 -30.95
N HIS C 33 -69.51 -8.72 -31.24
CA HIS C 33 -68.49 -9.21 -30.30
C HIS C 33 -67.08 -8.81 -30.72
N LYS C 34 -66.95 -7.84 -31.63
CA LYS C 34 -65.64 -7.42 -32.13
C LYS C 34 -65.60 -5.90 -32.26
N SER C 35 -64.39 -5.36 -32.22
CA SER C 35 -64.17 -3.94 -32.42
C SER C 35 -63.83 -3.67 -33.88
N ILE C 36 -64.37 -2.58 -34.42
CA ILE C 36 -64.17 -2.21 -35.82
C ILE C 36 -63.30 -0.97 -35.86
N SER C 37 -62.28 -0.98 -36.72
CA SER C 37 -61.44 0.16 -36.99
C SER C 37 -61.48 0.49 -38.47
N TRP C 38 -61.23 1.76 -38.80
CA TRP C 38 -61.27 2.25 -40.16
C TRP C 38 -59.95 2.91 -40.52
N TYR C 39 -59.41 2.56 -41.68
CA TYR C 39 -58.12 3.05 -42.15
C TYR C 39 -58.27 3.72 -43.51
N GLN C 40 -57.68 4.90 -43.66
CA GLN C 40 -57.52 5.54 -44.96
C GLN C 40 -56.18 5.10 -45.53
N TRP C 41 -56.22 4.41 -46.68
CA TRP C 41 -55.04 3.77 -47.24
C TRP C 41 -54.91 4.09 -48.72
N PRO C 42 -54.07 5.05 -49.09
CA PRO C 42 -53.71 5.22 -50.50
C PRO C 42 -52.92 4.03 -50.99
N PRO C 43 -53.26 3.48 -52.15
CA PRO C 43 -52.67 2.20 -52.58
C PRO C 43 -51.17 2.30 -52.78
N GLY C 44 -50.43 1.48 -52.02
CA GLY C 44 -49.00 1.41 -52.12
C GLY C 44 -48.22 2.43 -51.33
N ARG C 45 -48.86 3.12 -50.38
CA ARG C 45 -48.21 4.16 -49.60
C ARG C 45 -48.54 3.98 -48.12
N ALA C 46 -47.98 4.86 -47.30
CA ALA C 46 -48.18 4.78 -45.85
C ALA C 46 -49.62 5.10 -45.50
N PRO C 47 -50.34 4.20 -44.82
CA PRO C 47 -51.77 4.44 -44.53
C PRO C 47 -51.99 5.50 -43.45
N THR C 48 -53.19 5.47 -42.85
CA THR C 48 -53.56 6.44 -41.82
C THR C 48 -54.71 5.88 -41.01
N LEU C 49 -54.57 5.91 -39.69
CA LEU C 49 -55.67 5.51 -38.81
C LEU C 49 -56.64 6.66 -38.63
N ILE C 50 -57.93 6.35 -38.65
CA ILE C 50 -58.95 7.40 -38.60
C ILE C 50 -59.98 7.09 -37.52
N ILE C 51 -60.25 5.81 -37.28
CA ILE C 51 -61.30 5.39 -36.35
C ILE C 51 -60.88 4.05 -35.74
N TYR C 52 -61.03 3.92 -34.42
CA TYR C 52 -60.76 2.65 -33.76
C TYR C 52 -61.85 2.35 -32.74
N GLU C 53 -61.93 1.07 -32.36
CA GLU C 53 -63.04 0.48 -31.60
C GLU C 53 -64.36 1.21 -31.83
N ASP C 54 -64.90 1.08 -33.05
CA ASP C 54 -66.23 1.54 -33.46
C ASP C 54 -66.26 3.03 -33.79
N ASN C 55 -66.19 3.89 -32.77
CA ASN C 55 -66.48 5.31 -32.98
C ASN C 55 -65.46 6.25 -32.34
N GLU C 56 -64.25 5.77 -32.07
CA GLU C 56 -63.21 6.60 -31.47
C GLU C 56 -62.32 7.17 -32.57
N ARG C 57 -62.03 8.45 -32.49
CA ARG C 57 -61.22 9.13 -33.51
C ARG C 57 -59.77 9.19 -33.06
N ALA C 58 -58.85 8.86 -33.98
CA ALA C 58 -57.42 8.91 -33.69
C ALA C 58 -57.01 10.36 -33.43
N PRO C 59 -55.80 10.57 -32.86
CA PRO C 59 -55.34 11.93 -32.60
C PRO C 59 -55.19 12.73 -33.89
N GLY C 60 -55.55 14.01 -33.81
CA GLY C 60 -55.46 14.91 -34.93
C GLY C 60 -56.54 14.76 -35.97
N ILE C 61 -57.35 13.69 -35.90
CA ILE C 61 -58.36 13.44 -36.92
C ILE C 61 -59.45 14.50 -36.84
N SER C 62 -59.81 15.07 -37.99
CA SER C 62 -60.83 16.10 -38.03
C SER C 62 -62.18 15.52 -37.57
N PRO C 63 -63.01 16.35 -36.92
CA PRO C 63 -64.27 15.82 -36.36
C PRO C 63 -65.31 15.47 -37.42
N ARG C 64 -64.94 15.54 -38.70
CA ARG C 64 -65.87 15.18 -39.76
C ARG C 64 -66.04 13.67 -39.89
N PHE C 65 -65.02 12.91 -39.51
CA PHE C 65 -65.06 11.46 -39.64
C PHE C 65 -65.86 10.87 -38.48
N SER C 66 -66.78 9.97 -38.81
CA SER C 66 -67.64 9.36 -37.80
C SER C 66 -67.79 7.87 -38.08
N GLY C 67 -67.91 7.09 -37.02
CA GLY C 67 -68.07 5.66 -37.12
C GLY C 67 -69.32 5.20 -36.40
N TYR C 68 -69.98 4.20 -36.97
CA TYR C 68 -71.17 3.61 -36.38
C TYR C 68 -71.05 2.10 -36.51
N LYS C 69 -71.83 1.39 -35.68
CA LYS C 69 -71.76 -0.07 -35.68
C LYS C 69 -73.08 -0.63 -35.14
N SER C 70 -73.93 -1.10 -36.03
CA SER C 70 -75.08 -1.90 -35.62
C SER C 70 -74.60 -3.29 -35.20
N TYR C 71 -75.55 -4.13 -34.80
CA TYR C 71 -75.18 -5.48 -34.36
C TYR C 71 -74.72 -6.36 -35.52
N TRP C 72 -74.84 -5.89 -36.77
CA TRP C 72 -74.54 -6.72 -37.92
C TRP C 72 -73.64 -6.05 -38.96
N SER C 73 -73.32 -4.76 -38.81
CA SER C 73 -72.46 -4.08 -39.76
C SER C 73 -71.92 -2.79 -39.14
N ALA C 74 -70.87 -2.28 -39.74
CA ALA C 74 -70.23 -1.04 -39.31
C ALA C 74 -70.09 -0.10 -40.49
N TYR C 75 -70.32 1.19 -40.24
CA TYR C 75 -70.33 2.21 -41.28
C TYR C 75 -69.25 3.25 -41.00
N LEU C 76 -68.83 3.94 -42.05
CA LEU C 76 -67.86 5.03 -41.96
C LEU C 76 -68.42 6.24 -42.69
N THR C 77 -68.95 7.21 -41.93
CA THR C 77 -69.53 8.42 -42.50
C THR C 77 -68.44 9.46 -42.71
N ILE C 78 -68.28 9.92 -43.94
CA ILE C 78 -67.30 10.95 -44.26
C ILE C 78 -68.03 12.21 -44.67
N SER C 79 -68.46 12.99 -43.69
CA SER C 79 -69.24 14.19 -43.96
C SER C 79 -68.34 15.33 -44.44
N ASP C 80 -68.92 16.19 -45.28
CA ASP C 80 -68.21 17.32 -45.88
C ASP C 80 -66.93 16.87 -46.57
N LEU C 81 -67.07 16.33 -47.78
CA LEU C 81 -65.91 15.81 -48.50
C LEU C 81 -64.96 16.94 -48.90
N ARG C 82 -63.72 16.56 -49.18
CA ARG C 82 -62.67 17.46 -49.65
C ARG C 82 -61.90 16.76 -50.76
N PRO C 83 -61.06 17.47 -51.53
CA PRO C 83 -60.30 16.78 -52.59
C PRO C 83 -59.42 15.65 -52.09
N GLU C 84 -58.74 15.84 -50.96
CA GLU C 84 -57.79 14.84 -50.48
C GLU C 84 -58.44 13.55 -50.01
N ASP C 85 -59.77 13.52 -49.83
CA ASP C 85 -60.45 12.33 -49.34
C ASP C 85 -60.70 11.29 -50.42
N GLU C 86 -60.21 11.52 -51.65
CA GLU C 86 -60.39 10.56 -52.74
C GLU C 86 -59.35 9.45 -52.61
N THR C 87 -59.71 8.39 -51.91
CA THR C 87 -58.81 7.25 -51.69
C THR C 87 -59.65 5.98 -51.64
N THR C 88 -59.00 4.88 -51.25
CA THR C 88 -59.65 3.64 -50.88
C THR C 88 -59.75 3.57 -49.36
N TYR C 89 -60.67 2.74 -48.88
CA TYR C 89 -60.89 2.61 -47.44
C TYR C 89 -61.09 1.15 -47.08
N TYR C 90 -60.58 0.76 -45.91
CA TYR C 90 -60.67 -0.60 -45.41
C TYR C 90 -61.06 -0.58 -43.94
N CYS C 91 -61.74 -1.62 -43.50
CA CYS C 91 -62.16 -1.76 -42.12
C CYS C 91 -61.46 -2.95 -41.48
N CYS C 92 -61.22 -2.85 -40.17
CA CYS C 92 -60.63 -3.92 -39.37
C CYS C 92 -61.70 -4.62 -38.55
N SER C 93 -61.33 -5.79 -38.02
CA SER C 93 -62.21 -6.56 -37.14
C SER C 93 -61.32 -7.31 -36.16
N TYR C 94 -61.24 -6.79 -34.93
CA TYR C 94 -60.28 -7.28 -33.96
C TYR C 94 -60.89 -7.26 -32.57
N THR C 95 -60.25 -7.99 -31.66
CA THR C 95 -60.57 -8.00 -30.24
C THR C 95 -59.44 -7.31 -29.47
N HIS C 96 -59.33 -7.63 -28.18
CA HIS C 96 -58.23 -7.08 -27.40
C HIS C 96 -56.93 -7.85 -27.61
N ASN C 97 -57.02 -9.17 -27.83
CA ASN C 97 -55.85 -10.02 -28.07
C ASN C 97 -56.07 -10.80 -29.37
N SER C 98 -55.76 -10.15 -30.49
CA SER C 98 -55.89 -10.81 -31.80
C SER C 98 -55.14 -10.03 -32.87
N GLY C 99 -55.55 -10.24 -34.13
CA GLY C 99 -55.01 -9.49 -35.23
C GLY C 99 -56.14 -9.03 -36.15
N CYS C 100 -55.84 -7.98 -36.92
CA CYS C 100 -56.85 -7.38 -37.78
C CYS C 100 -57.26 -8.33 -38.90
N VAL C 101 -58.56 -8.38 -39.17
CA VAL C 101 -59.12 -9.03 -40.34
C VAL C 101 -59.65 -7.92 -41.24
N PHE C 102 -58.88 -7.57 -42.26
CA PHE C 102 -59.21 -6.42 -43.09
C PHE C 102 -60.36 -6.75 -44.03
N GLY C 103 -60.84 -5.71 -44.73
CA GLY C 103 -61.97 -5.84 -45.62
C GLY C 103 -61.55 -5.98 -47.09
N THR C 104 -62.57 -6.09 -47.95
CA THR C 104 -62.31 -6.25 -49.37
C THR C 104 -61.78 -4.95 -49.99
N GLY C 105 -62.44 -3.83 -49.72
CA GLY C 105 -62.01 -2.55 -50.22
C GLY C 105 -63.15 -1.72 -50.77
N THR C 106 -63.10 -0.40 -50.51
CA THR C 106 -64.10 0.54 -50.99
C THR C 106 -63.41 1.84 -51.36
N LYS C 107 -63.60 2.28 -52.60
CA LYS C 107 -63.00 3.49 -53.13
C LYS C 107 -64.08 4.57 -53.28
N VAL C 108 -63.62 5.83 -53.31
CA VAL C 108 -64.50 6.98 -53.35
C VAL C 108 -63.85 8.07 -54.20
N SER C 109 -64.63 9.09 -54.54
CA SER C 109 -64.12 10.26 -55.26
C SER C 109 -65.16 11.37 -55.14
N VAL C 110 -64.77 12.55 -55.60
CA VAL C 110 -65.61 13.74 -55.53
C VAL C 110 -65.94 14.25 -56.93
N GLY D 1 -68.75 14.14 -20.66
CA GLY D 1 -68.39 15.18 -19.72
C GLY D 1 -67.24 14.77 -18.81
N LEU D 2 -66.12 15.48 -18.93
CA LEU D 2 -64.93 15.22 -18.13
C LEU D 2 -64.76 16.31 -17.09
N TRP D 3 -64.36 15.91 -15.88
CA TRP D 3 -64.21 16.81 -14.75
C TRP D 3 -62.88 16.53 -14.05
N VAL D 4 -62.33 17.57 -13.41
CA VAL D 4 -61.07 17.42 -12.69
C VAL D 4 -61.24 16.42 -11.56
N THR D 5 -60.27 15.51 -11.44
CA THR D 5 -60.21 14.55 -10.34
C THR D 5 -58.85 14.63 -9.68
N VAL D 6 -58.83 14.82 -8.37
CA VAL D 6 -57.58 14.98 -7.62
C VAL D 6 -57.11 13.61 -7.15
N TYR D 7 -55.82 13.34 -7.36
CA TYR D 7 -55.18 12.11 -6.94
C TYR D 7 -54.07 12.44 -5.95
N TYR D 8 -54.10 11.80 -4.79
CA TYR D 8 -53.08 11.96 -3.77
C TYR D 8 -52.17 10.73 -3.80
N GLY D 9 -50.92 10.93 -4.20
CA GLY D 9 -49.97 9.85 -4.26
C GLY D 9 -49.79 9.32 -5.67
N VAL D 10 -49.23 10.13 -6.55
CA VAL D 10 -49.05 9.75 -7.95
C VAL D 10 -47.57 9.49 -8.23
N PRO D 11 -47.24 8.46 -9.03
CA PRO D 11 -45.83 8.19 -9.35
C PRO D 11 -45.21 9.28 -10.21
N VAL D 12 -44.93 10.45 -9.62
CA VAL D 12 -44.26 11.54 -10.31
C VAL D 12 -43.32 12.21 -9.32
N TRP D 13 -42.18 12.68 -9.81
CA TRP D 13 -41.14 13.25 -8.97
C TRP D 13 -40.50 14.43 -9.66
N ARG D 14 -39.92 15.32 -8.86
CA ARG D 14 -39.19 16.47 -9.36
C ARG D 14 -37.70 16.26 -9.11
N GLU D 15 -36.92 17.33 -9.24
CA GLU D 15 -35.48 17.30 -9.00
C GLU D 15 -35.12 18.50 -8.13
N ALA D 16 -34.86 18.24 -6.84
CA ALA D 16 -34.54 19.29 -5.89
C ALA D 16 -33.31 18.91 -5.09
N LYS D 17 -32.87 19.85 -4.25
CA LYS D 17 -31.70 19.66 -3.40
C LYS D 17 -32.14 19.72 -1.95
N THR D 18 -31.96 18.62 -1.23
CA THR D 18 -32.32 18.53 0.17
C THR D 18 -31.08 18.21 1.00
N THR D 19 -31.27 18.22 2.32
CA THR D 19 -30.19 17.88 3.26
C THR D 19 -30.29 16.40 3.59
N LEU D 20 -29.26 15.65 3.23
CA LEU D 20 -29.21 14.22 3.53
C LEU D 20 -28.69 14.00 4.94
N PHE D 21 -29.18 12.93 5.58
CA PHE D 21 -28.72 12.54 6.89
C PHE D 21 -28.05 11.18 6.81
N CYS D 22 -27.26 10.87 7.84
CA CYS D 22 -26.41 9.69 7.84
C CYS D 22 -27.04 8.56 8.66
N ALA D 23 -27.00 7.36 8.11
CA ALA D 23 -27.28 6.13 8.83
C ALA D 23 -26.02 5.29 8.88
N SER D 24 -25.94 4.43 9.90
CA SER D 24 -24.74 3.63 10.12
C SER D 24 -25.13 2.23 10.54
N ASP D 25 -24.21 1.29 10.31
CA ASP D 25 -24.43 -0.10 10.67
C ASP D 25 -24.17 -0.28 12.17
N ALA D 26 -24.18 -1.53 12.64
CA ALA D 26 -23.97 -1.84 14.05
C ALA D 26 -22.48 -1.73 14.36
N LYS D 27 -22.03 -0.50 14.57
CA LYS D 27 -20.64 -0.18 14.90
C LYS D 27 -19.67 -0.76 13.87
N VAL D 33 -18.68 5.20 17.22
CA VAL D 33 -18.11 4.83 18.51
C VAL D 33 -16.97 5.76 18.89
N HIS D 34 -16.01 5.94 17.98
CA HIS D 34 -14.82 6.70 18.29
C HIS D 34 -14.12 7.24 17.04
N ASN D 35 -14.87 7.45 15.95
CA ASN D 35 -14.27 7.93 14.72
C ASN D 35 -14.88 9.26 14.31
N VAL D 36 -14.10 10.05 13.55
CA VAL D 36 -14.51 11.39 13.19
C VAL D 36 -15.62 11.38 12.14
N TRP D 37 -15.74 10.31 11.36
CA TRP D 37 -16.73 10.23 10.28
C TRP D 37 -18.15 10.24 10.83
N ALA D 38 -18.58 9.12 11.39
CA ALA D 38 -19.95 9.00 11.89
C ALA D 38 -19.92 8.19 13.18
N THR D 39 -19.84 8.90 14.30
CA THR D 39 -19.91 8.25 15.60
C THR D 39 -21.34 7.79 15.89
N HIS D 40 -21.75 7.80 17.16
CA HIS D 40 -23.12 7.46 17.53
C HIS D 40 -24.11 8.47 16.95
N ALA D 41 -23.61 9.41 16.16
CA ALA D 41 -24.41 10.49 15.60
C ALA D 41 -25.53 9.97 14.69
N CYS D 42 -25.31 8.85 14.02
CA CYS D 42 -26.20 8.40 12.96
C CYS D 42 -27.15 7.33 13.46
N VAL D 43 -28.31 7.26 12.81
CA VAL D 43 -29.34 6.28 13.13
C VAL D 43 -28.86 4.91 12.65
N PRO D 44 -29.35 3.81 13.22
CA PRO D 44 -28.96 2.49 12.71
C PRO D 44 -29.55 2.22 11.35
N THR D 45 -28.78 1.51 10.53
CA THR D 45 -29.25 1.11 9.21
C THR D 45 -30.17 -0.09 9.33
N ASP D 46 -31.33 -0.01 8.68
CA ASP D 46 -32.21 -1.17 8.54
C ASP D 46 -31.40 -2.34 7.97
N PRO D 47 -31.30 -3.47 8.70
CA PRO D 47 -30.47 -4.57 8.21
C PRO D 47 -30.86 -5.07 6.83
N ASN D 48 -32.07 -4.77 6.36
CA ASN D 48 -32.51 -5.11 5.00
C ASN D 48 -32.80 -3.80 4.26
N PRO D 49 -31.80 -3.20 3.62
CA PRO D 49 -32.08 -2.02 2.78
C PRO D 49 -33.08 -2.33 1.68
N GLN D 50 -34.29 -1.81 1.82
CA GLN D 50 -35.38 -2.15 0.90
C GLN D 50 -35.22 -1.37 -0.40
N GLU D 51 -35.16 -2.10 -1.51
CA GLU D 51 -35.04 -1.51 -2.84
C GLU D 51 -36.15 -2.08 -3.72
N LEU D 52 -37.02 -1.22 -4.23
CA LEU D 52 -38.03 -1.62 -5.18
C LEU D 52 -37.68 -1.08 -6.56
N VAL D 53 -37.87 -1.90 -7.58
CA VAL D 53 -37.44 -1.59 -8.93
C VAL D 53 -38.53 -0.78 -9.63
N LEU D 54 -38.13 0.32 -10.27
CA LEU D 54 -39.04 1.13 -11.07
C LEU D 54 -39.09 0.54 -12.47
N GLU D 55 -40.10 -0.29 -12.73
CA GLU D 55 -40.26 -0.88 -14.05
C GLU D 55 -40.66 0.17 -15.06
N ASN D 56 -40.14 0.04 -16.29
CA ASN D 56 -40.50 0.90 -17.42
C ASN D 56 -40.02 2.33 -17.26
N VAL D 57 -38.92 2.54 -16.52
CA VAL D 57 -38.47 3.89 -16.17
C VAL D 57 -37.05 4.10 -16.67
N THR D 58 -36.81 5.30 -17.21
CA THR D 58 -35.46 5.78 -17.48
C THR D 58 -35.31 7.17 -16.88
N GLU D 59 -34.09 7.52 -16.49
CA GLU D 59 -33.81 8.79 -15.84
C GLU D 59 -32.48 9.36 -16.34
N ASN D 60 -32.37 10.68 -16.27
CA ASN D 60 -31.17 11.40 -16.71
C ASN D 60 -30.31 11.71 -15.48
N PHE D 61 -29.27 10.90 -15.28
CA PHE D 61 -28.31 11.16 -14.22
C PHE D 61 -27.20 12.07 -14.74
N ASN D 62 -26.54 12.75 -13.79
CA ASN D 62 -25.35 13.56 -14.09
C ASN D 62 -24.53 13.62 -12.81
N MET D 63 -23.59 12.67 -12.68
CA MET D 63 -22.73 12.62 -11.50
C MET D 63 -21.91 13.88 -11.31
N TRP D 64 -21.73 14.68 -12.37
CA TRP D 64 -20.89 15.86 -12.30
C TRP D 64 -21.66 17.12 -11.91
N LYS D 65 -22.98 17.09 -12.00
CA LYS D 65 -23.85 18.13 -11.45
C LYS D 65 -24.78 17.54 -10.40
N ASN D 66 -24.26 16.64 -9.58
CA ASN D 66 -24.99 16.08 -8.46
C ASN D 66 -24.79 16.98 -7.24
N ASP D 67 -25.77 16.93 -6.32
CA ASP D 67 -25.67 17.68 -5.08
C ASP D 67 -25.35 16.82 -3.87
N MET D 68 -25.54 15.50 -3.96
CA MET D 68 -25.09 14.62 -2.88
C MET D 68 -23.58 14.67 -2.73
N VAL D 69 -22.86 14.91 -3.84
CA VAL D 69 -21.41 15.01 -3.78
C VAL D 69 -21.00 16.32 -3.10
N ASP D 70 -21.49 17.44 -3.61
CA ASP D 70 -21.18 18.73 -3.01
C ASP D 70 -21.65 18.81 -1.56
N GLN D 71 -22.67 18.03 -1.20
CA GLN D 71 -23.13 17.97 0.18
C GLN D 71 -22.27 17.02 1.01
N MET D 72 -21.79 15.93 0.41
CA MET D 72 -20.89 15.04 1.14
C MET D 72 -19.52 15.68 1.34
N HIS D 73 -19.00 16.35 0.31
CA HIS D 73 -17.70 17.01 0.42
C HIS D 73 -17.70 18.00 1.58
N GLU D 74 -18.78 18.76 1.72
CA GLU D 74 -18.88 19.70 2.84
C GLU D 74 -19.19 19.00 4.15
N ASP D 75 -19.95 17.90 4.11
CA ASP D 75 -20.23 17.14 5.33
C ASP D 75 -18.96 16.59 5.94
N ILE D 76 -18.10 16.00 5.11
CA ILE D 76 -16.83 15.45 5.61
C ILE D 76 -15.99 16.56 6.22
N ILE D 77 -15.90 17.70 5.53
CA ILE D 77 -15.10 18.81 6.03
C ILE D 77 -15.69 19.36 7.33
N SER D 78 -17.02 19.45 7.40
CA SER D 78 -17.67 19.90 8.63
C SER D 78 -17.53 18.91 9.77
N LEU D 79 -17.10 17.67 9.49
CA LEU D 79 -16.93 16.67 10.52
C LEU D 79 -15.63 16.88 11.27
N TRP D 80 -14.52 17.02 10.55
CA TRP D 80 -13.23 17.22 11.21
C TRP D 80 -13.21 18.53 11.98
N ASP D 81 -13.85 19.57 11.44
CA ASP D 81 -13.84 20.87 12.09
C ASP D 81 -14.49 20.79 13.47
N GLN D 82 -15.51 19.95 13.62
CA GLN D 82 -16.13 19.81 14.93
C GLN D 82 -15.34 18.87 15.84
N SER D 83 -14.62 17.91 15.26
CA SER D 83 -13.82 17.01 16.07
C SER D 83 -12.49 17.64 16.46
N LEU D 84 -11.96 18.54 15.64
CA LEU D 84 -10.76 19.29 16.00
C LEU D 84 -11.06 20.52 16.84
N LYS D 85 -12.34 20.84 17.06
CA LYS D 85 -12.69 22.01 17.85
C LYS D 85 -12.24 21.91 19.31
N PRO D 86 -12.41 20.80 20.02
CA PRO D 86 -11.97 20.75 21.42
C PRO D 86 -10.52 20.36 21.64
N CYS D 87 -9.78 19.96 20.60
CA CYS D 87 -8.46 19.38 20.79
C CYS D 87 -7.44 20.47 21.10
N VAL D 88 -6.17 20.07 21.20
CA VAL D 88 -5.10 20.90 21.74
C VAL D 88 -4.37 21.62 20.61
N LYS D 89 -4.00 22.88 20.86
CA LYS D 89 -3.24 23.67 19.90
C LYS D 89 -1.74 23.45 20.12
N LEU D 90 -0.99 23.44 19.02
CA LEU D 90 0.46 23.41 19.08
C LEU D 90 1.08 24.78 18.84
N THR D 91 0.31 25.85 19.06
CA THR D 91 0.85 27.19 18.91
C THR D 91 2.06 27.47 19.81
N PRO D 92 2.16 26.96 21.05
CA PRO D 92 3.41 27.16 21.81
C PRO D 92 4.60 26.41 21.23
N LEU D 93 4.37 25.37 20.44
CA LEU D 93 5.47 24.60 19.87
C LEU D 93 6.16 25.32 18.72
N CYS D 94 5.59 26.41 18.21
CA CYS D 94 6.24 27.16 17.13
C CYS D 94 7.43 27.96 17.65
N VAL D 95 8.40 27.28 18.26
CA VAL D 95 9.60 27.94 18.76
C VAL D 95 10.76 27.63 17.83
N THR D 96 11.98 27.94 18.26
CA THR D 96 13.18 27.61 17.50
C THR D 96 13.62 26.19 17.85
N LEU D 97 14.05 25.44 16.84
CA LEU D 97 14.43 24.04 17.00
C LEU D 97 15.91 23.89 16.65
N ASN D 98 16.67 23.34 17.60
CA ASN D 98 18.07 22.99 17.37
C ASN D 98 18.10 21.50 16.99
N CYS D 99 18.26 21.22 15.71
CA CYS D 99 18.06 19.89 15.15
C CYS D 99 19.38 19.23 14.76
N SER D 100 19.32 17.91 14.63
CA SER D 100 20.42 17.11 14.11
C SER D 100 19.84 15.84 13.52
N ASP D 101 20.63 15.19 12.66
CA ASP D 101 20.19 13.97 12.02
C ASP D 101 20.23 12.80 12.99
N ALA D 102 19.25 11.91 12.88
CA ALA D 102 19.17 10.74 13.75
C ALA D 102 20.21 9.69 13.35
N GLU D 113 19.00 12.89 6.10
CA GLU D 113 18.09 14.02 6.28
C GLU D 113 16.64 13.59 6.05
N GLU D 114 16.36 12.31 6.33
CA GLU D 114 15.00 11.80 6.20
C GLU D 114 14.15 12.18 7.41
N ILE D 115 14.66 11.91 8.61
CA ILE D 115 14.04 12.36 9.85
C ILE D 115 15.12 12.94 10.75
N LYS D 116 14.69 13.75 11.71
CA LYS D 116 15.61 14.55 12.51
C LYS D 116 15.37 14.33 13.99
N ASN D 117 16.43 14.45 14.77
CA ASN D 117 16.35 14.50 16.23
C ASN D 117 16.54 15.97 16.63
N CYS D 118 15.45 16.60 17.06
CA CYS D 118 15.41 18.04 17.29
C CYS D 118 15.20 18.34 18.76
N SER D 119 15.92 19.35 19.26
CA SER D 119 15.75 19.85 20.61
C SER D 119 15.11 21.24 20.57
N PHE D 120 14.33 21.55 21.59
CA PHE D 120 13.68 22.85 21.68
C PHE D 120 13.42 23.20 23.13
N ASN D 121 13.44 24.49 23.42
CA ASN D 121 13.05 25.00 24.73
C ASN D 121 11.53 25.08 24.81
N ALA D 122 10.96 24.47 25.85
CA ALA D 122 9.51 24.31 25.95
C ALA D 122 9.00 24.81 27.30
N THR D 123 7.80 25.38 27.29
CA THR D 123 7.13 25.76 28.52
C THR D 123 6.75 24.52 29.31
N THR D 124 6.76 24.65 30.63
CA THR D 124 6.46 23.53 31.52
C THR D 124 5.08 23.74 32.16
N GLU D 125 4.77 22.87 33.13
CA GLU D 125 3.51 23.00 33.87
C GLU D 125 3.36 24.36 34.51
N LEU D 126 4.47 25.03 34.80
CA LEU D 126 4.46 26.40 35.29
C LEU D 126 4.77 27.36 34.15
N ARG D 127 4.25 28.58 34.26
CA ARG D 127 4.30 29.52 33.16
C ARG D 127 5.67 30.21 33.03
N ASP D 128 6.45 30.26 34.10
CA ASP D 128 7.74 30.95 34.06
C ASP D 128 8.93 30.02 33.88
N LYS D 129 8.83 28.76 34.31
CA LYS D 129 9.94 27.83 34.16
C LYS D 129 9.97 27.26 32.74
N LYS D 130 11.18 27.17 32.19
CA LYS D 130 11.40 26.62 30.87
C LYS D 130 12.10 25.27 30.98
N ARG D 131 11.78 24.39 30.04
CA ARG D 131 12.40 23.07 29.96
C ARG D 131 13.03 22.89 28.59
N ARG D 132 14.09 22.08 28.53
CA ARG D 132 14.74 21.75 27.27
C ARG D 132 14.34 20.32 26.89
N GLU D 133 13.50 20.20 25.87
CA GLU D 133 12.99 18.92 25.42
C GLU D 133 13.60 18.58 24.06
N TYR D 134 13.62 17.28 23.75
CA TYR D 134 13.95 16.82 22.41
C TYR D 134 12.79 16.00 21.86
N ALA D 135 12.70 15.98 20.53
CA ALA D 135 11.64 15.23 19.87
C ALA D 135 12.07 14.95 18.44
N LEU D 136 11.64 13.79 17.93
CA LEU D 136 11.92 13.45 16.54
C LEU D 136 10.89 14.11 15.64
N PHE D 137 11.34 14.51 14.46
CA PHE D 137 10.47 15.18 13.49
C PHE D 137 10.85 14.73 12.09
N TYR D 138 9.84 14.37 11.29
CA TYR D 138 10.09 14.08 9.90
C TYR D 138 10.59 15.33 9.19
N ARG D 139 11.47 15.13 8.20
CA ARG D 139 12.04 16.26 7.48
C ARG D 139 10.97 17.06 6.75
N LEU D 140 9.90 16.41 6.32
CA LEU D 140 8.87 17.09 5.54
C LEU D 140 8.08 18.09 6.39
N ASP D 141 7.93 17.80 7.69
CA ASP D 141 7.16 18.64 8.60
C ASP D 141 7.98 19.80 9.16
N ILE D 142 9.08 20.17 8.50
CA ILE D 142 10.00 21.15 9.05
C ILE D 142 10.67 21.89 7.90
N VAL D 143 10.98 23.16 8.14
CA VAL D 143 11.65 23.98 7.13
C VAL D 143 12.94 24.53 7.70
N PRO D 144 14.00 24.65 6.90
CA PRO D 144 15.26 25.24 7.40
C PRO D 144 15.17 26.76 7.34
N LEU D 145 15.19 27.39 8.50
CA LEU D 145 15.07 28.84 8.52
C LEU D 145 16.40 29.50 8.16
N SER D 146 16.31 30.76 7.72
CA SER D 146 17.43 31.56 7.25
C SER D 146 18.74 31.34 8.00
N ASN D 152 22.97 27.47 11.67
CA ASN D 152 23.69 26.48 12.45
C ASN D 152 22.77 25.32 12.86
N SER D 153 22.10 24.74 11.85
CA SER D 153 21.19 23.61 12.05
C SER D 153 20.03 23.98 12.97
N GLU D 154 19.51 25.19 12.82
CA GLU D 154 18.30 25.63 13.50
C GLU D 154 17.13 25.54 12.54
N TYR D 155 16.04 24.95 12.99
CA TYR D 155 14.89 24.63 12.15
C TYR D 155 13.61 25.23 12.72
N ARG D 156 12.49 24.91 12.09
CA ARG D 156 11.20 25.51 12.41
C ARG D 156 10.10 24.66 11.79
N LEU D 157 9.01 24.46 12.53
CA LEU D 157 7.86 23.73 12.01
C LEU D 157 7.39 24.35 10.69
N ILE D 158 6.96 23.48 9.78
CA ILE D 158 6.68 23.91 8.41
C ILE D 158 5.49 24.87 8.36
N ASN D 159 4.45 24.60 9.13
CA ASN D 159 3.28 25.47 9.09
C ASN D 159 3.15 26.29 10.36
N CYS D 160 4.13 27.16 10.63
CA CYS D 160 3.98 28.23 11.58
C CYS D 160 4.03 29.60 10.91
N ASN D 161 4.45 29.66 9.64
CA ASN D 161 4.56 30.92 8.93
C ASN D 161 3.26 31.35 8.26
N THR D 162 2.17 30.58 8.41
CA THR D 162 0.95 30.92 7.70
C THR D 162 -0.31 30.25 8.22
N SER D 163 -0.23 29.50 9.32
CA SER D 163 -1.42 28.75 9.74
C SER D 163 -1.37 28.43 11.22
N VAL D 164 -2.53 28.07 11.75
CA VAL D 164 -2.69 27.63 13.13
C VAL D 164 -2.73 26.10 13.12
N ILE D 165 -1.98 25.48 14.03
CA ILE D 165 -1.83 24.03 14.06
C ILE D 165 -2.68 23.47 15.20
N THR D 166 -3.41 22.40 14.90
CA THR D 166 -4.28 21.74 15.87
C THR D 166 -3.98 20.25 15.86
N GLN D 167 -3.63 19.70 17.01
CA GLN D 167 -3.33 18.28 17.14
C GLN D 167 -4.61 17.47 17.29
N ILE D 168 -4.67 16.35 16.57
CA ILE D 168 -5.80 15.44 16.72
C ILE D 168 -5.84 14.91 18.15
N CYS D 169 -7.01 14.99 18.78
CA CYS D 169 -7.25 14.32 20.04
C CYS D 169 -6.86 12.85 19.89
N PRO D 170 -5.85 12.37 20.63
CA PRO D 170 -5.20 11.10 20.27
C PRO D 170 -6.08 9.87 20.46
N LYS D 171 -7.37 10.06 20.69
CA LYS D 171 -8.29 8.94 20.87
C LYS D 171 -9.17 8.70 19.65
N VAL D 172 -9.61 9.76 18.97
CA VAL D 172 -10.42 9.59 17.77
C VAL D 172 -9.57 8.96 16.66
N THR D 173 -10.22 8.14 15.85
CA THR D 173 -9.56 7.43 14.76
C THR D 173 -10.20 7.79 13.43
N PHE D 174 -9.40 7.77 12.37
CA PHE D 174 -9.88 8.03 11.02
C PHE D 174 -10.14 6.74 10.25
N ASP D 175 -10.63 5.70 10.91
CA ASP D 175 -10.89 4.46 10.20
C ASP D 175 -12.13 4.63 9.35
N PRO D 176 -12.03 4.47 8.03
CA PRO D 176 -13.21 4.66 7.16
C PRO D 176 -14.22 3.55 7.35
N ILE D 177 -15.43 3.91 7.79
CA ILE D 177 -16.52 2.95 7.97
C ILE D 177 -17.66 3.33 7.03
N PRO D 178 -18.52 2.39 6.64
CA PRO D 178 -19.58 2.71 5.67
C PRO D 178 -20.52 3.81 6.18
N ILE D 179 -20.76 4.79 5.31
CA ILE D 179 -21.72 5.87 5.56
C ILE D 179 -22.94 5.62 4.69
N HIS D 180 -24.12 5.63 5.31
CA HIS D 180 -25.38 5.50 4.59
C HIS D 180 -26.03 6.88 4.49
N TYR D 181 -26.05 7.44 3.29
CA TYR D 181 -26.70 8.72 3.04
C TYR D 181 -28.16 8.47 2.69
N CYS D 182 -29.06 8.94 3.54
CA CYS D 182 -30.49 8.78 3.34
C CYS D 182 -31.14 10.13 3.05
N ALA D 183 -32.22 10.09 2.29
CA ALA D 183 -33.04 11.25 1.95
C ALA D 183 -34.21 11.36 2.93
N PRO D 184 -34.66 12.58 3.21
CA PRO D 184 -35.77 12.75 4.14
C PRO D 184 -37.05 12.12 3.61
N ALA D 185 -38.04 12.00 4.50
CA ALA D 185 -39.37 11.56 4.07
C ALA D 185 -39.94 12.55 3.09
N GLY D 186 -40.79 12.06 2.18
CA GLY D 186 -41.27 12.88 1.10
C GLY D 186 -40.25 13.14 0.00
N TYR D 187 -39.06 12.56 0.11
CA TYR D 187 -38.05 12.58 -0.93
C TYR D 187 -37.70 11.15 -1.31
N ALA D 188 -36.89 11.00 -2.36
CA ALA D 188 -36.51 9.67 -2.83
C ALA D 188 -35.10 9.71 -3.39
N ILE D 189 -34.51 8.52 -3.53
CA ILE D 189 -33.20 8.34 -4.13
C ILE D 189 -33.34 7.38 -5.29
N LEU D 190 -32.93 7.82 -6.48
CA LEU D 190 -33.00 7.01 -7.68
C LEU D 190 -31.62 6.46 -7.99
N LYS D 191 -31.55 5.14 -8.21
CA LYS D 191 -30.30 4.44 -8.45
C LYS D 191 -30.28 3.85 -9.84
N CYS D 192 -29.21 4.12 -10.58
CA CYS D 192 -28.98 3.49 -11.87
C CYS D 192 -28.34 2.13 -11.67
N ASN D 193 -28.70 1.18 -12.54
CA ASN D 193 -28.10 -0.15 -12.45
C ASN D 193 -27.69 -0.70 -13.82
N ASN D 194 -27.56 0.14 -14.84
CA ASN D 194 -26.93 -0.29 -16.08
C ASN D 194 -25.43 -0.39 -15.86
N LYS D 195 -24.89 -1.61 -15.97
CA LYS D 195 -23.51 -1.88 -15.60
C LYS D 195 -22.52 -1.35 -16.63
N THR D 196 -22.96 -0.42 -17.47
CA THR D 196 -22.12 0.26 -18.45
C THR D 196 -22.31 1.77 -18.37
N PHE D 197 -23.05 2.24 -17.36
CA PHE D 197 -23.48 3.63 -17.29
C PHE D 197 -22.31 4.59 -17.36
N ASN D 198 -22.34 5.51 -18.34
CA ASN D 198 -21.28 6.49 -18.51
C ASN D 198 -21.13 7.42 -17.32
N GLY D 199 -22.12 7.45 -16.42
CA GLY D 199 -22.18 8.44 -15.37
C GLY D 199 -23.05 9.62 -15.71
N THR D 200 -23.40 9.80 -16.98
CA THR D 200 -24.20 10.93 -17.46
C THR D 200 -25.28 10.41 -18.40
N GLY D 201 -26.44 11.05 -18.33
CA GLY D 201 -27.47 10.85 -19.34
C GLY D 201 -28.51 9.81 -18.96
N PRO D 202 -29.21 9.29 -19.97
CA PRO D 202 -30.33 8.37 -19.70
C PRO D 202 -29.83 7.01 -19.23
N CYS D 203 -30.31 6.59 -18.06
CA CYS D 203 -30.11 5.23 -17.57
C CYS D 203 -31.48 4.60 -17.38
N ASN D 204 -31.64 3.37 -17.87
CA ASN D 204 -32.86 2.60 -17.70
C ASN D 204 -32.69 1.64 -16.52
N ASN D 205 -33.72 0.84 -16.27
CA ASN D 205 -33.68 -0.19 -15.22
C ASN D 205 -33.53 0.45 -13.84
N VAL D 206 -33.66 1.77 -13.74
CA VAL D 206 -33.57 2.54 -12.50
C VAL D 206 -34.42 1.94 -11.39
N SER D 207 -33.94 2.02 -10.16
CA SER D 207 -34.68 1.59 -8.99
C SER D 207 -34.52 2.64 -7.90
N THR D 208 -35.52 2.73 -7.03
CA THR D 208 -35.50 3.68 -5.93
C THR D 208 -35.10 2.97 -4.64
N VAL D 209 -34.38 3.70 -3.79
CA VAL D 209 -33.96 3.23 -2.48
C VAL D 209 -34.19 4.33 -1.47
N GLN D 210 -34.49 3.94 -0.22
CA GLN D 210 -34.61 4.94 0.83
C GLN D 210 -33.24 5.50 1.21
N CYS D 211 -32.21 4.66 1.20
CA CYS D 211 -30.86 5.05 1.56
C CYS D 211 -29.88 4.50 0.54
N THR D 212 -28.75 5.18 0.40
CA THR D 212 -27.67 4.67 -0.43
C THR D 212 -27.01 3.47 0.25
N HIS D 213 -26.15 2.80 -0.51
CA HIS D 213 -25.36 1.73 0.07
C HIS D 213 -24.34 2.28 1.05
N GLY D 214 -23.65 1.38 1.74
CA GLY D 214 -22.57 1.79 2.63
C GLY D 214 -21.43 2.36 1.82
N ILE D 215 -21.03 3.60 2.14
CA ILE D 215 -19.97 4.30 1.42
C ILE D 215 -18.88 4.65 2.42
N LYS D 216 -17.66 4.17 2.16
CA LYS D 216 -16.55 4.48 3.05
C LYS D 216 -15.87 5.77 2.60
N PRO D 217 -15.72 6.75 3.48
CA PRO D 217 -14.96 7.96 3.12
C PRO D 217 -13.46 7.70 3.06
N VAL D 218 -12.98 7.17 1.94
CA VAL D 218 -11.56 6.89 1.75
C VAL D 218 -10.95 8.06 1.00
N VAL D 219 -10.10 8.82 1.69
CA VAL D 219 -9.50 10.03 1.14
C VAL D 219 -8.13 9.64 0.58
N SER D 220 -8.02 9.53 -0.74
CA SER D 220 -6.77 9.21 -1.40
C SER D 220 -6.58 10.16 -2.58
N THR D 221 -5.41 10.03 -3.23
CA THR D 221 -5.05 10.83 -4.38
C THR D 221 -4.50 9.91 -5.46
N GLN D 222 -4.72 10.28 -6.72
CA GLN D 222 -4.26 9.52 -7.87
C GLN D 222 -4.88 8.13 -7.93
N LEU D 223 -4.66 7.32 -6.89
CA LEU D 223 -5.21 5.98 -6.82
C LEU D 223 -6.39 5.95 -5.85
N LEU D 224 -7.49 5.36 -6.28
CA LEU D 224 -8.69 5.24 -5.47
C LEU D 224 -8.63 3.96 -4.65
N LEU D 225 -8.65 4.09 -3.33
CA LEU D 225 -8.48 2.95 -2.43
C LEU D 225 -9.81 2.53 -1.84
N ASN D 226 -9.99 1.21 -1.69
CA ASN D 226 -11.14 0.62 -0.99
C ASN D 226 -12.46 1.16 -1.52
N GLY D 227 -12.59 1.17 -2.85
CA GLY D 227 -13.78 1.66 -3.51
C GLY D 227 -14.62 0.52 -4.09
N SER D 228 -15.67 0.93 -4.79
CA SER D 228 -16.53 -0.03 -5.47
C SER D 228 -15.89 -0.47 -6.78
N LEU D 229 -16.43 -1.54 -7.36
CA LEU D 229 -15.90 -2.13 -8.57
C LEU D 229 -16.98 -2.18 -9.66
N ALA D 230 -16.55 -1.97 -10.90
CA ALA D 230 -17.45 -2.16 -12.03
C ALA D 230 -17.75 -3.63 -12.20
N GLU D 231 -19.01 -3.95 -12.50
CA GLU D 231 -19.40 -5.35 -12.65
C GLU D 231 -18.93 -5.91 -13.98
N GLU D 232 -18.95 -5.11 -15.03
CA GLU D 232 -18.39 -5.47 -16.32
C GLU D 232 -17.61 -4.27 -16.84
N GLU D 233 -16.58 -4.57 -17.65
CA GLU D 233 -15.76 -3.55 -18.29
C GLU D 233 -15.11 -2.63 -17.27
N ILE D 234 -14.53 -1.52 -17.74
CA ILE D 234 -13.91 -0.51 -16.89
C ILE D 234 -14.40 0.85 -17.38
N ILE D 235 -15.24 1.49 -16.58
CA ILE D 235 -16.04 2.62 -17.05
C ILE D 235 -15.25 3.92 -16.87
N ILE D 236 -14.91 4.56 -17.98
CA ILE D 236 -14.31 5.88 -17.95
C ILE D 236 -15.41 6.92 -17.79
N ARG D 237 -15.17 7.92 -16.94
CA ARG D 237 -16.18 8.91 -16.61
C ARG D 237 -15.58 10.31 -16.62
N SER D 238 -16.27 11.25 -17.27
CA SER D 238 -15.93 12.67 -17.19
C SER D 238 -17.04 13.46 -17.87
N GLU D 239 -16.96 14.78 -17.73
CA GLU D 239 -17.90 15.68 -18.40
C GLU D 239 -17.57 15.80 -19.87
N ASN D 240 -16.55 16.61 -20.17
CA ASN D 240 -16.12 16.88 -21.55
C ASN D 240 -14.73 16.26 -21.72
N LEU D 241 -14.67 15.20 -22.53
CA LEU D 241 -13.39 14.57 -22.85
C LEU D 241 -12.65 15.27 -23.99
N THR D 242 -13.23 16.30 -24.59
CA THR D 242 -12.66 16.93 -25.77
C THR D 242 -11.61 17.99 -25.44
N ASP D 243 -11.73 18.67 -24.30
CA ASP D 243 -10.68 19.59 -23.88
C ASP D 243 -9.53 18.82 -23.26
N ASN D 244 -9.24 19.05 -21.98
CA ASN D 244 -8.22 18.29 -21.27
C ASN D 244 -8.34 18.49 -19.76
N VAL D 245 -8.77 19.68 -19.34
CA VAL D 245 -8.80 20.04 -17.92
C VAL D 245 -9.85 19.27 -17.14
N LYS D 246 -10.71 18.49 -17.81
CA LYS D 246 -11.69 17.70 -17.10
C LYS D 246 -11.06 16.40 -16.60
N THR D 247 -11.24 16.11 -15.31
CA THR D 247 -10.60 14.97 -14.69
C THR D 247 -11.26 13.67 -15.14
N ILE D 248 -10.47 12.80 -15.76
CA ILE D 248 -10.94 11.47 -16.11
C ILE D 248 -10.94 10.59 -14.87
N ILE D 249 -12.01 9.83 -14.68
CA ILE D 249 -12.16 8.95 -13.52
C ILE D 249 -12.32 7.53 -14.05
N VAL D 250 -11.29 6.71 -13.86
CA VAL D 250 -11.34 5.32 -14.27
C VAL D 250 -12.02 4.50 -13.19
N HIS D 251 -12.93 3.62 -13.60
CA HIS D 251 -13.48 2.58 -12.74
C HIS D 251 -12.88 1.25 -13.17
N LEU D 252 -12.87 0.29 -12.25
CA LEU D 252 -12.20 -0.98 -12.51
C LEU D 252 -13.10 -2.14 -12.08
N ASN D 253 -12.89 -3.28 -12.73
CA ASN D 253 -13.51 -4.53 -12.31
C ASN D 253 -12.52 -5.47 -11.62
N GLU D 254 -11.23 -5.34 -11.91
CA GLU D 254 -10.18 -6.10 -11.24
C GLU D 254 -9.42 -5.15 -10.32
N SER D 255 -9.43 -5.46 -9.04
CA SER D 255 -8.76 -4.63 -8.04
C SER D 255 -7.34 -5.13 -7.81
N VAL D 256 -6.37 -4.25 -7.98
CA VAL D 256 -4.98 -4.59 -7.66
C VAL D 256 -4.76 -4.34 -6.18
N GLU D 257 -4.20 -5.35 -5.50
CA GLU D 257 -4.01 -5.28 -4.05
C GLU D 257 -2.68 -4.61 -3.75
N ILE D 258 -2.72 -3.48 -3.04
CA ILE D 258 -1.53 -2.74 -2.64
C ILE D 258 -1.26 -3.03 -1.17
N THR D 259 0.01 -2.98 -0.78
CA THR D 259 0.43 -3.26 0.58
C THR D 259 1.44 -2.21 1.01
N CYS D 260 1.07 -1.39 1.98
CA CYS D 260 1.92 -0.31 2.47
C CYS D 260 2.26 -0.54 3.93
N THR D 261 3.38 0.04 4.35
CA THR D 261 3.84 -0.13 5.73
C THR D 261 4.93 0.88 6.04
N ARG D 262 4.92 1.38 7.26
CA ARG D 262 6.03 2.18 7.80
C ARG D 262 6.73 1.34 8.85
N PRO D 263 7.91 0.78 8.56
CA PRO D 263 8.47 -0.26 9.41
C PRO D 263 9.19 0.23 10.66
N ASN D 264 9.40 1.54 10.80
CA ASN D 264 10.16 2.05 11.94
C ASN D 264 9.33 1.90 13.21
N ASN D 265 9.66 0.91 14.03
CA ASN D 265 9.12 0.74 15.37
C ASN D 265 9.27 2.04 16.14
N MET D 266 8.21 2.83 16.24
CA MET D 266 8.29 4.14 16.85
C MET D 266 7.74 4.13 18.28
N THR D 267 8.12 5.15 19.02
CA THR D 267 7.71 5.31 20.42
C THR D 267 6.97 6.63 20.57
N ARG D 268 5.92 6.62 21.34
CA ARG D 268 5.19 7.79 21.64
C ARG D 268 5.81 8.39 22.88
N LYS D 269 5.92 9.70 22.96
CA LYS D 269 6.52 10.36 24.11
C LYS D 269 5.67 11.57 24.46
N SER D 270 5.00 11.52 25.62
CA SER D 270 4.22 12.65 26.08
C SER D 270 5.14 13.76 26.59
N VAL D 271 4.94 14.97 26.08
CA VAL D 271 5.71 16.15 26.51
C VAL D 271 4.78 17.09 27.26
N ARG D 272 5.33 17.75 28.27
CA ARG D 272 4.60 18.74 29.06
C ARG D 272 4.81 20.11 28.45
N ILE D 273 3.74 20.70 27.92
CA ILE D 273 3.81 22.01 27.26
C ILE D 273 2.94 23.05 27.94
N GLY D 274 2.01 22.65 28.81
CA GLY D 274 1.15 23.60 29.49
C GLY D 274 0.13 22.88 30.35
N PRO D 275 -0.64 23.66 31.14
CA PRO D 275 -1.65 23.05 32.02
C PRO D 275 -2.64 22.18 31.26
N GLY D 276 -2.60 20.87 31.53
CA GLY D 276 -3.45 19.92 30.84
C GLY D 276 -3.14 19.74 29.37
N GLN D 277 -2.06 20.33 28.87
CA GLN D 277 -1.70 20.31 27.46
C GLN D 277 -0.48 19.41 27.30
N THR D 278 -0.73 18.13 27.07
CA THR D 278 0.32 17.14 26.83
C THR D 278 0.28 16.78 25.35
N PHE D 279 1.10 17.48 24.55
CA PHE D 279 1.24 17.16 23.15
C PHE D 279 2.13 15.93 22.99
N TYR D 280 1.79 15.07 22.04
CA TYR D 280 2.45 13.79 21.86
C TYR D 280 3.42 13.88 20.68
N ALA D 281 4.69 13.61 20.95
CA ALA D 281 5.77 13.78 19.99
C ALA D 281 6.34 12.44 19.59
N LEU D 282 7.18 12.49 18.55
CA LEU D 282 7.89 11.31 18.06
C LEU D 282 9.06 11.04 19.00
N GLY D 283 8.96 9.95 19.76
CA GLY D 283 9.92 9.67 20.82
C GLY D 283 11.27 9.16 20.35
N ASP D 284 11.31 7.89 19.94
CA ASP D 284 12.57 7.24 19.62
C ASP D 284 12.29 6.10 18.65
N ILE D 285 13.28 5.77 17.83
CA ILE D 285 13.19 4.68 16.88
C ILE D 285 13.87 3.48 17.51
N ILE D 286 13.07 2.52 17.94
CA ILE D 286 13.59 1.27 18.47
C ILE D 286 13.79 0.32 17.30
N GLY D 287 14.97 -0.28 17.22
CA GLY D 287 15.27 -1.19 16.13
C GLY D 287 16.02 -0.54 15.00
N ASP D 288 15.78 -1.00 13.78
CA ASP D 288 16.47 -0.46 12.61
C ASP D 288 15.77 0.81 12.12
N ILE D 289 16.54 1.64 11.41
CA ILE D 289 15.98 2.74 10.64
C ILE D 289 15.73 2.24 9.23
N ARG D 290 14.47 2.27 8.82
CA ARG D 290 14.10 1.77 7.50
C ARG D 290 13.24 2.78 6.76
N GLN D 291 12.66 2.39 5.62
CA GLN D 291 11.94 3.32 4.78
C GLN D 291 10.51 2.86 4.54
N PRO D 292 9.52 3.73 4.70
CA PRO D 292 8.14 3.37 4.37
C PRO D 292 7.95 3.27 2.86
N HIS D 293 7.09 2.34 2.43
CA HIS D 293 6.89 2.08 1.02
C HIS D 293 5.59 1.29 0.82
N CYS D 294 5.30 0.98 -0.45
CA CYS D 294 4.15 0.17 -0.83
C CYS D 294 4.57 -0.83 -1.90
N ASN D 295 3.93 -1.99 -1.90
CA ASN D 295 4.17 -3.03 -2.89
C ASN D 295 2.92 -3.28 -3.72
N ILE D 296 3.11 -3.46 -5.02
CA ILE D 296 2.08 -3.94 -5.93
C ILE D 296 2.71 -5.04 -6.79
N SER D 297 1.90 -6.02 -7.16
CA SER D 297 2.38 -7.09 -8.04
C SER D 297 2.68 -6.52 -9.43
N GLU D 298 3.83 -6.91 -9.99
CA GLU D 298 4.24 -6.37 -11.28
C GLU D 298 3.31 -6.85 -12.39
N ILE D 299 3.07 -8.17 -12.45
CA ILE D 299 2.24 -8.70 -13.53
C ILE D 299 0.81 -8.20 -13.41
N LYS D 300 0.31 -8.00 -12.20
CA LYS D 300 -1.10 -7.66 -12.03
C LYS D 300 -1.37 -6.19 -12.34
N TRP D 301 -0.55 -5.28 -11.80
CA TRP D 301 -0.73 -3.87 -12.12
C TRP D 301 -0.45 -3.59 -13.59
N GLU D 302 0.59 -4.22 -14.14
CA GLU D 302 0.87 -4.06 -15.57
C GLU D 302 -0.25 -4.65 -16.41
N LYS D 303 -0.90 -5.72 -15.93
CA LYS D 303 -2.02 -6.29 -16.65
C LYS D 303 -3.20 -5.34 -16.68
N THR D 304 -3.65 -4.90 -15.50
CA THR D 304 -4.82 -4.05 -15.41
C THR D 304 -4.55 -2.60 -15.84
N LEU D 305 -3.29 -2.23 -16.01
CA LEU D 305 -2.98 -0.92 -16.60
C LEU D 305 -2.91 -0.99 -18.11
N GLN D 306 -2.43 -2.09 -18.67
CA GLN D 306 -2.60 -2.38 -20.09
C GLN D 306 -4.06 -2.65 -20.43
N ARG D 307 -4.97 -2.56 -19.45
CA ARG D 307 -6.41 -2.68 -19.62
C ARG D 307 -7.09 -1.32 -19.76
N VAL D 308 -6.79 -0.40 -18.83
CA VAL D 308 -7.24 0.98 -18.98
C VAL D 308 -6.75 1.57 -20.29
N SER D 309 -5.56 1.16 -20.74
CA SER D 309 -5.06 1.58 -22.04
C SER D 309 -5.99 1.17 -23.17
N GLU D 310 -6.57 -0.04 -23.06
CA GLU D 310 -7.45 -0.54 -24.11
C GLU D 310 -8.73 0.29 -24.24
N LYS D 311 -9.17 0.91 -23.15
CA LYS D 311 -10.43 1.64 -23.15
C LYS D 311 -10.28 3.10 -23.54
N LEU D 312 -9.11 3.69 -23.32
CA LEU D 312 -8.88 5.06 -23.76
C LEU D 312 -8.80 5.17 -25.27
N ARG D 313 -8.43 4.09 -25.96
CA ARG D 313 -8.38 4.11 -27.42
C ARG D 313 -9.76 4.23 -28.05
N GLU D 314 -10.81 3.88 -27.31
CA GLU D 314 -12.17 3.97 -27.85
C GLU D 314 -12.51 5.39 -28.25
N HIS D 315 -12.29 6.34 -27.34
CA HIS D 315 -12.66 7.73 -27.59
C HIS D 315 -11.55 8.50 -28.30
N PHE D 316 -10.31 8.33 -27.87
CA PHE D 316 -9.15 8.94 -28.53
C PHE D 316 -8.51 7.87 -29.39
N ASN D 317 -8.74 7.95 -30.72
CA ASN D 317 -8.16 6.97 -31.64
C ASN D 317 -6.71 7.36 -31.96
N LYS D 318 -5.88 7.34 -30.92
CA LYS D 318 -4.46 7.58 -31.03
C LYS D 318 -3.74 6.56 -30.13
N THR D 319 -2.49 6.82 -29.81
CA THR D 319 -1.71 5.99 -28.91
C THR D 319 -1.64 6.67 -27.54
N ILE D 320 -2.13 5.99 -26.50
CA ILE D 320 -2.17 6.58 -25.18
C ILE D 320 -0.80 6.46 -24.53
N ILE D 321 -0.59 7.25 -23.46
CA ILE D 321 0.71 7.34 -22.80
C ILE D 321 0.48 7.65 -21.32
N PHE D 322 1.34 7.09 -20.47
CA PHE D 322 1.40 7.42 -19.06
C PHE D 322 2.78 7.98 -18.74
N ASN D 323 2.85 9.26 -18.39
CA ASN D 323 4.04 9.81 -17.75
C ASN D 323 3.77 9.93 -16.26
N GLN D 324 4.41 10.89 -15.58
CA GLN D 324 4.22 11.08 -14.15
C GLN D 324 3.62 12.45 -13.89
N SER D 325 3.31 12.70 -12.62
CA SER D 325 2.68 13.95 -12.22
C SER D 325 3.56 15.14 -12.59
N SER D 326 2.93 16.20 -13.09
CA SER D 326 3.67 17.33 -13.65
C SER D 326 4.46 18.11 -12.60
N GLY D 327 4.12 18.00 -11.33
CA GLY D 327 4.81 18.70 -10.28
C GLY D 327 3.89 19.64 -9.52
N GLY D 328 4.49 20.39 -8.60
CA GLY D 328 3.79 21.33 -7.76
C GLY D 328 3.88 20.98 -6.29
N ASP D 329 2.77 21.13 -5.58
CA ASP D 329 2.72 20.75 -4.18
C ASP D 329 2.96 19.26 -4.01
N LEU D 330 3.28 18.86 -2.79
CA LEU D 330 3.61 17.46 -2.54
C LEU D 330 2.38 16.57 -2.63
N GLU D 331 1.22 17.07 -2.18
CA GLU D 331 0.02 16.23 -2.13
C GLU D 331 -0.50 15.89 -3.52
N ILE D 332 -0.37 16.80 -4.48
CA ILE D 332 -0.85 16.53 -5.83
C ILE D 332 0.08 15.56 -6.56
N THR D 333 1.39 15.72 -6.36
CA THR D 333 2.35 14.88 -7.07
C THR D 333 2.35 13.43 -6.58
N THR D 334 1.83 13.17 -5.39
CA THR D 334 2.02 11.90 -4.72
C THR D 334 0.71 11.12 -4.61
N HIS D 335 0.84 9.88 -4.16
CA HIS D 335 -0.31 9.05 -3.82
C HIS D 335 -0.56 9.14 -2.31
N SER D 336 -1.10 10.29 -1.92
CA SER D 336 -1.34 10.55 -0.51
C SER D 336 -2.57 9.78 -0.03
N PHE D 337 -2.50 9.30 1.21
CA PHE D 337 -3.61 8.57 1.83
C PHE D 337 -3.28 8.38 3.31
N ASN D 338 -4.05 7.52 3.97
CA ASN D 338 -3.89 7.23 5.38
C ASN D 338 -3.70 5.72 5.58
N CYS D 339 -2.97 5.36 6.63
CA CYS D 339 -2.60 3.96 6.84
C CYS D 339 -2.27 3.77 8.31
N GLY D 340 -3.18 3.13 9.07
CA GLY D 340 -2.94 2.83 10.46
C GLY D 340 -3.10 4.01 11.38
N GLY D 341 -3.09 5.22 10.82
CA GLY D 341 -3.23 6.42 11.62
C GLY D 341 -2.19 7.47 11.27
N GLU D 342 -1.35 7.18 10.27
CA GLU D 342 -0.34 8.12 9.80
C GLU D 342 -0.50 8.29 8.30
N PHE D 343 -0.15 9.48 7.82
CA PHE D 343 -0.46 9.89 6.45
C PHE D 343 0.76 9.68 5.56
N PHE D 344 0.61 8.82 4.56
CA PHE D 344 1.67 8.47 3.64
C PHE D 344 1.69 9.40 2.43
N TYR D 345 2.83 9.43 1.75
CA TYR D 345 2.99 10.21 0.52
C TYR D 345 3.96 9.42 -0.36
N CYS D 346 3.42 8.75 -1.38
CA CYS D 346 4.15 7.78 -2.17
C CYS D 346 4.44 8.33 -3.56
N ASN D 347 5.69 8.20 -3.99
CA ASN D 347 6.12 8.63 -5.32
C ASN D 347 5.73 7.55 -6.33
N THR D 348 4.79 7.88 -7.23
CA THR D 348 4.17 6.92 -8.12
C THR D 348 4.82 6.85 -9.49
N SER D 349 6.10 7.24 -9.61
CA SER D 349 6.75 7.23 -10.91
C SER D 349 6.88 5.81 -11.45
N ASP D 350 7.11 4.84 -10.58
CA ASP D 350 7.26 3.45 -10.98
C ASP D 350 5.94 2.77 -11.29
N LEU D 351 4.84 3.51 -11.32
CA LEU D 351 3.52 2.98 -11.67
C LEU D 351 3.03 3.45 -13.03
N PHE D 352 3.32 4.69 -13.40
CA PHE D 352 2.80 5.30 -14.62
C PHE D 352 3.99 5.65 -15.51
N PHE D 353 4.38 4.70 -16.36
CA PHE D 353 5.40 4.98 -17.37
C PHE D 353 5.18 4.18 -18.65
N ASN D 354 3.92 3.76 -18.93
CA ASN D 354 3.47 3.00 -20.08
C ASN D 354 4.56 2.30 -20.89
N LYS D 355 4.77 1.01 -20.60
CA LYS D 355 5.67 0.16 -21.37
C LYS D 355 4.92 -1.14 -21.63
N THR D 356 4.31 -1.25 -22.81
CA THR D 356 3.48 -2.39 -23.17
C THR D 356 4.21 -3.72 -23.04
N ASN D 369 5.40 -12.71 -11.59
CA ASN D 369 6.80 -12.38 -11.85
C ASN D 369 7.41 -11.64 -10.66
N SER D 370 7.80 -10.39 -10.88
CA SER D 370 8.46 -9.59 -9.86
C SER D 370 7.42 -8.76 -9.13
N THR D 371 7.90 -7.82 -8.30
CA THR D 371 7.06 -6.87 -7.60
C THR D 371 7.68 -5.48 -7.71
N ILE D 372 6.83 -4.45 -7.64
CA ILE D 372 7.27 -3.07 -7.68
C ILE D 372 7.09 -2.46 -6.29
N THR D 373 7.94 -1.48 -5.98
CA THR D 373 7.96 -0.84 -4.67
C THR D 373 8.06 0.67 -4.84
N LEU D 374 7.14 1.41 -4.20
CA LEU D 374 7.07 2.86 -4.28
C LEU D 374 7.68 3.49 -3.04
N PRO D 375 8.66 4.38 -3.18
CA PRO D 375 9.18 5.09 -1.99
C PRO D 375 8.17 6.08 -1.45
N CYS D 376 7.72 5.84 -0.23
CA CYS D 376 6.78 6.74 0.44
C CYS D 376 7.49 7.46 1.58
N ARG D 377 7.02 8.68 1.86
CA ARG D 377 7.41 9.44 3.04
C ARG D 377 6.19 9.64 3.92
N ILE D 378 6.40 10.25 5.09
CA ILE D 378 5.32 10.44 6.05
C ILE D 378 5.40 11.84 6.62
N LYS D 379 4.27 12.53 6.66
CA LYS D 379 4.13 13.83 7.32
C LYS D 379 3.28 13.68 8.57
N GLN D 380 3.57 14.55 9.55
CA GLN D 380 2.69 14.75 10.69
C GLN D 380 1.96 16.08 10.66
N ILE D 381 2.52 17.08 10.00
CA ILE D 381 1.87 18.37 9.81
C ILE D 381 1.24 18.33 8.42
N ILE D 382 -0.01 17.89 8.36
CA ILE D 382 -0.76 17.86 7.11
C ILE D 382 -1.90 18.86 7.19
N ASN D 383 -2.45 19.20 6.02
CA ASN D 383 -3.49 20.22 5.90
C ASN D 383 -4.55 19.73 4.91
N MET D 384 -5.34 18.76 5.33
CA MET D 384 -6.44 18.30 4.51
C MET D 384 -7.54 19.36 4.45
N TRP D 385 -8.40 19.22 3.45
CA TRP D 385 -9.51 20.16 3.20
C TRP D 385 -8.99 21.59 3.10
N GLN D 386 -7.81 21.73 2.48
CA GLN D 386 -7.09 22.96 2.20
C GLN D 386 -7.81 24.24 2.63
N GLU D 387 -7.88 24.47 3.94
CA GLU D 387 -8.55 25.65 4.48
C GLU D 387 -7.65 26.87 4.34
N VAL D 388 -8.08 27.99 4.92
CA VAL D 388 -7.31 29.23 4.84
C VAL D 388 -5.98 29.07 5.55
N GLY D 389 -6.02 28.67 6.82
CA GLY D 389 -4.80 28.47 7.58
C GLY D 389 -4.99 27.57 8.78
N ARG D 390 -5.49 26.36 8.54
CA ARG D 390 -5.70 25.37 9.60
C ARG D 390 -4.86 24.14 9.29
N ALA D 391 -3.82 23.93 10.09
CA ALA D 391 -2.98 22.75 9.98
C ALA D 391 -3.48 21.65 10.91
N MET D 392 -2.93 20.46 10.75
CA MET D 392 -3.34 19.31 11.55
C MET D 392 -2.13 18.46 11.89
N TYR D 393 -1.94 18.18 13.17
CA TYR D 393 -0.87 17.31 13.64
C TYR D 393 -1.46 15.95 13.98
N ALA D 394 -0.97 14.91 13.30
CA ALA D 394 -1.37 13.55 13.61
C ALA D 394 -0.43 12.97 14.65
N PRO D 395 -0.88 12.65 15.86
CA PRO D 395 0.00 12.07 16.86
C PRO D 395 0.59 10.76 16.36
N PRO D 396 1.85 10.48 16.68
CA PRO D 396 2.51 9.30 16.12
C PRO D 396 1.90 8.01 16.65
N ILE D 397 1.62 7.09 15.73
CA ILE D 397 1.14 5.76 16.10
C ILE D 397 2.35 4.90 16.44
N ALA D 398 2.35 4.35 17.65
CA ALA D 398 3.49 3.57 18.12
C ALA D 398 3.47 2.18 17.53
N GLY D 399 4.65 1.67 17.20
CA GLY D 399 4.78 0.30 16.74
C GLY D 399 4.91 0.13 15.24
N ASN D 400 4.49 -1.02 14.74
CA ASN D 400 4.64 -1.38 13.33
C ASN D 400 3.31 -1.15 12.62
N ILE D 401 3.32 -0.29 11.59
CA ILE D 401 2.14 0.02 10.80
C ILE D 401 2.18 -0.78 9.51
N THR D 402 1.08 -1.47 9.21
CA THR D 402 0.95 -2.18 7.95
C THR D 402 -0.53 -2.23 7.57
N CYS D 403 -0.85 -1.74 6.38
CA CYS D 403 -2.21 -1.77 5.85
C CYS D 403 -2.17 -2.27 4.41
N LYS D 404 -3.09 -3.17 4.09
CA LYS D 404 -3.28 -3.64 2.72
C LYS D 404 -4.63 -3.16 2.22
N SER D 405 -4.64 -2.53 1.05
CA SER D 405 -5.85 -1.91 0.53
C SER D 405 -6.00 -2.23 -0.95
N ASN D 406 -7.24 -2.15 -1.43
CA ASN D 406 -7.57 -2.40 -2.82
C ASN D 406 -7.55 -1.09 -3.59
N ILE D 407 -6.85 -1.08 -4.72
CA ILE D 407 -6.92 0.03 -5.67
C ILE D 407 -7.99 -0.33 -6.70
N THR D 408 -9.11 0.39 -6.67
CA THR D 408 -10.24 0.09 -7.54
C THR D 408 -10.45 1.12 -8.64
N GLY D 409 -9.60 2.13 -8.73
CA GLY D 409 -9.78 3.14 -9.76
C GLY D 409 -8.55 4.01 -9.93
N LEU D 410 -8.75 5.10 -10.66
CA LEU D 410 -7.70 6.08 -10.92
C LEU D 410 -8.33 7.46 -10.98
N LEU D 411 -7.50 8.46 -11.29
CA LEU D 411 -8.00 9.77 -11.73
C LEU D 411 -6.88 10.40 -12.56
N LEU D 412 -7.00 10.30 -13.89
CA LEU D 412 -5.99 10.76 -14.81
C LEU D 412 -6.31 12.17 -15.30
N THR D 413 -5.31 12.81 -15.90
CA THR D 413 -5.47 14.12 -16.50
C THR D 413 -4.69 14.14 -17.81
N ARG D 414 -5.33 14.64 -18.86
CA ARG D 414 -4.77 14.57 -20.21
C ARG D 414 -4.07 15.87 -20.57
N ASP D 415 -2.92 15.74 -21.24
CA ASP D 415 -2.21 16.91 -21.74
C ASP D 415 -2.91 17.45 -23.00
N GLY D 416 -2.67 18.73 -23.27
CA GLY D 416 -3.26 19.39 -24.41
C GLY D 416 -2.85 18.79 -25.76
N GLU D 424 -1.11 10.81 -27.09
CA GLU D 424 -2.03 11.27 -26.05
C GLU D 424 -1.56 10.81 -24.67
N THR D 425 -0.98 11.73 -23.91
CA THR D 425 -0.38 11.40 -22.63
C THR D 425 -1.37 11.60 -21.49
N PHE D 426 -1.24 10.76 -20.46
CA PHE D 426 -2.11 10.79 -19.29
C PHE D 426 -1.26 10.71 -18.03
N ARG D 427 -1.12 11.84 -17.33
CA ARG D 427 -0.46 11.89 -16.05
C ARG D 427 -1.49 11.98 -14.93
N PRO D 428 -1.32 11.23 -13.85
CA PRO D 428 -2.33 11.23 -12.79
C PRO D 428 -2.29 12.51 -11.96
N GLY D 429 -3.41 12.80 -11.32
CA GLY D 429 -3.51 13.97 -10.47
C GLY D 429 -4.90 14.17 -9.92
N GLY D 430 -5.01 14.76 -8.73
CA GLY D 430 -6.30 15.01 -8.12
C GLY D 430 -6.83 16.39 -8.42
N GLY D 431 -7.97 16.45 -9.12
CA GLY D 431 -8.58 17.75 -9.39
C GLY D 431 -9.17 18.36 -8.13
N ASN D 432 -9.89 17.57 -7.35
CA ASN D 432 -10.43 18.00 -6.07
C ASN D 432 -10.86 16.76 -5.30
N MET D 433 -11.00 16.91 -3.98
CA MET D 433 -11.41 15.77 -3.16
C MET D 433 -12.82 15.32 -3.46
N ARG D 434 -13.66 16.19 -4.02
CA ARG D 434 -15.01 15.75 -4.39
C ARG D 434 -15.00 14.76 -5.55
N ASP D 435 -13.89 14.68 -6.29
CA ASP D 435 -13.74 13.62 -7.29
C ASP D 435 -13.85 12.26 -6.64
N ASN D 436 -13.35 12.12 -5.41
CA ASN D 436 -13.43 10.85 -4.71
C ASN D 436 -14.88 10.48 -4.39
N TRP D 437 -15.68 11.46 -4.01
CA TRP D 437 -17.08 11.17 -3.69
C TRP D 437 -17.89 10.91 -4.96
N ARG D 438 -17.53 11.56 -6.07
CA ARG D 438 -18.27 11.35 -7.32
C ARG D 438 -18.15 9.90 -7.78
N SER D 439 -16.96 9.33 -7.71
CA SER D 439 -16.72 7.97 -8.20
C SER D 439 -17.54 6.93 -7.47
N GLU D 440 -18.20 7.29 -6.37
CA GLU D 440 -19.08 6.37 -5.64
C GLU D 440 -20.55 6.79 -5.67
N LEU D 441 -20.85 8.07 -5.86
CA LEU D 441 -22.22 8.56 -5.89
C LEU D 441 -22.76 8.69 -7.31
N TYR D 442 -22.06 8.14 -8.31
CA TYR D 442 -22.52 8.27 -9.69
C TYR D 442 -23.85 7.57 -9.90
N LYS D 443 -24.15 6.54 -9.11
CA LYS D 443 -25.40 5.81 -9.29
C LYS D 443 -26.59 6.61 -8.75
N TYR D 444 -26.39 7.33 -7.66
CA TYR D 444 -27.50 7.90 -6.91
C TYR D 444 -27.82 9.32 -7.36
N LYS D 445 -29.06 9.73 -7.08
CA LYS D 445 -29.59 11.01 -7.52
C LYS D 445 -30.84 11.29 -6.70
N VAL D 446 -30.85 12.42 -6.00
CA VAL D 446 -31.93 12.73 -5.06
C VAL D 446 -33.03 13.49 -5.79
N VAL D 447 -34.28 13.20 -5.41
CA VAL D 447 -35.46 13.75 -6.07
C VAL D 447 -36.53 14.04 -5.02
N GLU D 448 -37.29 15.12 -5.27
CA GLU D 448 -38.55 15.31 -4.57
C GLU D 448 -39.57 14.28 -5.08
N VAL D 449 -40.67 14.15 -4.37
CA VAL D 449 -41.83 13.39 -4.85
C VAL D 449 -43.04 14.31 -4.76
N LYS D 450 -43.92 14.22 -5.75
CA LYS D 450 -45.09 15.08 -5.87
C LYS D 450 -46.35 14.23 -5.80
N PRO D 451 -47.11 14.28 -4.70
CA PRO D 451 -48.26 13.38 -4.59
C PRO D 451 -49.53 13.87 -5.27
N LEU D 452 -49.64 15.17 -5.58
CA LEU D 452 -50.87 15.72 -6.12
C LEU D 452 -51.00 15.36 -7.60
N GLY D 453 -52.02 14.58 -7.93
CA GLY D 453 -52.30 14.22 -9.30
C GLY D 453 -53.61 14.77 -9.80
N ILE D 454 -53.55 15.62 -10.84
CA ILE D 454 -54.72 16.29 -11.39
C ILE D 454 -54.93 15.77 -12.80
N ALA D 455 -56.13 15.22 -13.05
CA ALA D 455 -56.45 14.65 -14.35
C ALA D 455 -57.96 14.50 -14.46
N PRO D 456 -58.51 14.54 -15.68
CA PRO D 456 -59.97 14.51 -15.82
C PRO D 456 -60.54 13.09 -15.82
N THR D 457 -61.75 12.98 -15.28
CA THR D 457 -62.50 11.73 -15.31
C THR D 457 -63.97 12.04 -15.55
N GLU D 458 -64.75 10.99 -15.77
CA GLU D 458 -66.18 11.09 -16.04
C GLU D 458 -67.02 11.19 -14.77
N CYS D 459 -66.42 11.48 -13.62
CA CYS D 459 -67.16 11.57 -12.37
C CYS D 459 -67.41 13.03 -12.00
N ARG D 460 -68.34 13.22 -11.06
CA ARG D 460 -68.75 14.54 -10.61
C ARG D 460 -69.22 14.43 -9.17
N ARG D 461 -68.73 15.32 -8.32
CA ARG D 461 -69.07 15.28 -6.90
C ARG D 461 -70.58 15.46 -6.69
N ARG D 462 -71.08 14.87 -5.62
CA ARG D 462 -72.52 14.88 -5.32
C ARG D 462 -73.34 14.27 -6.45
N GLN E 1 44.81 -22.83 2.96
CA GLN E 1 45.52 -22.63 1.71
C GLN E 1 46.17 -21.24 1.65
N VAL E 2 45.77 -20.37 2.57
CA VAL E 2 46.29 -19.01 2.66
C VAL E 2 46.95 -18.84 4.02
N GLN E 3 48.26 -18.57 4.01
CA GLN E 3 49.02 -18.27 5.21
C GLN E 3 49.48 -16.81 5.17
N LEU E 4 50.31 -16.43 6.14
CA LEU E 4 50.79 -15.06 6.25
C LEU E 4 52.08 -15.07 7.04
N GLN E 5 52.85 -13.98 6.92
CA GLN E 5 54.09 -13.83 7.65
C GLN E 5 54.52 -12.38 7.58
N GLU E 6 54.84 -11.81 8.74
CA GLU E 6 55.26 -10.42 8.83
C GLU E 6 56.77 -10.30 8.57
N SER E 7 57.25 -9.05 8.61
CA SER E 7 58.67 -8.73 8.47
C SER E 7 58.91 -7.27 8.88
N GLY E 8 59.66 -7.06 9.96
CA GLY E 8 59.83 -5.74 10.50
C GLY E 8 61.26 -5.40 10.86
N PRO E 9 61.46 -4.21 11.44
CA PRO E 9 62.81 -3.79 11.82
C PRO E 9 63.17 -4.19 13.24
N GLY E 10 62.16 -4.44 14.08
CA GLY E 10 62.39 -4.78 15.47
C GLY E 10 62.72 -3.58 16.33
N LEU E 11 63.34 -2.57 15.74
CA LEU E 11 63.72 -1.35 16.45
C LEU E 11 63.57 -0.17 15.50
N VAL E 12 62.96 0.90 16.01
CA VAL E 12 62.81 2.15 15.27
C VAL E 12 63.04 3.31 16.24
N LYS E 13 63.89 4.25 15.85
CA LYS E 13 64.14 5.43 16.66
C LYS E 13 62.87 6.26 16.78
N PRO E 14 62.75 7.05 17.85
CA PRO E 14 61.57 7.91 18.00
C PRO E 14 61.44 8.91 16.85
N SER E 15 60.20 9.22 16.50
CA SER E 15 59.86 10.14 15.42
C SER E 15 60.57 9.75 14.12
N GLU E 16 60.16 8.59 13.61
CA GLU E 16 60.74 8.05 12.39
C GLU E 16 59.77 7.02 11.81
N THR E 17 59.80 6.89 10.48
CA THR E 17 58.88 5.99 9.79
C THR E 17 59.21 4.54 10.11
N LEU E 18 58.24 3.81 10.63
CA LEU E 18 58.35 2.38 10.86
C LEU E 18 57.73 1.64 9.68
N SER E 19 58.48 0.70 9.11
CA SER E 19 58.05 -0.01 7.91
C SER E 19 58.01 -1.51 8.17
N LEU E 20 56.89 -2.13 7.83
CA LEU E 20 56.72 -3.57 7.91
C LEU E 20 56.17 -4.07 6.58
N THR E 21 56.28 -5.38 6.36
CA THR E 21 55.73 -6.00 5.17
C THR E 21 55.16 -7.37 5.52
N CYS E 22 54.27 -7.86 4.67
CA CYS E 22 53.68 -9.18 4.82
C CYS E 22 53.66 -9.87 3.46
N THR E 23 53.81 -11.20 3.49
CA THR E 23 53.92 -12.01 2.29
C THR E 23 52.86 -13.10 2.31
N VAL E 24 51.84 -12.97 1.45
CA VAL E 24 50.78 -13.95 1.39
C VAL E 24 51.28 -15.21 0.70
N SER E 25 50.88 -16.37 1.22
CA SER E 25 51.30 -17.67 0.70
C SER E 25 50.07 -18.47 0.29
N GLY E 26 49.91 -18.71 -1.00
CA GLY E 26 48.87 -19.58 -1.49
C GLY E 26 47.63 -18.91 -2.05
N GLY E 27 47.68 -17.61 -2.33
CA GLY E 27 46.51 -16.93 -2.87
C GLY E 27 46.89 -15.59 -3.47
N SER E 28 46.03 -15.12 -4.37
CA SER E 28 46.23 -13.83 -5.00
C SER E 28 46.06 -12.71 -3.98
N ILE E 29 47.03 -11.80 -3.94
CA ILE E 29 46.98 -10.72 -2.95
C ILE E 29 45.94 -9.69 -3.34
N SER E 30 45.90 -9.31 -4.62
CA SER E 30 44.92 -8.35 -5.13
C SER E 30 43.53 -8.96 -5.29
N ASN E 31 43.18 -9.89 -4.39
CA ASN E 31 41.91 -10.60 -4.44
C ASN E 31 41.10 -10.49 -3.15
N TYR E 32 41.71 -10.09 -2.04
CA TYR E 32 41.04 -9.97 -0.75
C TYR E 32 41.35 -8.61 -0.12
N TYR E 33 40.76 -8.37 1.04
CA TYR E 33 41.10 -7.22 1.86
C TYR E 33 42.20 -7.62 2.84
N TRP E 34 42.99 -6.63 3.27
CA TRP E 34 44.08 -6.88 4.20
C TRP E 34 44.10 -5.79 5.27
N SER E 35 44.27 -6.19 6.52
CA SER E 35 44.20 -5.27 7.65
C SER E 35 45.46 -5.38 8.50
N TRP E 36 45.70 -4.34 9.30
CA TRP E 36 46.79 -4.30 10.26
C TRP E 36 46.21 -4.09 11.66
N ILE E 37 46.69 -4.87 12.62
CA ILE E 37 46.26 -4.77 14.01
C ILE E 37 47.49 -4.85 14.89
N ARG E 38 47.54 -4.00 15.92
CA ARG E 38 48.68 -3.98 16.84
C ARG E 38 48.19 -3.99 18.28
N GLN E 39 48.88 -4.76 19.12
CA GLN E 39 48.54 -4.90 20.54
C GLN E 39 49.74 -4.44 21.38
N SER E 40 49.54 -3.37 22.17
CA SER E 40 50.61 -2.92 23.05
C SER E 40 50.36 -3.43 24.47
N PRO E 41 51.42 -3.58 25.28
CA PRO E 41 51.22 -4.05 26.65
C PRO E 41 50.37 -3.10 27.48
N GLY E 42 49.14 -3.52 27.78
CA GLY E 42 48.22 -2.68 28.53
C GLY E 42 46.99 -2.33 27.72
N LYS E 43 47.19 -1.68 26.58
CA LYS E 43 46.08 -1.34 25.69
C LYS E 43 45.63 -2.58 24.93
N GLY E 44 44.31 -2.70 24.76
CA GLY E 44 43.74 -3.82 24.04
C GLY E 44 44.08 -3.79 22.56
N LEU E 45 43.38 -4.63 21.81
CA LEU E 45 43.59 -4.69 20.37
C LEU E 45 43.17 -3.38 19.72
N GLU E 46 44.00 -2.89 18.79
CA GLU E 46 43.73 -1.65 18.08
C GLU E 46 43.81 -1.92 16.59
N TRP E 47 42.73 -1.61 15.87
CA TRP E 47 42.63 -1.83 14.43
C TRP E 47 43.24 -0.62 13.72
N ILE E 48 44.37 -0.85 13.04
CA ILE E 48 45.10 0.25 12.42
C ILE E 48 44.39 0.71 11.14
N GLY E 49 44.11 -0.22 10.24
CA GLY E 49 43.44 0.13 8.99
C GLY E 49 43.30 -1.09 8.12
N TYR E 50 42.79 -0.87 6.90
CA TYR E 50 42.60 -1.98 5.98
C TYR E 50 42.70 -1.49 4.55
N ILE E 51 43.03 -2.43 3.66
CA ILE E 51 43.19 -2.17 2.23
C ILE E 51 42.30 -3.14 1.48
N SER E 52 41.52 -2.63 0.54
CA SER E 52 40.54 -3.43 -0.19
C SER E 52 41.22 -4.27 -1.28
N ASP E 53 40.43 -5.17 -1.86
CA ASP E 53 40.88 -5.86 -3.08
C ASP E 53 41.07 -4.87 -4.22
N SER E 54 40.34 -3.74 -4.18
CA SER E 54 40.58 -2.61 -5.07
C SER E 54 41.72 -1.74 -4.60
N GLU E 55 42.40 -2.12 -3.51
CA GLU E 55 43.56 -1.41 -2.98
C GLU E 55 43.21 0.01 -2.55
N SER E 56 41.98 0.22 -2.10
CA SER E 56 41.54 1.52 -1.61
C SER E 56 41.81 1.61 -0.12
N THR E 57 42.38 2.74 0.32
CA THR E 57 42.83 2.90 1.69
C THR E 57 41.71 3.42 2.58
N ASN E 58 41.83 3.09 3.87
CA ASN E 58 40.93 3.59 4.92
C ASN E 58 41.53 3.26 6.27
N TYR E 59 41.88 4.29 7.04
CA TYR E 59 42.65 4.11 8.27
C TYR E 59 41.81 4.49 9.48
N ASN E 60 42.19 3.92 10.62
CA ASN E 60 41.59 4.29 11.90
C ASN E 60 41.84 5.77 12.16
N PRO E 61 40.80 6.56 12.45
CA PRO E 61 41.04 7.98 12.77
C PRO E 61 41.92 8.19 13.99
N SER E 62 42.12 7.16 14.82
CA SER E 62 43.05 7.28 15.94
C SER E 62 44.48 7.47 15.47
N LEU E 63 44.80 7.05 14.24
CA LEU E 63 46.14 7.27 13.69
C LEU E 63 46.10 7.52 12.18
N LYS E 64 44.95 7.91 11.63
CA LYS E 64 44.80 8.10 10.19
C LYS E 64 45.82 9.07 9.63
N SER E 65 46.18 10.10 10.41
CA SER E 65 47.11 11.13 9.95
C SER E 65 48.56 10.64 9.91
N ARG E 66 48.83 9.37 10.22
CA ARG E 66 50.21 8.90 10.31
C ARG E 66 50.42 7.52 9.69
N VAL E 67 49.44 6.97 8.99
CA VAL E 67 49.50 5.61 8.49
C VAL E 67 49.43 5.63 6.97
N ILE E 68 50.23 4.78 6.32
CA ILE E 68 50.16 4.54 4.88
C ILE E 68 50.22 3.03 4.69
N ILE E 69 49.10 2.43 4.31
CA ILE E 69 49.00 0.99 4.08
C ILE E 69 49.11 0.79 2.57
N SER E 70 50.27 0.33 2.11
CA SER E 70 50.55 0.15 0.71
C SER E 70 50.33 -1.31 0.31
N VAL E 71 50.81 -1.68 -0.87
CA VAL E 71 50.72 -3.05 -1.37
C VAL E 71 51.64 -3.16 -2.57
N ASP E 72 52.07 -4.39 -2.86
CA ASP E 72 52.86 -4.69 -4.07
C ASP E 72 52.18 -5.89 -4.72
N THR E 73 51.28 -5.61 -5.67
CA THR E 73 50.52 -6.66 -6.33
C THR E 73 51.41 -7.66 -7.06
N SER E 74 52.63 -7.23 -7.42
CA SER E 74 53.49 -8.08 -8.24
C SER E 74 53.94 -9.32 -7.48
N LYS E 75 54.27 -9.18 -6.19
CA LYS E 75 54.96 -10.23 -5.46
C LYS E 75 54.24 -10.60 -4.17
N ASN E 76 52.90 -10.60 -4.20
CA ASN E 76 52.08 -11.06 -3.08
C ASN E 76 52.47 -10.39 -1.77
N GLN E 77 52.82 -9.11 -1.84
CA GLN E 77 53.42 -8.42 -0.71
C GLN E 77 52.60 -7.18 -0.34
N LEU E 78 52.30 -7.06 0.94
CA LEU E 78 51.58 -5.91 1.50
C LEU E 78 52.48 -5.22 2.52
N SER E 79 52.36 -3.90 2.62
CA SER E 79 53.27 -3.11 3.44
C SER E 79 52.50 -2.25 4.42
N LEU E 80 53.26 -1.59 5.31
CA LEU E 80 52.73 -0.60 6.23
C LEU E 80 53.82 0.42 6.52
N LYS E 81 53.45 1.69 6.55
CA LYS E 81 54.33 2.76 6.98
C LYS E 81 53.65 3.53 8.11
N LEU E 82 54.40 3.80 9.17
CA LEU E 82 53.90 4.52 10.33
C LEU E 82 54.91 5.61 10.68
N ASN E 83 54.66 6.82 10.18
CA ASN E 83 55.55 7.95 10.43
C ASN E 83 55.28 8.54 11.81
N SER E 84 56.28 9.28 12.30
CA SER E 84 56.20 9.94 13.61
C SER E 84 55.98 8.92 14.72
N VAL E 85 56.84 7.91 14.77
CA VAL E 85 56.74 6.88 15.79
C VAL E 85 57.14 7.45 17.15
N THR E 86 56.38 7.10 18.18
CA THR E 86 56.68 7.50 19.55
C THR E 86 56.76 6.26 20.43
N ALA E 87 57.07 6.47 21.72
CA ALA E 87 57.26 5.36 22.63
C ALA E 87 56.02 4.51 22.78
N ALA E 88 54.83 5.10 22.61
CA ALA E 88 53.59 4.35 22.76
C ALA E 88 53.34 3.41 21.59
N ASP E 89 53.92 3.68 20.42
CA ASP E 89 53.66 2.87 19.24
C ASP E 89 54.30 1.50 19.30
N SER E 90 55.14 1.22 20.30
CA SER E 90 55.73 -0.10 20.43
C SER E 90 54.65 -1.11 20.79
N ALA E 91 54.59 -2.19 20.01
CA ALA E 91 53.54 -3.19 20.16
C ALA E 91 53.90 -4.40 19.31
N ILE E 92 53.00 -5.37 19.23
CA ILE E 92 53.13 -6.52 18.33
C ILE E 92 52.17 -6.27 17.18
N TYR E 93 52.73 -6.04 15.98
CA TYR E 93 51.93 -5.67 14.82
C TYR E 93 51.58 -6.91 14.01
N TYR E 94 50.29 -7.08 13.74
CA TYR E 94 49.77 -8.20 12.98
C TYR E 94 49.16 -7.71 11.67
N CYS E 95 49.24 -8.57 10.64
CA CYS E 95 48.53 -8.35 9.39
C CYS E 95 47.59 -9.53 9.17
N ALA E 96 46.38 -9.23 8.70
CA ALA E 96 45.36 -10.26 8.59
C ALA E 96 44.51 -10.03 7.35
N ARG E 97 43.86 -11.10 6.90
CA ARG E 97 42.98 -11.06 5.73
C ARG E 97 41.59 -10.64 6.19
N ALA E 98 41.16 -9.45 5.80
CA ALA E 98 39.80 -9.00 6.08
C ALA E 98 38.85 -9.54 5.03
N GLN E 99 37.73 -10.10 5.47
CA GLN E 99 36.68 -10.58 4.60
C GLN E 99 35.44 -9.72 4.78
N GLN E 100 34.89 -9.25 3.67
CA GLN E 100 33.76 -8.34 3.71
C GLN E 100 32.46 -9.11 3.86
N GLY E 101 31.64 -8.69 4.83
CA GLY E 101 30.31 -9.23 5.02
C GLY E 101 29.28 -8.14 4.78
N LYS E 102 28.21 -8.51 4.07
CA LYS E 102 27.14 -7.59 3.73
C LYS E 102 25.91 -7.98 4.55
N ARG E 103 25.66 -7.23 5.63
CA ARG E 103 24.53 -7.49 6.52
C ARG E 103 23.31 -6.74 6.02
N ILE E 104 22.28 -7.48 5.62
CA ILE E 104 21.08 -6.91 5.04
C ILE E 104 19.93 -7.09 6.02
N TYR E 105 19.34 -5.97 6.47
CA TYR E 105 18.21 -6.02 7.39
C TYR E 105 16.91 -5.53 6.78
N GLY E 106 16.96 -4.71 5.73
CA GLY E 106 15.75 -4.28 5.06
C GLY E 106 15.77 -4.58 3.58
N MET E 107 15.48 -3.57 2.76
CA MET E 107 15.54 -3.72 1.32
C MET E 107 16.93 -3.35 0.82
N VAL E 108 17.50 -4.20 -0.02
CA VAL E 108 18.78 -3.87 -0.65
C VAL E 108 18.66 -2.64 -1.51
N SER E 109 17.44 -2.34 -1.98
CA SER E 109 17.23 -1.18 -2.86
C SER E 109 17.39 0.13 -2.10
N PHE E 110 16.79 0.23 -0.92
CA PHE E 110 16.88 1.43 -0.11
C PHE E 110 18.17 1.51 0.69
N GLY E 111 19.17 0.71 0.34
CA GLY E 111 20.43 0.72 1.09
C GLY E 111 20.29 0.30 2.53
N GLU E 112 19.23 -0.43 2.88
CA GLU E 112 19.04 -0.88 4.24
C GLU E 112 19.99 -2.01 4.56
N PHE E 113 21.29 -1.71 4.54
CA PHE E 113 22.34 -2.68 4.82
C PHE E 113 23.59 -1.91 5.22
N PHE E 114 24.53 -2.63 5.82
CA PHE E 114 25.83 -2.06 6.14
C PHE E 114 26.91 -3.09 5.86
N TYR E 115 28.15 -2.63 5.91
CA TYR E 115 29.32 -3.45 5.58
C TYR E 115 30.15 -3.68 6.83
N TYR E 116 30.31 -4.94 7.21
CA TYR E 116 31.14 -5.33 8.34
C TYR E 116 32.27 -6.22 7.87
N TYR E 117 33.42 -6.10 8.52
CA TYR E 117 34.61 -6.86 8.17
C TYR E 117 35.03 -7.75 9.33
N TYR E 118 35.65 -8.88 8.99
CA TYR E 118 36.17 -9.81 9.98
C TYR E 118 37.48 -10.40 9.46
N MET E 119 38.54 -10.28 10.26
CA MET E 119 39.85 -10.81 9.91
C MET E 119 39.95 -12.25 10.39
N ASP E 120 40.01 -13.20 9.46
CA ASP E 120 39.91 -14.61 9.80
C ASP E 120 41.24 -15.35 9.77
N VAL E 121 42.27 -14.82 9.11
CA VAL E 121 43.59 -15.45 9.10
C VAL E 121 44.64 -14.34 9.27
N TRP E 122 45.47 -14.47 10.29
CA TRP E 122 46.43 -13.45 10.68
C TRP E 122 47.85 -13.93 10.45
N GLY E 123 48.78 -12.99 10.50
CA GLY E 123 50.19 -13.32 10.54
C GLY E 123 50.62 -13.75 11.93
N LYS E 124 51.90 -14.09 12.05
CA LYS E 124 52.42 -14.52 13.34
C LYS E 124 52.85 -13.36 14.23
N GLY E 125 52.99 -12.16 13.66
CA GLY E 125 53.30 -10.99 14.42
C GLY E 125 54.75 -10.55 14.36
N THR E 126 54.98 -9.25 14.33
CA THR E 126 56.33 -8.67 14.38
C THR E 126 56.39 -7.73 15.57
N THR E 127 57.31 -8.01 16.49
CA THR E 127 57.51 -7.16 17.65
C THR E 127 58.39 -5.98 17.27
N VAL E 128 57.94 -4.77 17.58
CA VAL E 128 58.72 -3.55 17.35
C VAL E 128 58.94 -2.88 18.69
N THR E 129 60.14 -2.31 18.85
CA THR E 129 60.53 -1.65 20.08
C THR E 129 60.91 -0.21 19.76
N VAL E 130 60.41 0.73 20.56
CA VAL E 130 60.63 2.15 20.34
C VAL E 130 61.52 2.66 21.47
N SER E 131 62.80 2.86 21.16
CA SER E 131 63.75 3.44 22.09
C SER E 131 64.98 3.89 21.33
N SER E 132 65.45 5.11 21.61
CA SER E 132 66.63 5.63 20.94
C SER E 132 67.90 4.85 21.29
N ALA E 133 67.81 3.90 22.22
CA ALA E 133 68.96 3.05 22.53
C ALA E 133 69.33 2.21 21.32
N SER E 134 70.62 1.87 21.23
CA SER E 134 71.14 1.16 20.08
C SER E 134 70.89 -0.34 20.20
N THR E 135 71.13 -1.04 19.10
CA THR E 135 71.01 -2.49 19.11
C THR E 135 72.26 -3.12 19.74
N LYS E 136 72.18 -4.42 19.99
CA LYS E 136 73.25 -5.13 20.69
C LYS E 136 73.11 -6.64 20.52
N GLY E 137 74.12 -7.28 19.95
CA GLY E 137 74.14 -8.72 19.86
C GLY E 137 74.27 -9.35 21.22
N PRO E 138 73.85 -10.61 21.36
CA PRO E 138 73.89 -11.25 22.68
C PRO E 138 75.25 -11.79 23.06
N SER E 139 75.24 -12.90 23.82
CA SER E 139 76.44 -13.62 24.22
C SER E 139 76.01 -14.96 24.81
N VAL E 140 76.13 -16.03 24.02
CA VAL E 140 75.56 -17.33 24.38
C VAL E 140 76.69 -18.18 24.97
N PHE E 141 76.67 -18.35 26.28
CA PHE E 141 77.59 -19.23 27.00
C PHE E 141 76.94 -20.60 27.18
N PRO E 142 77.74 -21.67 27.10
CA PRO E 142 77.16 -23.02 27.24
C PRO E 142 76.92 -23.39 28.69
N LEU E 143 75.81 -24.08 28.92
CA LEU E 143 75.44 -24.60 30.24
C LEU E 143 75.69 -26.11 30.23
N ALA E 144 76.79 -26.52 30.86
CA ALA E 144 77.19 -27.93 30.81
C ALA E 144 76.25 -28.77 31.68
N PRO E 145 75.92 -29.98 31.26
CA PRO E 145 74.98 -30.81 32.02
C PRO E 145 75.68 -31.59 33.13
N SER E 146 74.86 -32.25 33.95
CA SER E 146 75.34 -33.06 35.05
C SER E 146 74.28 -34.05 35.50
N GLY E 153 69.03 -40.27 36.28
CA GLY E 153 67.95 -40.69 35.41
C GLY E 153 67.96 -39.98 34.07
N THR E 154 67.89 -38.65 34.11
CA THR E 154 67.92 -37.83 32.91
C THR E 154 68.76 -36.59 33.17
N ALA E 155 69.52 -36.18 32.15
CA ALA E 155 70.37 -35.00 32.24
C ALA E 155 69.71 -33.82 31.53
N ALA E 156 70.14 -32.61 31.93
CA ALA E 156 69.56 -31.38 31.40
C ALA E 156 70.69 -30.41 31.10
N LEU E 157 70.77 -29.95 29.84
CA LEU E 157 71.77 -29.00 29.40
C LEU E 157 71.08 -27.85 28.68
N GLY E 158 71.77 -26.72 28.61
CA GLY E 158 71.22 -25.55 27.98
C GLY E 158 72.27 -24.55 27.59
N CYS E 159 71.84 -23.30 27.42
CA CYS E 159 72.72 -22.21 27.06
C CYS E 159 72.15 -20.90 27.58
N LEU E 160 73.03 -20.00 27.99
CA LEU E 160 72.67 -18.74 28.65
C LEU E 160 72.90 -17.58 27.69
N VAL E 161 71.83 -17.14 27.04
CA VAL E 161 71.89 -16.00 26.11
C VAL E 161 71.86 -14.72 26.93
N LYS E 162 73.00 -14.05 27.05
CA LYS E 162 73.19 -12.96 27.99
C LYS E 162 73.23 -11.61 27.29
N ASP E 163 72.50 -10.63 27.84
CA ASP E 163 72.67 -9.23 27.52
C ASP E 163 72.48 -8.90 26.05
N TYR E 164 71.23 -8.73 25.61
CA TYR E 164 70.92 -8.33 24.25
C TYR E 164 69.81 -7.28 24.25
N PHE E 165 69.62 -6.65 23.11
CA PHE E 165 68.57 -5.66 22.93
C PHE E 165 68.30 -5.45 21.44
N PRO E 166 67.02 -5.47 21.02
CA PRO E 166 65.87 -5.77 21.86
C PRO E 166 65.32 -7.17 21.59
N GLU E 167 64.20 -7.50 22.24
CA GLU E 167 63.45 -8.72 21.99
C GLU E 167 63.11 -8.74 20.50
N PRO E 168 63.02 -9.93 19.87
CA PRO E 168 63.15 -11.28 20.39
C PRO E 168 64.50 -11.94 20.15
N VAL E 169 64.54 -13.25 20.38
CA VAL E 169 65.73 -14.08 20.15
C VAL E 169 65.26 -15.48 19.79
N THR E 170 65.83 -16.05 18.72
CA THR E 170 65.45 -17.37 18.24
C THR E 170 66.48 -18.40 18.68
N VAL E 171 66.00 -19.46 19.31
CA VAL E 171 66.84 -20.55 19.81
C VAL E 171 66.34 -21.86 19.23
N SER E 172 67.28 -22.70 18.78
CA SER E 172 66.94 -24.04 18.30
C SER E 172 68.13 -24.95 18.54
N TRP E 173 67.86 -26.25 18.63
CA TRP E 173 68.86 -27.25 18.96
C TRP E 173 69.20 -28.09 17.73
N ASN E 174 70.51 -28.18 17.43
CA ASN E 174 71.01 -28.96 16.30
C ASN E 174 70.40 -28.50 14.98
N SER E 175 70.21 -27.19 14.85
CA SER E 175 69.68 -26.56 13.64
C SER E 175 68.30 -27.08 13.26
N GLY E 176 67.57 -27.64 14.23
CA GLY E 176 66.25 -28.18 13.98
C GLY E 176 66.11 -29.67 14.20
N ALA E 177 67.21 -30.39 14.47
CA ALA E 177 67.11 -31.83 14.68
C ALA E 177 66.46 -32.14 16.03
N LEU E 178 66.92 -31.49 17.09
CA LEU E 178 66.42 -31.74 18.44
C LEU E 178 65.28 -30.76 18.73
N THR E 179 64.06 -31.29 18.84
CA THR E 179 62.89 -30.49 19.15
C THR E 179 62.19 -30.93 20.43
N SER E 180 62.27 -32.20 20.81
CA SER E 180 61.63 -32.68 22.02
C SER E 180 62.44 -32.32 23.25
N GLY E 181 61.75 -32.24 24.39
CA GLY E 181 62.38 -31.93 25.65
C GLY E 181 62.94 -30.53 25.78
N VAL E 182 62.83 -29.70 24.75
CA VAL E 182 63.33 -28.34 24.81
C VAL E 182 62.38 -27.47 25.61
N HIS E 183 62.92 -26.45 26.27
CA HIS E 183 62.08 -25.45 26.92
C HIS E 183 62.87 -24.14 26.95
N THR E 184 62.56 -23.24 26.02
CA THR E 184 63.16 -21.92 26.00
C THR E 184 62.44 -21.02 27.00
N PHE E 185 63.20 -20.29 27.79
CA PHE E 185 62.52 -19.53 28.82
C PHE E 185 62.34 -18.09 28.41
N PRO E 186 61.26 -17.46 28.86
CA PRO E 186 61.11 -16.00 28.66
C PRO E 186 62.28 -15.24 29.26
N ALA E 187 62.55 -14.07 28.69
CA ALA E 187 63.78 -13.33 28.98
C ALA E 187 63.61 -12.39 30.16
N VAL E 188 64.75 -11.99 30.72
CA VAL E 188 64.81 -11.11 31.88
C VAL E 188 65.38 -9.77 31.44
N LEU E 189 64.59 -8.71 31.55
CA LEU E 189 65.13 -7.37 31.36
C LEU E 189 65.98 -6.98 32.57
N GLN E 190 67.20 -6.53 32.31
CA GLN E 190 68.13 -6.18 33.37
C GLN E 190 68.14 -4.67 33.60
N SER E 191 68.60 -4.29 34.79
CA SER E 191 68.66 -2.88 35.14
C SER E 191 69.58 -2.11 34.21
N SER E 192 70.57 -2.79 33.63
CA SER E 192 71.42 -2.16 32.63
C SER E 192 70.63 -1.80 31.38
N GLY E 193 69.51 -2.45 31.14
CA GLY E 193 68.64 -2.14 30.02
C GLY E 193 68.63 -3.12 28.88
N LEU E 194 69.10 -4.36 29.09
CA LEU E 194 69.23 -5.32 28.01
C LEU E 194 68.80 -6.70 28.49
N TYR E 195 67.98 -7.37 27.67
CA TYR E 195 67.37 -8.63 28.07
C TYR E 195 68.39 -9.76 28.07
N SER E 196 68.15 -10.76 28.91
CA SER E 196 68.92 -12.00 28.93
C SER E 196 67.95 -13.17 28.94
N LEU E 197 68.25 -14.17 28.13
CA LEU E 197 67.34 -15.30 27.89
C LEU E 197 68.05 -16.60 28.28
N SER E 198 67.27 -17.69 28.32
CA SER E 198 67.84 -19.00 28.61
C SER E 198 67.00 -20.08 27.93
N SER E 199 67.66 -21.16 27.53
CA SER E 199 67.01 -22.31 26.95
C SER E 199 67.69 -23.58 27.46
N VAL E 200 66.90 -24.63 27.64
CA VAL E 200 67.40 -25.92 28.11
C VAL E 200 66.67 -27.03 27.37
N VAL E 201 67.21 -28.24 27.48
CA VAL E 201 66.63 -29.43 26.88
C VAL E 201 66.93 -30.62 27.78
N THR E 202 65.88 -31.28 28.26
CA THR E 202 66.06 -32.54 28.98
C THR E 202 66.39 -33.64 27.98
N VAL E 203 67.31 -34.51 28.37
CA VAL E 203 67.94 -35.44 27.43
C VAL E 203 68.32 -36.71 28.20
N PRO E 204 68.44 -37.86 27.53
CA PRO E 204 68.85 -39.07 28.23
C PRO E 204 70.26 -38.94 28.80
N SER E 205 70.48 -39.62 29.93
CA SER E 205 71.75 -39.49 30.64
C SER E 205 72.92 -40.06 29.84
N SER E 206 72.67 -41.07 29.01
CA SER E 206 73.72 -41.68 28.22
C SER E 206 73.96 -40.99 26.89
N SER E 207 73.07 -40.09 26.48
CA SER E 207 73.11 -39.50 25.14
C SER E 207 74.33 -38.61 24.90
N LEU E 208 75.06 -38.22 25.96
CA LEU E 208 76.25 -37.40 25.79
C LEU E 208 77.52 -38.22 25.58
N GLY E 209 77.42 -39.37 24.94
CA GLY E 209 78.60 -40.13 24.57
C GLY E 209 79.51 -39.29 23.70
N THR E 210 78.96 -38.78 22.60
CA THR E 210 79.64 -37.79 21.78
C THR E 210 78.61 -37.10 20.88
N GLN E 211 77.39 -37.62 20.89
CA GLN E 211 76.27 -37.05 20.13
C GLN E 211 76.20 -35.55 20.32
N THR E 212 76.79 -34.81 19.38
CA THR E 212 76.97 -33.37 19.54
C THR E 212 75.62 -32.67 19.71
N TYR E 213 75.51 -31.89 20.77
CA TYR E 213 74.35 -31.03 21.02
C TYR E 213 74.81 -29.59 20.82
N ILE E 214 74.30 -28.96 19.76
CA ILE E 214 74.71 -27.61 19.38
C ILE E 214 73.46 -26.76 19.24
N CYS E 215 73.39 -25.68 20.02
CA CYS E 215 72.25 -24.77 19.92
C CYS E 215 72.45 -23.80 18.76
N ASN E 216 71.41 -23.03 18.47
CA ASN E 216 71.42 -22.09 17.36
C ASN E 216 70.69 -20.82 17.79
N VAL E 217 71.43 -19.74 18.00
CA VAL E 217 70.88 -18.48 18.52
C VAL E 217 70.83 -17.47 17.39
N ASN E 218 69.67 -16.84 17.21
CA ASN E 218 69.47 -15.80 16.20
C ASN E 218 68.93 -14.55 16.87
N HIS E 219 69.64 -13.44 16.72
CA HIS E 219 69.17 -12.12 17.17
C HIS E 219 69.29 -11.19 15.97
N LYS E 220 68.20 -11.07 15.21
CA LYS E 220 68.19 -10.37 13.93
C LYS E 220 68.22 -8.84 14.03
N PRO E 221 67.60 -8.20 15.05
CA PRO E 221 67.71 -6.74 15.16
C PRO E 221 69.14 -6.22 15.15
N SER E 222 70.12 -7.10 15.40
CA SER E 222 71.52 -6.79 15.18
C SER E 222 72.15 -7.65 14.10
N ASN E 223 71.43 -8.64 13.56
CA ASN E 223 71.93 -9.53 12.51
C ASN E 223 73.20 -10.25 12.95
N THR E 224 73.22 -10.70 14.20
CA THR E 224 74.37 -11.36 14.79
C THR E 224 73.97 -12.78 15.19
N LYS E 225 73.86 -13.66 14.20
CA LYS E 225 73.52 -15.05 14.43
C LYS E 225 74.76 -15.84 14.84
N VAL E 226 74.65 -16.58 15.94
CA VAL E 226 75.76 -17.39 16.46
C VAL E 226 75.26 -18.80 16.74
N ASP E 227 76.12 -19.63 17.32
CA ASP E 227 75.76 -20.97 17.79
C ASP E 227 76.91 -21.48 18.65
N LYS E 228 76.63 -22.51 19.44
CA LYS E 228 77.62 -23.04 20.38
C LYS E 228 77.26 -24.48 20.73
N LYS E 229 78.27 -25.23 21.16
CA LYS E 229 78.12 -26.62 21.54
C LYS E 229 78.30 -26.78 23.05
N VAL E 230 77.56 -27.74 23.61
CA VAL E 230 77.56 -28.01 25.05
C VAL E 230 78.16 -29.38 25.30
N GLU E 231 78.96 -29.50 26.36
CA GLU E 231 79.58 -30.75 26.77
C GLU E 231 80.18 -30.59 28.17
N PRO E 232 80.24 -31.68 28.96
CA PRO E 232 80.76 -31.65 30.34
C PRO E 232 82.15 -31.02 30.47
N SER F 4 42.77 -0.62 26.81
CA SER F 4 41.51 -0.26 27.47
C SER F 4 41.43 -0.90 28.85
N TYR F 5 40.21 -1.07 29.35
CA TYR F 5 39.96 -1.65 30.65
C TYR F 5 39.28 -3.01 30.49
N VAL F 6 39.67 -3.96 31.34
CA VAL F 6 39.29 -5.36 31.19
C VAL F 6 38.31 -5.75 32.29
N ARG F 7 37.42 -6.69 31.96
CA ARG F 7 36.41 -7.20 32.87
C ARG F 7 36.73 -8.62 33.27
N PRO F 8 36.61 -8.98 34.54
CA PRO F 8 36.95 -10.34 34.98
C PRO F 8 35.80 -11.31 34.80
N LEU F 9 36.16 -12.60 34.78
CA LEU F 9 35.17 -13.66 34.64
C LEU F 9 35.83 -14.98 35.01
N SER F 10 35.16 -15.76 35.85
CA SER F 10 35.69 -17.02 36.35
C SER F 10 34.63 -18.11 36.20
N VAL F 11 34.97 -19.16 35.47
CA VAL F 11 34.10 -20.33 35.33
C VAL F 11 34.89 -21.57 35.71
N ALA F 12 34.18 -22.59 36.20
CA ALA F 12 34.82 -23.83 36.58
C ALA F 12 35.11 -24.68 35.35
N LEU F 13 36.13 -25.51 35.44
CA LEU F 13 36.49 -26.40 34.35
C LEU F 13 35.37 -27.41 34.11
N GLY F 14 35.05 -27.62 32.83
CA GLY F 14 33.94 -28.46 32.41
C GLY F 14 32.60 -27.75 32.36
N GLU F 15 32.44 -26.68 33.13
CA GLU F 15 31.19 -25.92 33.13
C GLU F 15 31.06 -25.16 31.81
N THR F 16 30.11 -24.22 31.77
CA THR F 16 29.83 -23.44 30.56
C THR F 16 29.98 -21.97 30.87
N ALA F 17 30.72 -21.26 30.01
CA ALA F 17 30.95 -19.82 30.18
C ALA F 17 29.97 -19.04 29.32
N SER F 18 29.49 -17.92 29.85
CA SER F 18 28.55 -17.03 29.16
C SER F 18 29.16 -15.64 29.14
N ILE F 19 29.80 -15.28 28.04
CA ILE F 19 30.51 -14.02 27.91
C ILE F 19 29.55 -12.99 27.33
N SER F 20 29.06 -12.09 28.18
CA SER F 20 28.19 -11.03 27.71
C SER F 20 28.97 -9.99 26.93
N CYS F 21 28.37 -9.49 25.85
CA CYS F 21 29.01 -8.45 25.08
C CYS F 21 29.06 -7.15 25.88
N GLY F 22 29.95 -6.26 25.48
CA GLY F 22 30.16 -5.03 26.22
C GLY F 22 29.21 -3.91 25.84
N ARG F 23 28.80 -3.88 24.57
CA ARG F 23 28.03 -2.78 24.01
C ARG F 23 26.78 -3.32 23.36
N GLN F 24 25.61 -2.99 23.91
CA GLN F 24 24.36 -3.44 23.33
C GLN F 24 24.12 -2.78 21.98
N ALA F 25 23.54 -3.53 21.05
CA ALA F 25 23.35 -3.07 19.69
C ALA F 25 22.09 -2.21 19.55
N LEU F 26 22.12 -1.28 18.60
CA LEU F 26 21.01 -0.36 18.39
C LEU F 26 20.18 -0.71 17.17
N GLY F 27 20.74 -1.51 16.26
CA GLY F 27 20.04 -1.98 15.07
C GLY F 27 20.22 -3.47 14.90
N SER F 28 20.07 -3.91 13.64
CA SER F 28 20.39 -5.29 13.26
C SER F 28 21.91 -5.43 13.21
N ARG F 29 22.44 -6.47 13.84
CA ARG F 29 23.85 -6.55 14.17
C ARG F 29 24.55 -7.65 13.37
N ALA F 30 25.89 -7.60 13.44
CA ALA F 30 26.77 -8.62 12.87
C ALA F 30 28.03 -8.64 13.74
N VAL F 31 28.00 -9.48 14.78
CA VAL F 31 28.99 -9.45 15.85
C VAL F 31 30.05 -10.51 15.60
N GLN F 32 31.31 -10.14 15.84
CA GLN F 32 32.45 -11.05 15.74
C GLN F 32 33.00 -11.34 17.13
N TRP F 33 33.66 -12.49 17.24
CA TRP F 33 34.26 -12.94 18.50
C TRP F 33 35.68 -13.41 18.23
N TYR F 34 36.66 -12.73 18.84
CA TYR F 34 38.06 -13.07 18.69
C TYR F 34 38.60 -13.58 20.01
N GLN F 35 39.16 -14.79 19.99
CA GLN F 35 39.92 -15.27 21.13
C GLN F 35 41.35 -14.78 21.01
N HIS F 36 41.85 -14.15 22.07
CA HIS F 36 43.18 -13.57 22.06
C HIS F 36 43.89 -13.88 23.37
N ARG F 37 44.98 -14.62 23.28
CA ARG F 37 45.86 -14.78 24.42
C ARG F 37 47.02 -13.79 24.35
N PRO F 38 47.51 -13.31 25.48
CA PRO F 38 48.64 -12.37 25.44
C PRO F 38 49.86 -12.97 24.75
N GLY F 39 50.53 -12.16 23.94
CA GLY F 39 51.65 -12.61 23.14
C GLY F 39 51.31 -13.66 22.12
N GLN F 40 50.07 -13.70 21.65
CA GLN F 40 49.62 -14.73 20.72
C GLN F 40 48.72 -14.10 19.67
N ALA F 41 48.80 -14.62 18.46
CA ALA F 41 47.96 -14.13 17.37
C ALA F 41 46.50 -14.45 17.66
N PRO F 42 45.60 -13.47 17.63
CA PRO F 42 44.18 -13.76 17.86
C PRO F 42 43.63 -14.68 16.78
N ILE F 43 42.61 -15.45 17.16
CA ILE F 43 41.93 -16.34 16.23
C ILE F 43 40.45 -15.96 16.21
N LEU F 44 39.85 -16.00 15.02
CA LEU F 44 38.45 -15.64 14.84
C LEU F 44 37.59 -16.83 15.24
N LEU F 45 36.81 -16.67 16.32
CA LEU F 45 35.94 -17.74 16.78
C LEU F 45 34.64 -17.78 16.00
N ILE F 46 33.96 -16.64 15.89
CA ILE F 46 32.64 -16.54 15.27
C ILE F 46 32.56 -15.23 14.51
N TYR F 47 32.24 -15.27 13.22
CA TYR F 47 32.24 -14.06 12.40
C TYR F 47 30.84 -13.47 12.22
N ASN F 48 29.91 -14.22 11.63
CA ASN F 48 28.53 -13.79 11.66
C ASN F 48 28.02 -13.85 13.10
N ASN F 49 26.76 -13.47 13.31
CA ASN F 49 26.23 -13.49 14.67
C ASN F 49 26.29 -14.88 15.30
N GLN F 50 26.37 -15.93 14.48
CA GLN F 50 26.43 -17.30 14.96
C GLN F 50 27.33 -18.20 14.13
N ASP F 51 27.74 -17.79 12.94
CA ASP F 51 28.55 -18.63 12.07
C ASP F 51 29.99 -18.65 12.56
N ARG F 52 30.59 -19.84 12.62
CA ARG F 52 31.97 -20.02 13.03
C ARG F 52 32.76 -20.72 11.95
N PRO F 53 34.01 -20.32 11.71
CA PRO F 53 34.78 -20.88 10.61
C PRO F 53 35.21 -22.31 10.91
N SER F 54 35.80 -22.94 9.90
CA SER F 54 36.36 -24.28 10.08
C SER F 54 37.54 -24.22 11.03
N GLY F 55 37.61 -25.20 11.92
CA GLY F 55 38.68 -25.27 12.90
C GLY F 55 38.34 -24.73 14.27
N ILE F 56 37.09 -24.36 14.52
CA ILE F 56 36.65 -23.94 15.84
C ILE F 56 35.61 -24.95 16.32
N PRO F 57 35.68 -25.41 17.56
CA PRO F 57 34.78 -26.48 18.00
C PRO F 57 33.36 -26.01 18.20
N GLU F 58 32.44 -26.98 18.24
CA GLU F 58 31.02 -26.68 18.39
C GLU F 58 30.68 -26.12 19.75
N ARG F 59 31.54 -26.34 20.76
CA ARG F 59 31.29 -25.81 22.09
C ARG F 59 31.30 -24.29 22.11
N PHE F 60 31.87 -23.65 21.09
CA PHE F 60 31.82 -22.20 20.95
C PHE F 60 30.55 -21.83 20.20
N SER F 61 29.70 -21.01 20.84
CA SER F 61 28.38 -20.72 20.30
C SER F 61 28.10 -19.23 20.43
N GLY F 62 27.47 -18.66 19.38
CA GLY F 62 27.01 -17.30 19.39
C GLY F 62 25.49 -17.24 19.31
N THR F 63 24.97 -16.04 19.56
CA THR F 63 23.53 -15.83 19.54
C THR F 63 23.13 -15.19 18.21
N PRO F 64 22.25 -15.82 17.42
CA PRO F 64 21.80 -15.19 16.18
C PRO F 64 20.96 -13.95 16.46
N ASP F 65 20.86 -13.10 15.44
CA ASP F 65 20.10 -11.86 15.49
C ASP F 65 18.83 -12.08 14.68
N ILE F 66 17.82 -12.66 15.32
CA ILE F 66 16.55 -12.96 14.66
C ILE F 66 15.49 -11.91 14.95
N ASN F 67 15.46 -11.39 16.17
CA ASN F 67 14.57 -10.30 16.54
C ASN F 67 15.37 -9.28 17.33
N PHE F 68 15.12 -8.00 17.06
CA PHE F 68 15.82 -6.95 17.78
C PHE F 68 15.42 -6.97 19.25
N GLY F 69 16.42 -6.87 20.12
CA GLY F 69 16.20 -6.98 21.55
C GLY F 69 17.13 -8.01 22.16
N THR F 70 17.51 -9.00 21.36
CA THR F 70 18.45 -10.02 21.82
C THR F 70 19.81 -9.39 22.08
N ARG F 71 20.50 -9.91 23.09
CA ARG F 71 21.83 -9.44 23.46
C ARG F 71 22.88 -10.46 23.05
N ALA F 72 23.97 -9.98 22.46
CA ALA F 72 25.03 -10.86 21.98
C ALA F 72 25.80 -11.46 23.15
N THR F 73 25.86 -12.78 23.21
CA THR F 73 26.64 -13.49 24.21
C THR F 73 27.42 -14.61 23.55
N LEU F 74 28.65 -14.82 24.01
CA LEU F 74 29.48 -15.93 23.56
C LEU F 74 29.36 -17.07 24.55
N THR F 75 29.05 -18.26 24.06
CA THR F 75 28.83 -19.44 24.89
C THR F 75 29.95 -20.44 24.64
N ILE F 76 30.72 -20.74 25.68
CA ILE F 76 31.79 -21.71 25.61
C ILE F 76 31.41 -22.88 26.52
N SER F 77 30.96 -23.97 25.91
CA SER F 77 30.58 -25.16 26.66
C SER F 77 31.80 -26.02 26.96
N GLY F 78 31.82 -26.61 28.15
CA GLY F 78 32.94 -27.44 28.56
C GLY F 78 34.27 -26.71 28.53
N VAL F 79 34.38 -25.66 29.34
CA VAL F 79 35.59 -24.83 29.35
C VAL F 79 36.75 -25.64 29.91
N GLU F 80 37.86 -25.67 29.17
CA GLU F 80 39.09 -26.30 29.61
C GLU F 80 40.15 -25.22 29.85
N ALA F 81 41.33 -25.66 30.26
CA ALA F 81 42.40 -24.72 30.61
C ALA F 81 42.82 -23.87 29.42
N GLY F 82 42.73 -24.42 28.20
CA GLY F 82 43.13 -23.69 27.01
C GLY F 82 42.24 -22.50 26.70
N ASP F 83 40.98 -22.51 27.16
CA ASP F 83 40.04 -21.42 26.91
C ASP F 83 40.33 -20.19 27.73
N GLU F 84 41.44 -20.17 28.45
CA GLU F 84 41.84 -19.02 29.25
C GLU F 84 42.51 -18.01 28.34
N ALA F 85 41.82 -16.89 28.08
CA ALA F 85 42.29 -15.89 27.12
C ALA F 85 41.49 -14.62 27.31
N ASP F 86 41.69 -13.66 26.41
CA ASP F 86 40.85 -12.48 26.29
C ASP F 86 39.87 -12.68 25.14
N TYR F 87 38.64 -12.22 25.33
CA TYR F 87 37.58 -12.34 24.33
C TYR F 87 37.04 -10.96 23.99
N TYR F 88 36.86 -10.70 22.70
CA TYR F 88 36.46 -9.39 22.21
C TYR F 88 35.11 -9.49 21.49
N CYS F 89 34.28 -8.48 21.70
CA CYS F 89 32.97 -8.38 21.05
C CYS F 89 33.04 -7.25 20.02
N HIS F 90 33.41 -7.61 18.79
CA HIS F 90 33.38 -6.66 17.68
C HIS F 90 31.92 -6.45 17.28
N MET F 91 31.35 -5.30 17.64
CA MET F 91 29.93 -5.04 17.54
C MET F 91 29.64 -4.13 16.34
N TRP F 92 29.12 -4.71 15.27
CA TRP F 92 28.59 -3.97 14.14
C TRP F 92 27.07 -3.97 14.23
N ASP F 93 26.46 -2.90 13.73
CA ASP F 93 25.00 -2.83 13.66
C ASP F 93 24.61 -1.82 12.60
N SER F 94 23.30 -1.59 12.46
CA SER F 94 22.78 -0.71 11.42
C SER F 94 22.99 0.76 11.77
N ARG F 95 22.63 1.16 12.99
CA ARG F 95 22.60 2.58 13.33
C ARG F 95 23.94 3.12 13.82
N SER F 96 24.73 2.33 14.53
CA SER F 96 26.06 2.78 14.92
C SER F 96 26.99 2.76 13.71
N GLY F 97 28.01 3.62 13.75
CA GLY F 97 28.86 3.82 12.60
C GLY F 97 29.85 2.71 12.31
N PHE F 98 31.11 3.07 12.11
CA PHE F 98 32.15 2.14 11.71
C PHE F 98 32.79 1.54 12.95
N SER F 99 32.75 0.21 13.08
CA SER F 99 33.26 -0.48 14.25
C SER F 99 34.78 -0.63 14.13
N TRP F 100 35.47 0.48 14.41
CA TRP F 100 36.93 0.44 14.45
C TRP F 100 37.42 -0.28 15.71
N SER F 101 36.71 -0.11 16.83
CA SER F 101 37.15 -0.62 18.11
C SER F 101 36.68 -2.06 18.32
N PHE F 102 37.60 -2.90 18.80
CA PHE F 102 37.23 -4.26 19.20
C PHE F 102 36.51 -4.30 20.55
N GLY F 103 36.50 -3.19 21.28
CA GLY F 103 35.82 -3.14 22.55
C GLY F 103 36.67 -3.66 23.69
N GLY F 104 36.14 -3.49 24.91
CA GLY F 104 36.85 -3.95 26.08
C GLY F 104 36.94 -5.47 26.14
N ALA F 105 38.02 -5.95 26.74
CA ALA F 105 38.26 -7.38 26.80
C ALA F 105 37.57 -8.01 27.99
N THR F 106 37.18 -9.27 27.83
CA THR F 106 36.61 -10.08 28.91
C THR F 106 37.57 -11.24 29.14
N ARG F 107 38.38 -11.16 30.20
CA ARG F 107 39.43 -12.12 30.46
C ARG F 107 38.85 -13.34 31.18
N LEU F 108 38.71 -14.45 30.44
CA LEU F 108 38.23 -15.69 31.04
C LEU F 108 39.35 -16.39 31.79
N THR F 109 39.07 -16.79 33.02
CA THR F 109 40.03 -17.51 33.86
C THR F 109 39.36 -18.76 34.39
N VAL F 110 39.58 -19.89 33.72
CA VAL F 110 38.96 -21.14 34.12
C VAL F 110 39.55 -21.62 35.43
N LEU F 111 38.69 -21.88 36.41
CA LEU F 111 39.11 -22.33 37.73
C LEU F 111 39.13 -23.86 37.79
N GLY F 112 39.78 -24.38 38.83
CA GLY F 112 39.79 -25.81 39.05
C GLY F 112 40.81 -26.59 38.25
N GLN F 113 41.77 -25.93 37.63
CA GLN F 113 42.81 -26.64 36.92
C GLN F 113 43.69 -27.41 37.90
N PRO F 114 44.27 -28.52 37.47
CA PRO F 114 45.10 -29.31 38.40
C PRO F 114 46.35 -28.57 38.81
N LYS F 115 46.77 -28.80 40.06
CA LYS F 115 47.99 -28.20 40.57
C LYS F 115 49.20 -29.01 40.11
N ALA F 116 50.31 -28.32 39.91
CA ALA F 116 51.54 -28.94 39.45
C ALA F 116 52.72 -28.34 40.20
N ALA F 117 53.79 -29.15 40.31
CA ALA F 117 54.97 -28.80 41.09
C ALA F 117 56.11 -28.35 40.18
N PRO F 118 56.94 -27.43 40.66
CA PRO F 118 58.05 -26.93 39.84
C PRO F 118 59.05 -28.03 39.48
N SER F 119 59.76 -27.78 38.39
CA SER F 119 60.86 -28.64 37.95
C SER F 119 62.14 -27.79 37.96
N VAL F 120 62.65 -27.51 39.16
CA VAL F 120 63.76 -26.60 39.31
C VAL F 120 65.03 -27.23 38.74
N THR F 121 65.88 -26.37 38.16
CA THR F 121 67.18 -26.80 37.65
C THR F 121 68.11 -25.60 37.65
N LEU F 122 69.25 -25.72 38.31
CA LEU F 122 70.16 -24.60 38.53
C LEU F 122 71.51 -24.92 37.89
N PHE F 123 71.88 -24.14 36.87
CA PHE F 123 73.18 -24.34 36.25
C PHE F 123 74.21 -23.38 36.86
N PRO F 124 75.44 -23.85 37.05
CA PRO F 124 76.48 -22.97 37.60
C PRO F 124 77.00 -22.04 36.53
N PRO F 125 77.80 -21.04 36.91
CA PRO F 125 78.43 -20.17 35.89
C PRO F 125 79.26 -20.99 34.91
N SER F 126 79.26 -20.55 33.66
CA SER F 126 80.01 -21.24 32.62
C SER F 126 81.49 -20.90 32.71
N SER F 127 82.33 -21.82 32.24
CA SER F 127 83.77 -21.59 32.26
C SER F 127 84.16 -20.43 31.36
N GLU F 128 83.60 -20.39 30.15
CA GLU F 128 83.84 -19.25 29.26
C GLU F 128 83.33 -17.96 29.89
N GLU F 129 82.19 -18.03 30.58
CA GLU F 129 81.69 -16.87 31.31
C GLU F 129 82.68 -16.44 32.38
N LEU F 130 83.11 -17.40 33.21
CA LEU F 130 84.09 -17.10 34.26
C LEU F 130 85.37 -16.52 33.67
N GLN F 131 85.73 -16.95 32.47
CA GLN F 131 86.95 -16.43 31.83
C GLN F 131 86.84 -14.94 31.57
N ALA F 132 85.64 -14.44 31.27
CA ALA F 132 85.42 -13.03 31.00
C ALA F 132 85.15 -12.22 32.26
N ASN F 133 85.58 -12.72 33.42
CA ASN F 133 85.42 -12.02 34.70
C ASN F 133 83.95 -11.69 34.98
N LYS F 134 83.05 -12.57 34.55
CA LYS F 134 81.61 -12.38 34.76
C LYS F 134 80.97 -13.73 35.00
N ALA F 135 80.41 -13.93 36.19
CA ALA F 135 79.72 -15.17 36.52
C ALA F 135 78.24 -14.88 36.76
N THR F 136 77.41 -15.84 36.38
CA THR F 136 75.96 -15.68 36.51
C THR F 136 75.32 -17.05 36.64
N LEU F 137 74.72 -17.32 37.80
CA LEU F 137 73.95 -18.53 37.98
C LEU F 137 72.58 -18.38 37.33
N VAL F 138 71.91 -19.51 37.11
CA VAL F 138 70.63 -19.50 36.42
C VAL F 138 69.73 -20.60 36.99
N CYS F 139 68.59 -20.19 37.56
CA CYS F 139 67.63 -21.09 38.17
C CYS F 139 66.38 -21.10 37.30
N LEU F 140 66.01 -22.27 36.80
CA LEU F 140 64.94 -22.40 35.82
C LEU F 140 63.78 -23.19 36.42
N ILE F 141 62.70 -22.48 36.73
CA ILE F 141 61.50 -23.06 37.30
C ILE F 141 60.49 -23.27 36.18
N SER F 142 59.86 -24.44 36.15
CA SER F 142 58.94 -24.74 35.06
C SER F 142 57.88 -25.74 35.53
N ASP F 143 56.79 -25.79 34.76
CA ASP F 143 55.76 -26.83 34.88
C ASP F 143 55.01 -26.78 36.21
N PHE F 144 54.85 -25.59 36.78
CA PHE F 144 54.09 -25.41 38.01
C PHE F 144 52.77 -24.73 37.73
N TYR F 145 51.85 -24.85 38.71
CA TYR F 145 50.54 -24.22 38.66
C TYR F 145 49.95 -24.24 40.07
N PRO F 146 49.35 -23.14 40.53
CA PRO F 146 49.14 -21.86 39.84
C PRO F 146 50.41 -21.04 39.63
N GLY F 147 50.39 -20.17 38.62
CA GLY F 147 51.57 -19.41 38.24
C GLY F 147 52.01 -18.38 39.26
N ALA F 148 52.58 -18.85 40.37
CA ALA F 148 53.09 -17.94 41.39
C ALA F 148 54.14 -18.69 42.19
N VAL F 149 55.39 -18.23 42.11
CA VAL F 149 56.50 -18.88 42.77
C VAL F 149 57.32 -17.84 43.53
N THR F 150 57.97 -18.28 44.60
CA THR F 150 58.86 -17.45 45.40
C THR F 150 60.26 -18.05 45.33
N VAL F 151 61.17 -17.34 44.70
CA VAL F 151 62.56 -17.78 44.59
C VAL F 151 63.35 -17.20 45.75
N ALA F 152 64.41 -17.90 46.14
CA ALA F 152 65.23 -17.47 47.26
C ALA F 152 66.65 -17.96 47.02
N TRP F 153 67.60 -17.03 46.95
CA TRP F 153 68.99 -17.35 46.70
C TRP F 153 69.76 -17.31 48.02
N LYS F 154 70.40 -18.42 48.37
CA LYS F 154 71.13 -18.55 49.64
C LYS F 154 72.58 -18.87 49.32
N ALA F 155 73.47 -17.92 49.59
CA ALA F 155 74.91 -18.18 49.52
C ALA F 155 75.31 -18.94 50.78
N ASP F 156 75.58 -20.24 50.62
CA ASP F 156 75.74 -21.16 51.74
C ASP F 156 74.44 -21.19 52.55
N SER F 157 74.45 -20.58 53.73
CA SER F 157 73.26 -20.48 54.56
C SER F 157 72.67 -19.07 54.59
N SER F 158 73.50 -18.04 54.63
CA SER F 158 73.01 -16.67 54.65
C SER F 158 72.39 -16.32 53.29
N PRO F 159 71.31 -15.55 53.28
CA PRO F 159 70.64 -15.22 52.01
C PRO F 159 71.34 -14.06 51.29
N VAL F 160 71.08 -14.00 49.99
CA VAL F 160 71.56 -12.90 49.16
C VAL F 160 70.39 -12.39 48.32
N LYS F 161 70.25 -11.07 48.24
CA LYS F 161 69.23 -10.46 47.41
C LYS F 161 69.76 -9.44 46.42
N ALA F 162 70.99 -8.94 46.60
CA ALA F 162 71.61 -8.06 45.62
C ALA F 162 72.16 -8.91 44.49
N GLY F 163 71.61 -8.75 43.29
CA GLY F 163 72.01 -9.52 42.14
C GLY F 163 70.94 -10.45 41.58
N VAL F 164 69.75 -10.48 42.16
CA VAL F 164 68.68 -11.36 41.69
C VAL F 164 67.80 -10.59 40.71
N GLU F 165 67.36 -11.29 39.66
CA GLU F 165 66.40 -10.76 38.69
C GLU F 165 65.48 -11.90 38.31
N THR F 166 64.23 -11.85 38.76
CA THR F 166 63.29 -12.96 38.63
C THR F 166 62.24 -12.61 37.57
N THR F 167 62.17 -13.44 36.53
CA THR F 167 61.14 -13.29 35.52
C THR F 167 59.78 -13.65 36.13
N THR F 168 58.76 -12.90 35.74
CA THR F 168 57.41 -13.17 36.22
C THR F 168 56.88 -14.46 35.59
N PRO F 169 56.06 -15.22 36.32
CA PRO F 169 55.49 -16.44 35.76
C PRO F 169 54.78 -16.20 34.44
N SER F 170 54.95 -17.13 33.51
CA SER F 170 54.33 -17.06 32.19
C SER F 170 53.89 -18.46 31.78
N LYS F 171 52.81 -18.52 31.01
CA LYS F 171 52.17 -19.80 30.72
C LYS F 171 52.89 -20.55 29.60
N GLN F 172 52.92 -21.88 29.72
CA GLN F 172 53.54 -22.75 28.74
C GLN F 172 52.48 -23.34 27.81
N SER F 173 52.94 -24.18 26.88
CA SER F 173 52.02 -24.91 26.02
C SER F 173 51.26 -25.98 26.77
N ASN F 174 51.79 -26.44 27.90
CA ASN F 174 51.09 -27.37 28.76
C ASN F 174 49.99 -26.70 29.57
N ASN F 175 49.76 -25.41 29.36
CA ASN F 175 48.89 -24.59 30.22
C ASN F 175 49.41 -24.58 31.66
N LYS F 176 50.73 -24.56 31.80
CA LYS F 176 51.40 -24.43 33.07
C LYS F 176 52.36 -23.26 33.00
N TYR F 177 52.96 -22.90 34.12
CA TYR F 177 53.76 -21.68 34.21
C TYR F 177 55.23 -21.98 34.44
N ALA F 178 56.07 -21.04 34.02
CA ALA F 178 57.52 -21.19 34.10
C ALA F 178 58.15 -19.81 34.29
N ALA F 179 59.18 -19.75 35.13
CA ALA F 179 59.84 -18.49 35.44
C ALA F 179 61.34 -18.71 35.62
N SER F 180 62.11 -17.69 35.23
CA SER F 180 63.56 -17.71 35.39
C SER F 180 63.98 -16.84 36.56
N SER F 181 65.22 -17.04 37.00
CA SER F 181 65.80 -16.24 38.08
C SER F 181 67.32 -16.30 37.95
N TYR F 182 67.95 -15.15 37.79
CA TYR F 182 69.38 -15.08 37.54
C TYR F 182 70.08 -14.39 38.71
N LEU F 183 71.13 -15.02 39.21
CA LEU F 183 71.99 -14.43 40.25
C LEU F 183 73.33 -14.13 39.61
N SER F 184 73.64 -12.84 39.47
CA SER F 184 74.89 -12.39 38.88
C SER F 184 75.87 -12.03 39.99
N LEU F 185 77.12 -12.48 39.85
CA LEU F 185 78.12 -12.27 40.86
C LEU F 185 79.50 -12.29 40.21
N THR F 186 80.45 -11.61 40.85
CA THR F 186 81.81 -11.60 40.35
C THR F 186 82.40 -13.01 40.43
N PRO F 187 83.29 -13.38 39.50
CA PRO F 187 83.82 -14.76 39.50
C PRO F 187 84.62 -15.10 40.75
N MET F 188 84.99 -14.11 41.57
CA MET F 188 85.74 -14.40 42.78
C MET F 188 84.82 -14.84 43.91
N GLN F 189 83.72 -14.12 44.12
CA GLN F 189 82.75 -14.51 45.14
C GLN F 189 81.98 -15.76 44.76
N TRP F 190 82.19 -16.29 43.54
CA TRP F 190 81.61 -17.57 43.17
C TRP F 190 82.47 -18.73 43.65
N LYS F 191 83.78 -18.53 43.76
CA LYS F 191 84.68 -19.57 44.23
C LYS F 191 84.89 -19.52 45.75
N MET F 192 84.85 -18.33 46.34
CA MET F 192 85.13 -18.19 47.76
C MET F 192 84.02 -18.77 48.63
N HIS F 193 82.81 -18.91 48.10
CA HIS F 193 81.69 -19.41 48.88
C HIS F 193 81.64 -20.93 48.83
N LYS F 194 81.04 -21.52 49.86
CA LYS F 194 80.95 -22.97 49.94
C LYS F 194 80.06 -23.53 48.83
N SER F 195 78.83 -23.03 48.73
CA SER F 195 77.88 -23.46 47.71
C SER F 195 76.72 -22.49 47.71
N TYR F 196 76.14 -22.29 46.52
CA TYR F 196 74.94 -21.49 46.37
C TYR F 196 73.71 -22.39 46.25
N SER F 197 72.54 -21.81 46.50
CA SER F 197 71.30 -22.54 46.46
C SER F 197 70.21 -21.67 45.85
N CYS F 198 69.21 -22.33 45.28
CA CYS F 198 68.02 -21.68 44.74
C CYS F 198 66.81 -22.37 45.33
N GLN F 199 66.05 -21.66 46.15
CA GLN F 199 64.92 -22.22 46.90
C GLN F 199 63.62 -21.75 46.29
N VAL F 200 62.98 -22.61 45.51
CA VAL F 200 61.71 -22.31 44.87
C VAL F 200 60.58 -22.70 45.82
N THR F 201 59.79 -21.72 46.25
CA THR F 201 58.64 -21.95 47.11
C THR F 201 57.37 -21.76 46.29
N HIS F 202 56.60 -22.84 46.14
CA HIS F 202 55.36 -22.83 45.37
C HIS F 202 54.26 -23.42 46.23
N GLU F 203 53.12 -22.72 46.27
CA GLU F 203 52.02 -23.08 47.16
C GLU F 203 52.52 -23.18 48.59
N GLY F 204 52.40 -24.35 49.20
CA GLY F 204 52.80 -24.49 50.58
C GLY F 204 54.15 -25.15 50.77
N SER F 205 54.75 -25.63 49.70
CA SER F 205 55.98 -26.41 49.77
C SER F 205 57.16 -25.62 49.22
N THR F 206 58.33 -25.84 49.82
CA THR F 206 59.58 -25.30 49.32
C THR F 206 60.43 -26.43 48.75
N VAL F 207 61.20 -26.12 47.72
CA VAL F 207 62.10 -27.08 47.11
C VAL F 207 63.35 -26.32 46.67
N GLU F 208 64.50 -26.97 46.79
CA GLU F 208 65.77 -26.27 46.67
C GLU F 208 66.76 -27.09 45.87
N LYS F 209 67.41 -26.45 44.90
CA LYS F 209 68.51 -27.03 44.15
C LYS F 209 69.76 -26.19 44.41
N THR F 210 70.84 -26.84 44.84
CA THR F 210 72.06 -26.15 45.19
C THR F 210 73.17 -26.57 44.25
N VAL F 211 74.15 -25.66 44.08
CA VAL F 211 75.30 -25.90 43.22
C VAL F 211 76.54 -25.36 43.92
N ALA F 212 77.70 -25.85 43.51
CA ALA F 212 78.96 -25.53 44.17
C ALA F 212 80.07 -25.35 43.14
N PRO F 213 81.04 -24.48 43.43
CA PRO F 213 82.19 -24.33 42.53
C PRO F 213 83.17 -25.47 42.70
N THR F 214 83.46 -26.17 41.61
CA THR F 214 84.40 -27.29 41.67
C THR F 214 85.13 -27.46 40.34
C1 NAG G . -44.32 -1.83 -18.90
C2 NAG G . -45.62 -2.33 -18.29
C3 NAG G . -46.20 -3.46 -19.14
C4 NAG G . -46.33 -3.02 -20.59
C5 NAG G . -45.01 -2.47 -21.11
C6 NAG G . -45.14 -1.86 -22.48
C7 NAG G . -45.42 -1.91 -15.88
C8 NAG G . -45.24 -2.52 -14.53
N2 NAG G . -45.45 -2.77 -16.91
O3 NAG G . -47.47 -3.85 -18.62
O4 NAG G . -46.71 -4.14 -21.39
O5 NAG G . -44.54 -1.42 -20.25
O6 NAG G . -46.26 -1.00 -22.56
O7 NAG G . -45.51 -0.70 -16.04
C1 NAG G . -48.03 -3.95 -21.90
C2 NAG G . -48.25 -5.01 -23.01
C3 NAG G . -49.67 -4.97 -23.55
C4 NAG G . -50.67 -5.06 -22.40
C5 NAG G . -50.38 -3.95 -21.39
C6 NAG G . -51.30 -3.99 -20.19
C7 NAG G . -46.98 -3.95 -24.93
C8 NAG G . -47.81 -2.70 -24.83
N2 NAG G . -47.24 -4.95 -24.07
O3 NAG G . -49.86 -6.06 -24.45
O4 NAG G . -52.01 -4.93 -22.89
O5 NAG G . -49.05 -4.10 -20.90
O6 NAG G . -51.04 -2.91 -19.30
O7 NAG G . -46.09 -4.06 -25.78
C1 BMA G . -52.64 -6.22 -22.78
C2 BMA G . -54.16 -6.01 -22.79
C3 BMA G . -54.88 -7.35 -22.75
C4 BMA G . -54.32 -8.34 -23.80
C5 BMA G . -52.78 -8.41 -23.74
C6 BMA G . -52.17 -9.22 -24.87
O2 BMA G . -54.57 -5.35 -23.99
O3 BMA G . -56.30 -7.17 -22.95
O4 BMA G . -54.86 -9.63 -23.58
O5 BMA G . -52.25 -7.07 -23.84
O6 BMA G . -51.37 -10.26 -24.30
C1 MAN G . -52.22 -11.42 -24.14
C2 MAN G . -51.71 -12.22 -22.87
C3 MAN G . -50.61 -13.26 -23.19
C4 MAN G . -50.79 -13.93 -24.56
C5 MAN G . -51.01 -12.87 -25.63
C6 MAN G . -51.17 -13.46 -27.02
O2 MAN G . -52.78 -12.95 -22.25
O3 MAN G . -50.59 -14.28 -22.17
O4 MAN G . -49.62 -14.68 -24.89
O5 MAN G . -52.23 -12.20 -25.33
O6 MAN G . -52.41 -14.16 -27.07
C1 MAN G . -49.35 -14.38 -21.40
C2 MAN G . -49.55 -13.54 -20.07
C3 MAN G . -49.08 -12.13 -20.23
C4 MAN G . -47.61 -12.12 -20.60
C5 MAN G . -47.41 -12.75 -21.99
C6 MAN G . -45.94 -13.06 -22.26
O2 MAN G . -48.76 -14.09 -19.00
O3 MAN G . -49.28 -11.37 -19.05
O4 MAN G . -47.14 -10.77 -20.64
O5 MAN G . -48.15 -14.03 -22.18
O6 MAN G . -45.87 -14.04 -23.28
C1 MAN G . -57.03 -7.43 -21.73
C2 MAN G . -58.55 -7.36 -22.05
C3 MAN G . -58.97 -5.93 -22.32
C4 MAN G . -58.55 -5.01 -21.16
C5 MAN G . -57.04 -5.11 -20.95
C6 MAN G . -56.55 -4.30 -19.77
O2 MAN G . -59.34 -7.80 -20.94
O3 MAN G . -60.38 -5.82 -22.56
O4 MAN G . -58.89 -3.66 -21.47
O5 MAN G . -56.67 -6.50 -20.70
O6 MAN G . -55.14 -4.49 -19.67
C1 NAG H . 17.86 12.33 20.41
C2 NAG H . 18.36 10.95 20.86
C3 NAG H . 18.40 10.87 22.39
C4 NAG H . 19.18 12.04 22.98
C5 NAG H . 18.62 13.36 22.45
C6 NAG H . 19.39 14.57 22.91
C7 NAG H . 17.41 9.60 19.02
C8 NAG H . 16.51 8.46 18.67
N2 NAG H . 17.53 9.88 20.33
O3 NAG H . 19.00 9.64 22.79
O4 NAG H . 19.09 12.04 24.40
O5 NAG H . 18.66 13.35 21.01
O6 NAG H . 18.85 15.76 22.35
O7 NAG H . 18.00 10.25 18.16
C1 NAG H . 20.33 11.55 24.95
C2 NAG H . 20.38 11.84 26.44
C3 NAG H . 21.70 11.36 27.01
C4 NAG H . 21.86 9.87 26.75
C5 NAG H . 21.61 9.51 25.27
C6 NAG H . 21.40 8.02 25.05
C7 NAG H . 19.18 13.70 27.48
C8 NAG H . 19.10 15.18 27.67
N2 NAG H . 20.18 13.25 26.72
O3 NAG H . 21.76 11.63 28.40
O4 NAG H . 23.18 9.47 27.12
O5 NAG H . 20.43 10.13 24.75
O6 NAG H . 20.11 7.62 25.47
O7 NAG H . 18.36 12.94 27.99
C1 BMA H . 23.13 8.26 27.94
C2 BMA H . 24.45 7.49 27.74
C3 BMA H . 24.25 6.12 28.36
C4 BMA H . 23.62 6.16 29.80
C5 BMA H . 22.62 7.35 30.05
C6 BMA H . 22.53 7.72 31.51
O2 BMA H . 25.50 8.11 28.45
O3 BMA H . 25.49 5.40 28.41
O4 BMA H . 22.92 4.94 30.02
O5 BMA H . 23.00 8.52 29.32
O6 BMA H . 23.75 8.37 31.88
C1 NAG I . -8.57 -0.48 3.05
C2 NAG I . -7.80 0.38 4.05
C3 NAG I . -6.87 -0.48 4.89
C4 NAG I . -7.65 -1.62 5.54
C5 NAG I . -8.37 -2.42 4.47
C6 NAG I . -9.23 -3.52 5.03
C7 NAG I . -7.25 2.73 3.59
C8 NAG I . -6.41 3.67 2.80
N2 NAG I . -7.05 1.42 3.36
O3 NAG I . -6.26 0.32 5.89
O4 NAG I . -6.79 -2.47 6.29
O5 NAG I . -9.25 -1.55 3.74
O6 NAG I . -10.18 -3.02 5.98
O7 NAG I . -8.10 3.13 4.39
C1 NAG I . -7.14 -2.26 7.66
C2 NAG I . -7.03 -3.59 8.42
C3 NAG I . -7.24 -3.37 9.93
C4 NAG I . -6.36 -2.24 10.44
C5 NAG I . -6.59 -1.00 9.60
C6 NAG I . -5.75 0.19 10.01
C7 NAG I . -7.72 -5.78 7.56
C8 NAG I . -8.87 -6.62 7.06
N2 NAG I . -8.02 -4.54 7.92
O3 NAG I . -6.94 -4.59 10.60
O4 NAG I . -6.64 -1.95 11.80
O5 NAG I . -6.26 -1.30 8.24
O6 NAG I . -4.35 -0.10 9.87
O7 NAG I . -6.58 -6.23 7.62
C1 BMA I . -5.62 -2.60 12.58
C2 BMA I . -5.31 -1.79 13.84
C3 BMA I . -4.26 -2.53 14.66
C4 BMA I . -4.59 -4.04 14.84
C5 BMA I . -5.03 -4.69 13.51
C6 BMA I . -5.58 -6.10 13.69
O2 BMA I . -6.48 -1.68 14.66
O3 BMA I . -4.07 -1.93 15.93
O4 BMA I . -3.47 -4.73 15.36
O5 BMA I . -6.05 -3.90 12.93
O6 BMA I . -7.00 -6.02 13.70
C1 NAG J . 9.18 -2.51 19.15
C2 NAG J . 9.77 -3.86 19.46
C3 NAG J . 8.98 -4.50 20.57
C4 NAG J . 8.95 -3.60 21.80
C5 NAG J . 8.77 -2.09 21.47
C6 NAG J . 9.35 -1.20 22.54
C7 NAG J . 10.98 -5.04 17.69
C8 NAG J . 12.22 -4.45 18.29
N2 NAG J . 9.82 -4.72 18.29
O3 NAG J . 9.58 -5.76 20.89
O4 NAG J . 7.81 -3.95 22.59
O5 NAG J . 9.38 -1.68 20.24
O6 NAG J . 9.83 0.02 21.99
O7 NAG J . 11.02 -5.78 16.71
C1 NAG J . 8.08 -4.96 23.57
C2 NAG J . 7.82 -4.37 24.97
C3 NAG J . 8.02 -5.44 26.03
C4 NAG J . 7.17 -6.66 25.73
C5 NAG J . 7.45 -7.17 24.32
C6 NAG J . 6.55 -8.30 23.90
C7 NAG J . 8.24 -2.11 25.82
C8 NAG J . 9.26 -1.02 26.02
N2 NAG J . 8.68 -3.22 25.23
O3 NAG J . 7.66 -4.90 27.30
O4 NAG J . 7.45 -7.70 26.67
O5 NAG J . 7.24 -6.10 23.37
O6 NAG J . 6.27 -9.18 24.99
O7 NAG J . 7.07 -1.97 26.16
C1 NAG K . 7.65 -5.43 -0.30
C2 NAG K . 7.70 -6.46 0.82
C3 NAG K . 9.00 -6.33 1.61
C4 NAG K . 10.19 -6.43 0.66
C5 NAG K . 10.03 -5.48 -0.53
C6 NAG K . 11.07 -5.70 -1.60
C7 NAG K . 6.02 -5.52 2.47
C8 NAG K . 6.74 -4.20 2.51
N2 NAG K . 6.52 -6.49 1.68
O3 NAG K . 9.06 -7.36 2.59
O4 NAG K . 11.39 -6.07 1.34
O5 NAG K . 8.76 -5.63 -1.17
O6 NAG K . 10.79 -6.89 -2.33
O7 NAG K . 5.00 -5.70 3.14
C1 NAG K . 12.04 -7.26 1.85
C2 NAG K . 13.51 -7.26 1.44
C3 NAG K . 14.20 -8.50 2.00
C4 NAG K . 13.95 -8.63 3.50
C5 NAG K . 12.46 -8.50 3.83
C6 NAG K . 12.20 -8.44 5.32
C7 NAG K . 14.81 -6.88 -0.61
C8 NAG K . 14.77 -6.85 -2.11
N2 NAG K . 13.66 -7.19 0.00
O3 NAG K . 15.60 -8.42 1.75
O4 NAG K . 14.38 -9.90 3.95
O5 NAG K . 11.93 -7.29 3.26
O6 NAG K . 12.49 -7.15 5.85
O7 NAG K . 15.83 -6.62 0.01
C1 BMA K . 15.70 -9.86 4.50
C2 BMA K . 15.67 -10.64 5.82
C3 BMA K . 17.07 -10.90 6.37
C4 BMA K . 18.04 -11.37 5.27
C5 BMA K . 17.94 -10.50 4.00
C6 BMA K . 18.68 -11.12 2.84
O2 BMA K . 15.07 -11.91 5.63
O3 BMA K . 16.99 -11.87 7.41
O4 BMA K . 19.38 -11.33 5.75
O5 BMA K . 16.58 -10.46 3.59
O6 BMA K . 18.09 -12.42 2.64
C1 MAN K . 17.94 -11.62 8.48
C2 MAN K . 17.61 -12.65 9.61
C3 MAN K . 16.43 -12.17 10.44
C4 MAN K . 16.70 -10.76 10.96
C5 MAN K . 16.81 -9.83 9.76
C6 MAN K . 17.05 -8.39 10.15
O2 MAN K . 18.70 -12.78 10.54
O3 MAN K . 16.15 -13.06 11.51
O4 MAN K . 15.65 -10.34 11.80
O5 MAN K . 17.92 -10.26 8.93
O6 MAN K . 18.42 -8.24 10.46
C1 MAN K . 19.42 -13.99 10.23
C2 MAN K . 20.10 -14.49 11.54
C3 MAN K . 21.19 -13.51 11.95
C4 MAN K . 22.17 -13.28 10.79
C5 MAN K . 21.40 -12.78 9.55
C6 MAN K . 22.28 -12.64 8.34
O2 MAN K . 20.79 -15.75 11.31
O3 MAN K . 21.90 -13.95 13.10
O4 MAN K . 23.13 -12.31 11.15
O5 MAN K . 20.38 -13.75 9.22
O6 MAN K . 22.76 -13.94 7.96
C1 MAN K . 20.02 -16.84 11.83
C2 MAN K . 20.96 -18.06 11.99
C3 MAN K . 21.38 -18.59 10.62
C4 MAN K . 20.17 -18.81 9.70
C5 MAN K . 19.32 -17.53 9.63
C6 MAN K . 18.05 -17.69 8.83
O2 MAN K . 20.31 -19.15 12.65
O3 MAN K . 22.13 -19.81 10.74
O4 MAN K . 20.61 -19.15 8.40
O5 MAN K . 18.94 -17.14 10.96
O6 MAN K . 17.11 -16.72 9.29
C1 MAN K . 18.65 -13.06 1.48
C2 MAN K . 17.92 -14.44 1.30
C3 MAN K . 18.48 -15.51 2.26
C4 MAN K . 20.02 -15.51 2.22
C5 MAN K . 20.51 -14.11 2.60
C6 MAN K . 22.03 -14.01 2.71
O2 MAN K . 18.08 -14.97 -0.01
O3 MAN K . 17.98 -16.81 1.97
O4 MAN K . 20.53 -16.47 3.14
O5 MAN K . 20.06 -13.19 1.60
O6 MAN K . 22.58 -14.22 1.41
C1 MAN K . 23.99 -14.54 1.53
C2 MAN K . 24.56 -14.56 0.12
C3 MAN K . 23.91 -15.66 -0.67
C4 MAN K . 24.16 -17.01 0.03
C5 MAN K . 23.62 -16.95 1.47
C6 MAN K . 23.98 -18.18 2.29
O2 MAN K . 25.94 -14.91 0.12
O3 MAN K . 24.38 -15.70 -2.02
O4 MAN K . 23.50 -18.04 -0.67
O5 MAN K . 24.17 -15.80 2.17
O6 MAN K . 24.16 -17.79 3.64
C1 MAN K . 26.70 -13.88 -0.53
C2 MAN K . 28.20 -14.18 -0.25
C3 MAN K . 28.74 -13.16 0.74
C4 MAN K . 28.61 -11.75 0.18
C5 MAN K . 27.13 -11.43 -0.19
C6 MAN K . 26.95 -10.79 -1.57
O2 MAN K . 29.01 -14.04 -1.43
O3 MAN K . 30.11 -13.43 1.06
O4 MAN K . 29.06 -10.82 1.15
O5 MAN K . 26.26 -12.60 -0.07
O6 MAN K . 27.67 -11.56 -2.53
C1 MAN K . 16.67 -16.99 2.55
C2 MAN K . 16.56 -18.46 3.05
C3 MAN K . 15.63 -19.28 2.14
C4 MAN K . 15.78 -18.94 0.62
C5 MAN K . 15.90 -17.42 0.37
C6 MAN K . 14.89 -16.90 -0.65
O2 MAN K . 15.99 -18.54 4.37
O3 MAN K . 14.26 -19.17 2.54
O4 MAN K . 16.92 -19.61 0.08
O5 MAN K . 15.69 -16.72 1.59
O6 MAN K . 15.62 -16.33 -1.72
C1 NAG L . -10.46 -6.25 -1.65
C2 NAG L . -11.66 -6.18 -0.70
C3 NAG L . -12.23 -7.57 -0.46
C4 NAG L . -12.62 -8.20 -1.79
C5 NAG L . -11.37 -8.30 -2.65
C6 NAG L . -11.65 -8.86 -4.03
C7 NAG L . -11.49 -4.22 0.75
C8 NAG L . -11.10 -3.71 2.10
N2 NAG L . -11.33 -5.53 0.54
O3 NAG L . -13.36 -7.47 0.40
O4 NAG L . -13.22 -9.48 -1.61
O5 NAG L . -10.81 -7.00 -2.85
O6 NAG L . -12.64 -8.09 -4.71
O7 NAG L . -11.96 -3.48 -0.11
C1 NAG L . -14.65 -9.36 -1.73
C2 NAG L . -15.28 -10.77 -1.78
C3 NAG L . -16.81 -10.71 -1.64
C4 NAG L . -17.24 -9.81 -0.49
C5 NAG L . -16.59 -8.45 -0.67
C6 NAG L . -16.95 -7.47 0.42
C7 NAG L . -13.69 -11.81 -3.35
C8 NAG L . -13.54 -12.50 -4.69
N2 NAG L . -14.93 -11.45 -3.02
O3 NAG L . -17.31 -12.03 -1.41
O4 NAG L . -18.65 -9.65 -0.48
O5 NAG L . -15.17 -8.63 -0.63
O6 NAG L . -18.33 -7.13 0.38
O7 NAG L . -12.72 -11.61 -2.63
C1 NAG M . -32.38 -4.14 -13.14
C2 NAG M . -31.55 -5.30 -13.62
C3 NAG M . -31.70 -6.46 -12.65
C4 NAG M . -31.39 -6.02 -11.22
C5 NAG M . -31.93 -4.62 -10.85
C6 NAG M . -31.18 -4.02 -9.69
C7 NAG M . -31.15 -5.47 -16.04
C8 NAG M . -31.68 -5.93 -17.35
N2 NAG M . -31.92 -5.70 -14.97
O3 NAG M . -30.84 -7.52 -13.03
O4 NAG M . -32.04 -6.92 -10.34
O5 NAG M . -31.83 -3.67 -11.93
O6 NAG M . -31.96 -3.02 -9.03
O7 NAG M . -30.06 -4.91 -15.93
C1 NAG M . -31.21 -7.92 -9.72
C2 NAG M . -32.05 -8.51 -8.59
C3 NAG M . -31.30 -9.63 -7.88
C4 NAG M . -30.85 -10.67 -8.89
C5 NAG M . -30.04 -10.02 -10.00
C6 NAG M . -29.66 -10.98 -11.10
C7 NAG M . -33.73 -7.19 -7.38
C8 NAG M . -33.96 -6.10 -6.38
N2 NAG M . -32.45 -7.48 -7.65
O3 NAG M . -32.13 -10.23 -6.90
O4 NAG M . -30.06 -11.67 -8.25
O5 NAG M . -30.81 -8.97 -10.62
O6 NAG M . -30.48 -12.14 -11.09
O7 NAG M . -34.66 -7.78 -7.93
C1 NAG N . 17.29 27.21 25.70
C2 NAG N . 18.37 26.92 24.66
C3 NAG N . 19.72 26.78 25.35
C4 NAG N . 20.02 28.04 26.15
C5 NAG N . 18.87 28.39 27.09
C6 NAG N . 19.03 29.74 27.75
C7 NAG N . 17.46 25.76 22.70
C8 NAG N . 17.21 24.43 22.03
N2 NAG N . 18.06 25.72 23.88
O3 NAG N . 20.74 26.57 24.37
O4 NAG N . 21.21 27.85 26.92
O5 NAG N . 17.61 28.43 26.37
O6 NAG N . 18.24 29.86 28.92
O7 NAG N . 17.12 26.82 22.16
C1 NAG O . 5.80 29.86 4.20
C2 NAG O . 6.28 30.90 3.12
C3 NAG O . 6.66 30.23 1.79
C4 NAG O . 7.50 28.98 1.99
C5 NAG O . 6.77 28.05 2.93
C6 NAG O . 7.48 26.74 3.16
C7 NAG O . 4.87 32.81 3.79
C8 NAG O . 3.78 33.75 3.34
N2 NAG O . 5.26 31.90 2.88
O3 NAG O . 7.39 31.16 0.99
O4 NAG O . 7.73 28.32 0.74
O5 NAG O . 6.66 28.71 4.20
O6 NAG O . 7.45 25.92 2.00
O7 NAG O . 5.35 32.87 4.92
C1 NAG P . -21.55 9.64 -21.79
C2 NAG P . -21.08 10.44 -23.03
C3 NAG P . -22.26 11.10 -23.74
C4 NAG P . -23.38 10.10 -23.99
C5 NAG P . -23.76 9.42 -22.69
C6 NAG P . -24.85 8.38 -22.86
C7 NAG P . -18.78 11.14 -22.47
C8 NAG P . -17.91 12.30 -22.12
N2 NAG P . -20.08 11.43 -22.68
O3 NAG P . -21.83 11.64 -24.98
O4 NAG P . -24.52 10.76 -24.54
O5 NAG P . -22.62 8.75 -22.16
O6 NAG P . -26.07 8.97 -23.27
O7 NAG P . -18.35 10.00 -22.57
C1 NAG Q . 10.25 9.54 -7.96
C2 NAG Q . 11.16 10.75 -7.76
C3 NAG Q . 12.04 10.97 -8.99
C4 NAG Q . 12.80 9.70 -9.33
C5 NAG Q . 11.83 8.53 -9.49
C6 NAG Q . 12.51 7.21 -9.74
C7 NAG Q . 10.04 12.33 -6.24
C8 NAG Q . 9.24 13.59 -6.15
N2 NAG Q . 10.38 11.95 -7.48
O3 NAG Q . 12.95 12.03 -8.75
O4 NAG Q . 13.54 9.86 -10.53
O5 NAG Q . 11.05 8.39 -8.30
O6 NAG Q . 11.75 6.13 -9.21
O7 NAG Q . 10.36 11.67 -5.26
C1 NAG R . -12.63 -6.45 -16.78
C2 NAG R . -12.70 -7.87 -17.35
C3 NAG R . -11.79 -7.98 -18.58
C4 NAG R . -12.10 -6.88 -19.59
C5 NAG R . -12.07 -5.51 -18.92
C6 NAG R . -12.49 -4.39 -19.83
C7 NAG R . -13.21 -9.45 -15.56
C8 NAG R . -12.65 -10.44 -14.59
N2 NAG R . -12.33 -8.85 -16.35
O3 NAG R . -11.97 -9.25 -19.19
O4 NAG R . -11.14 -6.90 -20.64
O5 NAG R . -12.97 -5.50 -17.80
O6 NAG R . -11.75 -4.40 -21.05
O7 NAG R . -14.41 -9.22 -15.61
C1 NAG S . 7.46 12.43 -20.42
C2 NAG S . 8.66 13.04 -19.70
C3 NAG S . 9.72 13.44 -20.71
C4 NAG S . 10.05 12.31 -21.68
C5 NAG S . 9.23 11.02 -21.49
C6 NAG S . 9.86 10.02 -20.54
C7 NAG S . 7.79 15.35 -19.07
C8 NAG S . 7.45 15.66 -20.50
N2 NAG S . 8.32 14.13 -18.79
O3 NAG S . 10.90 13.86 -20.03
O4 NAG S . 9.90 12.77 -23.02
O5 NAG S . 7.86 11.21 -21.07
O6 NAG S . 11.01 10.56 -19.91
O7 NAG S . 7.58 16.16 -18.18
C1 NAG T . 22.64 23.19 19.31
C2 NAG T . 23.40 24.19 20.19
C3 NAG T . 24.90 23.89 20.16
C4 NAG T . 25.17 22.43 20.50
C5 NAG T . 24.35 21.53 19.58
C6 NAG T . 24.50 20.07 19.92
C7 NAG T . 22.09 26.28 20.14
C8 NAG T . 22.00 27.66 19.59
N2 NAG T . 23.15 25.56 19.76
O3 NAG T . 25.58 24.74 21.07
O4 NAG T . 26.55 22.14 20.34
O5 NAG T . 22.96 21.85 19.71
O6 NAG T . 23.54 19.66 20.89
O7 NAG T . 21.23 25.81 20.88
C1 NAG U . -26.22 0.68 -20.90
C2 NAG U . -27.11 -0.25 -21.73
C3 NAG U . -26.40 -0.64 -23.02
C4 NAG U . -25.97 0.61 -23.79
C5 NAG U . -25.14 1.52 -22.89
C6 NAG U . -24.78 2.84 -23.55
C7 NAG U . -28.74 -1.84 -20.83
C8 NAG U . -29.79 -1.00 -21.50
N2 NAG U . -27.48 -1.43 -20.97
O3 NAG U . -27.27 -1.43 -23.82
O4 NAG U . -25.20 0.25 -24.93
O5 NAG U . -25.86 1.84 -21.69
O6 NAG U . -24.26 2.64 -24.86
O7 NAG U . -29.04 -2.84 -20.18
#